data_4FDX
# 
_entry.id   4FDX 
# 
_audit_conform.dict_name       mmcif_pdbx.dic 
_audit_conform.dict_version    5.387 
_audit_conform.dict_location   http://mmcif.pdb.org/dictionaries/ascii/mmcif_pdbx.dic 
# 
loop_
_database_2.database_id 
_database_2.database_code 
_database_2.pdbx_database_accession 
_database_2.pdbx_DOI 
PDB   4FDX         pdb_00004fdx 10.2210/pdb4fdx/pdb 
RCSB  RCSB072779   ?            ?                   
WWPDB D_1000072779 ?            ?                   
# 
loop_
_pdbx_audit_revision_history.ordinal 
_pdbx_audit_revision_history.data_content_type 
_pdbx_audit_revision_history.major_revision 
_pdbx_audit_revision_history.minor_revision 
_pdbx_audit_revision_history.revision_date 
1 'Structure model' 1 0 2013-06-12 
2 'Structure model' 1 1 2014-03-26 
3 'Structure model' 1 2 2024-02-28 
# 
_pdbx_audit_revision_details.ordinal             1 
_pdbx_audit_revision_details.revision_ordinal    1 
_pdbx_audit_revision_details.data_content_type   'Structure model' 
_pdbx_audit_revision_details.provider            repository 
_pdbx_audit_revision_details.type                'Initial release' 
_pdbx_audit_revision_details.description         ? 
_pdbx_audit_revision_details.details             ? 
# 
loop_
_pdbx_audit_revision_group.ordinal 
_pdbx_audit_revision_group.revision_ordinal 
_pdbx_audit_revision_group.data_content_type 
_pdbx_audit_revision_group.group 
1 2 'Structure model' 'Database references' 
2 3 'Structure model' 'Data collection'     
3 3 'Structure model' 'Database references' 
# 
loop_
_pdbx_audit_revision_category.ordinal 
_pdbx_audit_revision_category.revision_ordinal 
_pdbx_audit_revision_category.data_content_type 
_pdbx_audit_revision_category.category 
1 3 'Structure model' chem_comp_atom 
2 3 'Structure model' chem_comp_bond 
3 3 'Structure model' database_2     
# 
loop_
_pdbx_audit_revision_item.ordinal 
_pdbx_audit_revision_item.revision_ordinal 
_pdbx_audit_revision_item.data_content_type 
_pdbx_audit_revision_item.item 
1 3 'Structure model' '_database_2.pdbx_DOI'                
2 3 'Structure model' '_database_2.pdbx_database_accession' 
# 
_pdbx_database_status.status_code                     REL 
_pdbx_database_status.entry_id                        4FDX 
_pdbx_database_status.recvd_initial_deposition_date   2012-05-29 
_pdbx_database_status.deposit_site                    RCSB 
_pdbx_database_status.process_site                    RCSB 
_pdbx_database_status.status_code_sf                  REL 
_pdbx_database_status.status_code_mr                  ? 
_pdbx_database_status.SG_entry                        ? 
_pdbx_database_status.status_code_cs                  ? 
_pdbx_database_status.methods_development_category    ? 
_pdbx_database_status.pdb_format_compatible           Y 
_pdbx_database_status.status_code_nmr_data            ? 
# 
_pdbx_database_related.db_name        PDB 
_pdbx_database_related.db_id          4FAZ 
_pdbx_database_related.details        . 
_pdbx_database_related.content_type   unspecified 
# 
loop_
_audit_author.name 
_audit_author.pdbx_ordinal 
'Terrell, C.R.' 1 
'Hoffman, D.W.' 2 
'Whitman, C.P.' 3 
# 
_citation.id                        primary 
_citation.title                     
'Structural and kinetic characterization of two 4-oxalocrotonate tautomerases in Methylibium petroleiphilum strain PM1.' 
_citation.journal_abbrev            Arch.Biochem.Biophys. 
_citation.journal_volume            537 
_citation.page_first                113 
_citation.page_last                 124 
_citation.year                      2013 
_citation.journal_id_ASTM           ABBIA4 
_citation.country                   US 
_citation.journal_id_ISSN           0003-9861 
_citation.journal_id_CSD            0158 
_citation.book_publisher            ? 
_citation.pdbx_database_id_PubMed   23831510 
_citation.pdbx_database_id_DOI      10.1016/j.abb.2013.06.016 
# 
loop_
_citation_author.citation_id 
_citation_author.name 
_citation_author.ordinal 
_citation_author.identifier_ORCID 
primary 'Terrell, C.R.' 1 ? 
primary 'Burks, E.A.'   2 ? 
primary 'Whitman, C.P.' 3 ? 
primary 'Hoffman, D.W.' 4 ? 
# 
loop_
_entity.id 
_entity.type 
_entity.src_method 
_entity.pdbx_description 
_entity.formula_weight 
_entity.pdbx_number_of_molecules 
_entity.pdbx_ec 
_entity.pdbx_mutation 
_entity.pdbx_fragment 
_entity.details 
1 polymer man '4-oxalocrotonase tautomerase isozyme' 7602.729 2  5.3.2.2 ? ? ? 
2 water   nat water                                  18.015   37 ?       ? ? ? 
# 
_entity_poly.entity_id                      1 
_entity_poly.type                           'polypeptide(L)' 
_entity_poly.nstd_linkage                   no 
_entity_poly.nstd_monomer                   no 
_entity_poly.pdbx_seq_one_letter_code       PIIQMNLLEGRTVEQKRNAVAAITEAVVRTLDVRPDQVRILINELGVEHFSVAGQTAAMRQAAAANAKDL 
_entity_poly.pdbx_seq_one_letter_code_can   PIIQMNLLEGRTVEQKRNAVAAITEAVVRTLDVRPDQVRILINELGVEHFSVAGQTAAMRQAAAANAKDL 
_entity_poly.pdbx_strand_id                 A,B 
_entity_poly.pdbx_target_identifier         ? 
# 
_pdbx_entity_nonpoly.entity_id   2 
_pdbx_entity_nonpoly.name        water 
_pdbx_entity_nonpoly.comp_id     HOH 
# 
loop_
_entity_poly_seq.entity_id 
_entity_poly_seq.num 
_entity_poly_seq.mon_id 
_entity_poly_seq.hetero 
1 1  PRO n 
1 2  ILE n 
1 3  ILE n 
1 4  GLN n 
1 5  MET n 
1 6  ASN n 
1 7  LEU n 
1 8  LEU n 
1 9  GLU n 
1 10 GLY n 
1 11 ARG n 
1 12 THR n 
1 13 VAL n 
1 14 GLU n 
1 15 GLN n 
1 16 LYS n 
1 17 ARG n 
1 18 ASN n 
1 19 ALA n 
1 20 VAL n 
1 21 ALA n 
1 22 ALA n 
1 23 ILE n 
1 24 THR n 
1 25 GLU n 
1 26 ALA n 
1 27 VAL n 
1 28 VAL n 
1 29 ARG n 
1 30 THR n 
1 31 LEU n 
1 32 ASP n 
1 33 VAL n 
1 34 ARG n 
1 35 PRO n 
1 36 ASP n 
1 37 GLN n 
1 38 VAL n 
1 39 ARG n 
1 40 ILE n 
1 41 LEU n 
1 42 ILE n 
1 43 ASN n 
1 44 GLU n 
1 45 LEU n 
1 46 GLY n 
1 47 VAL n 
1 48 GLU n 
1 49 HIS n 
1 50 PHE n 
1 51 SER n 
1 52 VAL n 
1 53 ALA n 
1 54 GLY n 
1 55 GLN n 
1 56 THR n 
1 57 ALA n 
1 58 ALA n 
1 59 MET n 
1 60 ARG n 
1 61 GLN n 
1 62 ALA n 
1 63 ALA n 
1 64 ALA n 
1 65 ALA n 
1 66 ASN n 
1 67 ALA n 
1 68 LYS n 
1 69 ASP n 
1 70 LEU n 
# 
_entity_src_gen.entity_id                          1 
_entity_src_gen.pdbx_src_id                        1 
_entity_src_gen.pdbx_alt_source_flag               sample 
_entity_src_gen.pdbx_seq_type                      ? 
_entity_src_gen.pdbx_beg_seq_num                   ? 
_entity_src_gen.pdbx_end_seq_num                   ? 
_entity_src_gen.gene_src_common_name               ? 
_entity_src_gen.gene_src_genus                     ? 
_entity_src_gen.pdbx_gene_src_gene                 Mpe_A3323 
_entity_src_gen.gene_src_species                   ? 
_entity_src_gen.gene_src_strain                    PM1 
_entity_src_gen.gene_src_tissue                    ? 
_entity_src_gen.gene_src_tissue_fraction           ? 
_entity_src_gen.gene_src_details                   ? 
_entity_src_gen.pdbx_gene_src_fragment             ? 
_entity_src_gen.pdbx_gene_src_scientific_name      'Methylibium petroleiphilum' 
_entity_src_gen.pdbx_gene_src_ncbi_taxonomy_id     420662 
_entity_src_gen.pdbx_gene_src_variant              ? 
_entity_src_gen.pdbx_gene_src_cell_line            ? 
_entity_src_gen.pdbx_gene_src_atcc                 ? 
_entity_src_gen.pdbx_gene_src_organ                ? 
_entity_src_gen.pdbx_gene_src_organelle            ? 
_entity_src_gen.pdbx_gene_src_cell                 ? 
_entity_src_gen.pdbx_gene_src_cellular_location    ? 
_entity_src_gen.host_org_common_name               ? 
_entity_src_gen.pdbx_host_org_scientific_name      'Escherichia coli' 
_entity_src_gen.pdbx_host_org_ncbi_taxonomy_id     469008 
_entity_src_gen.host_org_genus                     ? 
_entity_src_gen.pdbx_host_org_gene                 ? 
_entity_src_gen.pdbx_host_org_organ                ? 
_entity_src_gen.host_org_species                   ? 
_entity_src_gen.pdbx_host_org_tissue               ? 
_entity_src_gen.pdbx_host_org_tissue_fraction      ? 
_entity_src_gen.pdbx_host_org_strain               'BL21(DE3)' 
_entity_src_gen.pdbx_host_org_variant              ? 
_entity_src_gen.pdbx_host_org_cell_line            ? 
_entity_src_gen.pdbx_host_org_atcc                 ? 
_entity_src_gen.pdbx_host_org_culture_collection   ? 
_entity_src_gen.pdbx_host_org_cell                 ? 
_entity_src_gen.pdbx_host_org_organelle            ? 
_entity_src_gen.pdbx_host_org_cellular_location    ? 
_entity_src_gen.pdbx_host_org_vector_type          Plasmid 
_entity_src_gen.pdbx_host_org_vector               ? 
_entity_src_gen.host_org_details                   ? 
_entity_src_gen.expression_system_id               ? 
_entity_src_gen.plasmid_name                       pET24 
_entity_src_gen.plasmid_details                    ? 
_entity_src_gen.pdbx_description                   ? 
# 
loop_
_chem_comp.id 
_chem_comp.type 
_chem_comp.mon_nstd_flag 
_chem_comp.name 
_chem_comp.pdbx_synonyms 
_chem_comp.formula 
_chem_comp.formula_weight 
ALA 'L-peptide linking' y ALANINE         ? 'C3 H7 N O2'     89.093  
ARG 'L-peptide linking' y ARGININE        ? 'C6 H15 N4 O2 1' 175.209 
ASN 'L-peptide linking' y ASPARAGINE      ? 'C4 H8 N2 O3'    132.118 
ASP 'L-peptide linking' y 'ASPARTIC ACID' ? 'C4 H7 N O4'     133.103 
GLN 'L-peptide linking' y GLUTAMINE       ? 'C5 H10 N2 O3'   146.144 
GLU 'L-peptide linking' y 'GLUTAMIC ACID' ? 'C5 H9 N O4'     147.129 
GLY 'peptide linking'   y GLYCINE         ? 'C2 H5 N O2'     75.067  
HIS 'L-peptide linking' y HISTIDINE       ? 'C6 H10 N3 O2 1' 156.162 
HOH non-polymer         . WATER           ? 'H2 O'           18.015  
ILE 'L-peptide linking' y ISOLEUCINE      ? 'C6 H13 N O2'    131.173 
LEU 'L-peptide linking' y LEUCINE         ? 'C6 H13 N O2'    131.173 
LYS 'L-peptide linking' y LYSINE          ? 'C6 H15 N2 O2 1' 147.195 
MET 'L-peptide linking' y METHIONINE      ? 'C5 H11 N O2 S'  149.211 
PHE 'L-peptide linking' y PHENYLALANINE   ? 'C9 H11 N O2'    165.189 
PRO 'L-peptide linking' y PROLINE         ? 'C5 H9 N O2'     115.130 
SER 'L-peptide linking' y SERINE          ? 'C3 H7 N O3'     105.093 
THR 'L-peptide linking' y THREONINE       ? 'C4 H9 N O3'     119.119 
VAL 'L-peptide linking' y VALINE          ? 'C5 H11 N O2'    117.146 
# 
loop_
_pdbx_poly_seq_scheme.asym_id 
_pdbx_poly_seq_scheme.entity_id 
_pdbx_poly_seq_scheme.seq_id 
_pdbx_poly_seq_scheme.mon_id 
_pdbx_poly_seq_scheme.ndb_seq_num 
_pdbx_poly_seq_scheme.pdb_seq_num 
_pdbx_poly_seq_scheme.auth_seq_num 
_pdbx_poly_seq_scheme.pdb_mon_id 
_pdbx_poly_seq_scheme.auth_mon_id 
_pdbx_poly_seq_scheme.pdb_strand_id 
_pdbx_poly_seq_scheme.pdb_ins_code 
_pdbx_poly_seq_scheme.hetero 
A 1 1  PRO 1  1  1  PRO PRO A . n 
A 1 2  ILE 2  2  2  ILE ILE A . n 
A 1 3  ILE 3  3  3  ILE ILE A . n 
A 1 4  GLN 4  4  4  GLN GLN A . n 
A 1 5  MET 5  5  5  MET MET A . n 
A 1 6  ASN 6  6  6  ASN ASN A . n 
A 1 7  LEU 7  7  7  LEU LEU A . n 
A 1 8  LEU 8  8  8  LEU LEU A . n 
A 1 9  GLU 9  9  9  GLU GLU A . n 
A 1 10 GLY 10 10 10 GLY GLY A . n 
A 1 11 ARG 11 11 11 ARG ARG A . n 
A 1 12 THR 12 12 12 THR THR A . n 
A 1 13 VAL 13 13 13 VAL VAL A . n 
A 1 14 GLU 14 14 14 GLU GLU A . n 
A 1 15 GLN 15 15 15 GLN GLN A . n 
A 1 16 LYS 16 16 16 LYS LYS A . n 
A 1 17 ARG 17 17 17 ARG ARG A . n 
A 1 18 ASN 18 18 18 ASN ASN A . n 
A 1 19 ALA 19 19 19 ALA ALA A . n 
A 1 20 VAL 20 20 20 VAL VAL A . n 
A 1 21 ALA 21 21 21 ALA ALA A . n 
A 1 22 ALA 22 22 22 ALA ALA A . n 
A 1 23 ILE 23 23 23 ILE ILE A . n 
A 1 24 THR 24 24 24 THR THR A . n 
A 1 25 GLU 25 25 25 GLU GLU A . n 
A 1 26 ALA 26 26 26 ALA ALA A . n 
A 1 27 VAL 27 27 27 VAL VAL A . n 
A 1 28 VAL 28 28 28 VAL VAL A . n 
A 1 29 ARG 29 29 29 ARG ARG A . n 
A 1 30 THR 30 30 30 THR THR A . n 
A 1 31 LEU 31 31 31 LEU LEU A . n 
A 1 32 ASP 32 32 32 ASP ASP A . n 
A 1 33 VAL 33 33 33 VAL VAL A . n 
A 1 34 ARG 34 34 34 ARG ARG A . n 
A 1 35 PRO 35 35 35 PRO PRO A . n 
A 1 36 ASP 36 36 36 ASP ASP A . n 
A 1 37 GLN 37 37 37 GLN GLN A . n 
A 1 38 VAL 38 38 38 VAL VAL A . n 
A 1 39 ARG 39 39 39 ARG ARG A . n 
A 1 40 ILE 40 40 40 ILE ILE A . n 
A 1 41 LEU 41 41 41 LEU LEU A . n 
A 1 42 ILE 42 42 42 ILE ILE A . n 
A 1 43 ASN 43 43 43 ASN ASN A . n 
A 1 44 GLU 44 44 44 GLU GLU A . n 
A 1 45 LEU 45 45 45 LEU LEU A . n 
A 1 46 GLY 46 46 46 GLY GLY A . n 
A 1 47 VAL 47 47 47 VAL VAL A . n 
A 1 48 GLU 48 48 48 GLU GLU A . n 
A 1 49 HIS 49 49 49 HIS HIS A . n 
A 1 50 PHE 50 50 50 PHE PHE A . n 
A 1 51 SER 51 51 51 SER SER A . n 
A 1 52 VAL 52 52 52 VAL VAL A . n 
A 1 53 ALA 53 53 53 ALA ALA A . n 
A 1 54 GLY 54 54 54 GLY GLY A . n 
A 1 55 GLN 55 55 55 GLN GLN A . n 
A 1 56 THR 56 56 56 THR THR A . n 
A 1 57 ALA 57 57 57 ALA ALA A . n 
A 1 58 ALA 58 58 58 ALA ALA A . n 
A 1 59 MET 59 59 59 MET MET A . n 
A 1 60 ARG 60 60 60 ARG ARG A . n 
A 1 61 GLN 61 61 61 GLN GLN A . n 
A 1 62 ALA 62 62 ?  ?   ?   A . n 
A 1 63 ALA 63 63 ?  ?   ?   A . n 
A 1 64 ALA 64 64 ?  ?   ?   A . n 
A 1 65 ALA 65 65 ?  ?   ?   A . n 
A 1 66 ASN 66 66 ?  ?   ?   A . n 
A 1 67 ALA 67 67 ?  ?   ?   A . n 
A 1 68 LYS 68 68 ?  ?   ?   A . n 
A 1 69 ASP 69 69 ?  ?   ?   A . n 
A 1 70 LEU 70 70 ?  ?   ?   A . n 
B 1 1  PRO 1  1  1  PRO PRO B . n 
B 1 2  ILE 2  2  2  ILE ILE B . n 
B 1 3  ILE 3  3  3  ILE ILE B . n 
B 1 4  GLN 4  4  4  GLN GLN B . n 
B 1 5  MET 5  5  5  MET MET B . n 
B 1 6  ASN 6  6  6  ASN ASN B . n 
B 1 7  LEU 7  7  7  LEU LEU B . n 
B 1 8  LEU 8  8  8  LEU LEU B . n 
B 1 9  GLU 9  9  9  GLU GLU B . n 
B 1 10 GLY 10 10 10 GLY GLY B . n 
B 1 11 ARG 11 11 11 ARG ARG B . n 
B 1 12 THR 12 12 12 THR THR B . n 
B 1 13 VAL 13 13 13 VAL VAL B . n 
B 1 14 GLU 14 14 14 GLU GLU B . n 
B 1 15 GLN 15 15 15 GLN GLN B . n 
B 1 16 LYS 16 16 16 LYS LYS B . n 
B 1 17 ARG 17 17 17 ARG ARG B . n 
B 1 18 ASN 18 18 18 ASN ASN B . n 
B 1 19 ALA 19 19 19 ALA ALA B . n 
B 1 20 VAL 20 20 20 VAL VAL B . n 
B 1 21 ALA 21 21 21 ALA ALA B . n 
B 1 22 ALA 22 22 22 ALA ALA B . n 
B 1 23 ILE 23 23 23 ILE ILE B . n 
B 1 24 THR 24 24 24 THR THR B . n 
B 1 25 GLU 25 25 25 GLU GLU B . n 
B 1 26 ALA 26 26 26 ALA ALA B . n 
B 1 27 VAL 27 27 27 VAL VAL B . n 
B 1 28 VAL 28 28 28 VAL VAL B . n 
B 1 29 ARG 29 29 29 ARG ARG B . n 
B 1 30 THR 30 30 30 THR THR B . n 
B 1 31 LEU 31 31 31 LEU LEU B . n 
B 1 32 ASP 32 32 32 ASP ASP B . n 
B 1 33 VAL 33 33 33 VAL VAL B . n 
B 1 34 ARG 34 34 34 ARG ARG B . n 
B 1 35 PRO 35 35 35 PRO PRO B . n 
B 1 36 ASP 36 36 36 ASP ASP B . n 
B 1 37 GLN 37 37 37 GLN GLN B . n 
B 1 38 VAL 38 38 38 VAL VAL B . n 
B 1 39 ARG 39 39 39 ARG ARG B . n 
B 1 40 ILE 40 40 40 ILE ILE B . n 
B 1 41 LEU 41 41 41 LEU LEU B . n 
B 1 42 ILE 42 42 42 ILE ILE B . n 
B 1 43 ASN 43 43 43 ASN ASN B . n 
B 1 44 GLU 44 44 44 GLU GLU B . n 
B 1 45 LEU 45 45 45 LEU LEU B . n 
B 1 46 GLY 46 46 46 GLY GLY B . n 
B 1 47 VAL 47 47 47 VAL VAL B . n 
B 1 48 GLU 48 48 48 GLU GLU B . n 
B 1 49 HIS 49 49 49 HIS HIS B . n 
B 1 50 PHE 50 50 50 PHE PHE B . n 
B 1 51 SER 51 51 51 SER SER B . n 
B 1 52 VAL 52 52 52 VAL VAL B . n 
B 1 53 ALA 53 53 53 ALA ALA B . n 
B 1 54 GLY 54 54 54 GLY GLY B . n 
B 1 55 GLN 55 55 55 GLN GLN B . n 
B 1 56 THR 56 56 56 THR THR B . n 
B 1 57 ALA 57 57 57 ALA ALA B . n 
B 1 58 ALA 58 58 58 ALA ALA B . n 
B 1 59 MET 59 59 59 MET MET B . n 
B 1 60 ARG 60 60 60 ARG ARG B . n 
B 1 61 GLN 61 61 61 GLN GLN B . n 
B 1 62 ALA 62 62 62 ALA ALA B . n 
B 1 63 ALA 63 63 63 ALA ALA B . n 
B 1 64 ALA 64 64 64 ALA ALA B . n 
B 1 65 ALA 65 65 ?  ?   ?   B . n 
B 1 66 ASN 66 66 ?  ?   ?   B . n 
B 1 67 ALA 67 67 ?  ?   ?   B . n 
B 1 68 LYS 68 68 ?  ?   ?   B . n 
B 1 69 ASP 69 69 ?  ?   ?   B . n 
B 1 70 LEU 70 70 ?  ?   ?   B . n 
# 
loop_
_pdbx_nonpoly_scheme.asym_id 
_pdbx_nonpoly_scheme.entity_id 
_pdbx_nonpoly_scheme.mon_id 
_pdbx_nonpoly_scheme.ndb_seq_num 
_pdbx_nonpoly_scheme.pdb_seq_num 
_pdbx_nonpoly_scheme.auth_seq_num 
_pdbx_nonpoly_scheme.pdb_mon_id 
_pdbx_nonpoly_scheme.auth_mon_id 
_pdbx_nonpoly_scheme.pdb_strand_id 
_pdbx_nonpoly_scheme.pdb_ins_code 
C 2 HOH 1  101 1  HOH HOH A . 
C 2 HOH 2  102 3  HOH HOH A . 
C 2 HOH 3  103 4  HOH HOH A . 
C 2 HOH 4  104 5  HOH HOH A . 
C 2 HOH 5  105 6  HOH HOH A . 
C 2 HOH 6  106 9  HOH HOH A . 
C 2 HOH 7  107 11 HOH HOH A . 
C 2 HOH 8  108 12 HOH HOH A . 
C 2 HOH 9  109 13 HOH HOH A . 
C 2 HOH 10 110 14 HOH HOH A . 
C 2 HOH 11 111 15 HOH HOH A . 
C 2 HOH 12 112 18 HOH HOH A . 
C 2 HOH 13 113 20 HOH HOH A . 
C 2 HOH 14 114 27 HOH HOH A . 
C 2 HOH 15 115 28 HOH HOH A . 
C 2 HOH 16 116 30 HOH HOH A . 
C 2 HOH 17 117 31 HOH HOH A . 
C 2 HOH 18 118 32 HOH HOH A . 
C 2 HOH 19 119 34 HOH HOH A . 
C 2 HOH 20 120 35 HOH HOH A . 
D 2 HOH 1  101 2  HOH HOH B . 
D 2 HOH 2  102 7  HOH HOH B . 
D 2 HOH 3  103 8  HOH HOH B . 
D 2 HOH 4  104 10 HOH HOH B . 
D 2 HOH 5  105 16 HOH HOH B . 
D 2 HOH 6  106 17 HOH HOH B . 
D 2 HOH 7  107 19 HOH HOH B . 
D 2 HOH 8  108 21 HOH HOH B . 
D 2 HOH 9  109 22 HOH HOH B . 
D 2 HOH 10 110 23 HOH HOH B . 
D 2 HOH 11 111 24 HOH HOH B . 
D 2 HOH 12 112 25 HOH HOH B . 
D 2 HOH 13 113 26 HOH HOH B . 
D 2 HOH 14 114 29 HOH HOH B . 
D 2 HOH 15 115 33 HOH HOH B . 
D 2 HOH 16 116 36 HOH HOH B . 
D 2 HOH 17 117 37 HOH HOH B . 
# 
loop_
_software.name 
_software.classification 
_software.version 
_software.citation_id 
_software.pdbx_ordinal 
HKL-2000 'data collection' .        ? 1 
PHASER   phasing           .        ? 2 
REFMAC   refinement        5.6.0117 ? 3 
HKL-2000 'data reduction'  .        ? 4 
HKL-2000 'data scaling'    .        ? 5 
# 
_cell.entry_id           4FDX 
_cell.length_a           50.236 
_cell.length_b           50.236 
_cell.length_c           158.078 
_cell.angle_alpha        90.00 
_cell.angle_beta         90.00 
_cell.angle_gamma        120.00 
_cell.Z_PDB              24 
_cell.pdbx_unique_axis   ? 
_cell.length_a_esd       ? 
_cell.length_b_esd       ? 
_cell.length_c_esd       ? 
_cell.angle_alpha_esd    ? 
_cell.angle_beta_esd     ? 
_cell.angle_gamma_esd    ? 
# 
_symmetry.entry_id                         4FDX 
_symmetry.space_group_name_H-M             'P 63 2 2' 
_symmetry.pdbx_full_space_group_name_H-M   ? 
_symmetry.cell_setting                     ? 
_symmetry.Int_Tables_number                182 
_symmetry.space_group_name_Hall            ? 
# 
_exptl.entry_id          4FDX 
_exptl.method            'X-RAY DIFFRACTION' 
_exptl.crystals_number   1 
# 
_exptl_crystal.id                    1 
_exptl_crystal.density_meas          ? 
_exptl_crystal.density_Matthews      1.89 
_exptl_crystal.density_percent_sol   35.04 
_exptl_crystal.description           ? 
_exptl_crystal.F_000                 ? 
_exptl_crystal.preparation           ? 
# 
_exptl_crystal_grow.crystal_id      1 
_exptl_crystal_grow.method          'VAPOR DIFFUSION, HANGING DROP' 
_exptl_crystal_grow.temp            298 
_exptl_crystal_grow.temp_details    ? 
_exptl_crystal_grow.pH              7.6 
_exptl_crystal_grow.pdbx_details    '4.3 M Sodium Formate, pH 7.6, VAPOR DIFFUSION, HANGING DROP, temperature 298K' 
_exptl_crystal_grow.pdbx_pH_range   ? 
# 
_diffrn.id                     1 
_diffrn.ambient_temp           100 
_diffrn.ambient_temp_details   ? 
_diffrn.crystal_id             1 
# 
_diffrn_detector.diffrn_id              1 
_diffrn_detector.detector               'IMAGE PLATE' 
_diffrn_detector.type                   'RIGAKU RAXIS IV++' 
_diffrn_detector.pdbx_collection_date   2011-09-04 
_diffrn_detector.details                ? 
# 
_diffrn_radiation.diffrn_id                        1 
_diffrn_radiation.wavelength_id                    1 
_diffrn_radiation.pdbx_monochromatic_or_laue_m_l   M 
_diffrn_radiation.monochromator                    'Optics mirrors' 
_diffrn_radiation.pdbx_diffrn_protocol             'SINGLE WAVELENGTH' 
_diffrn_radiation.pdbx_scattering_type             x-ray 
# 
_diffrn_radiation_wavelength.id           1 
_diffrn_radiation_wavelength.wavelength   1.5418 
_diffrn_radiation_wavelength.wt           1.0 
# 
_diffrn_source.diffrn_id                   1 
_diffrn_source.source                      'ROTATING ANODE' 
_diffrn_source.type                        'RIGAKU MICROMAX-007 HF' 
_diffrn_source.pdbx_synchrotron_site       ? 
_diffrn_source.pdbx_synchrotron_beamline   ? 
_diffrn_source.pdbx_wavelength             ? 
_diffrn_source.pdbx_wavelength_list        1.5418 
# 
_reflns.entry_id                     4FDX 
_reflns.observed_criterion_sigma_I   ? 
_reflns.observed_criterion_sigma_F   ? 
_reflns.d_resolution_low             158.08 
_reflns.d_resolution_high            1.64 
_reflns.number_obs                   15338 
_reflns.number_all                   15338 
_reflns.percent_possible_obs         99.8 
_reflns.pdbx_Rmerge_I_obs            ? 
_reflns.pdbx_Rsym_value              ? 
_reflns.pdbx_netI_over_sigmaI        ? 
_reflns.B_iso_Wilson_estimate        ? 
_reflns.pdbx_redundancy              ? 
_reflns.R_free_details               ? 
_reflns.limit_h_max                  ? 
_reflns.limit_h_min                  ? 
_reflns.limit_k_max                  ? 
_reflns.limit_k_min                  ? 
_reflns.limit_l_max                  ? 
_reflns.limit_l_min                  ? 
_reflns.observed_criterion_F_max     ? 
_reflns.observed_criterion_F_min     ? 
_reflns.pdbx_chi_squared             ? 
_reflns.pdbx_scaling_rejects         ? 
_reflns.pdbx_ordinal                 1 
_reflns.pdbx_diffrn_id               1 
# 
_reflns_shell.d_res_high             1.64 
_reflns_shell.d_res_low              1.683 
_reflns_shell.percent_possible_all   99.8 
_reflns_shell.Rmerge_I_obs           ? 
_reflns_shell.pdbx_Rsym_value        ? 
_reflns_shell.meanI_over_sigI_obs    ? 
_reflns_shell.pdbx_redundancy        ? 
_reflns_shell.percent_possible_obs   ? 
_reflns_shell.number_unique_all      ? 
_reflns_shell.number_measured_all    ? 
_reflns_shell.number_measured_obs    ? 
_reflns_shell.number_unique_obs      ? 
_reflns_shell.pdbx_chi_squared       ? 
_reflns_shell.pdbx_ordinal           1 
_reflns_shell.pdbx_diffrn_id         1 
# 
_refine.entry_id                                 4FDX 
_refine.ls_number_reflns_obs                     14319 
_refine.ls_number_reflns_all                     14319 
_refine.pdbx_ls_sigma_I                          ? 
_refine.pdbx_ls_sigma_F                          ? 
_refine.pdbx_data_cutoff_high_absF               ? 
_refine.pdbx_data_cutoff_low_absF                ? 
_refine.pdbx_data_cutoff_high_rms_absF           ? 
_refine.ls_d_res_low                             158.08 
_refine.ls_d_res_high                            1.64 
_refine.ls_percent_reflns_obs                    98.05 
_refine.ls_R_factor_obs                          0.22739 
_refine.ls_R_factor_all                          0.22739 
_refine.ls_R_factor_R_work                       0.22564 
_refine.ls_R_factor_R_free                       0.26306 
_refine.ls_R_factor_R_free_error                 ? 
_refine.ls_R_factor_R_free_error_details         ? 
_refine.ls_percent_reflns_R_free                 5.0 
_refine.ls_number_reflns_R_free                  748 
_refine.ls_number_parameters                     ? 
_refine.ls_number_restraints                     ? 
_refine.occupancy_min                            ? 
_refine.occupancy_max                            ? 
_refine.correlation_coeff_Fo_to_Fc               0.947 
_refine.correlation_coeff_Fo_to_Fc_free          0.922 
_refine.B_iso_mean                               23.052 
_refine.aniso_B[1][1]                            0.09 
_refine.aniso_B[2][2]                            0.09 
_refine.aniso_B[3][3]                            -0.14 
_refine.aniso_B[1][2]                            0.05 
_refine.aniso_B[1][3]                            0.00 
_refine.aniso_B[2][3]                            0.00 
_refine.solvent_model_details                    MASK 
_refine.solvent_model_param_ksol                 ? 
_refine.solvent_model_param_bsol                 ? 
_refine.pdbx_solvent_vdw_probe_radii             1.20 
_refine.pdbx_solvent_ion_probe_radii             0.80 
_refine.pdbx_solvent_shrinkage_radii             0.80 
_refine.pdbx_ls_cross_valid_method               THROUGHOUT 
_refine.details                                  'HYDROGENS HAVE BEEN USED IF PRESENT IN THE INPUT' 
_refine.pdbx_starting_model                      ? 
_refine.pdbx_method_to_determine_struct          'MOLECULAR REPLACEMENT' 
_refine.pdbx_isotropic_thermal_model             ? 
_refine.pdbx_stereochemistry_target_values       'MAXIMUM LIKELIHOOD' 
_refine.pdbx_stereochem_target_val_spec_case     ? 
_refine.pdbx_R_Free_selection_details            RANDOM 
_refine.pdbx_overall_ESU_R                       0.118 
_refine.pdbx_overall_ESU_R_Free                  0.117 
_refine.overall_SU_ML                            0.071 
_refine.pdbx_overall_phase_error                 ? 
_refine.overall_SU_B                             2.016 
_refine.overall_SU_R_Cruickshank_DPI             ? 
_refine.ls_redundancy_reflns_obs                 ? 
_refine.B_iso_min                                ? 
_refine.B_iso_max                                ? 
_refine.overall_SU_R_free                        ? 
_refine.ls_wR_factor_R_free                      ? 
_refine.ls_wR_factor_R_work                      ? 
_refine.overall_FOM_free_R_set                   ? 
_refine.overall_FOM_work_R_set                   ? 
_refine.pdbx_diffrn_id                           1 
_refine.pdbx_refine_id                           'X-RAY DIFFRACTION' 
_refine.pdbx_TLS_residual_ADP_flag               ? 
_refine.pdbx_overall_SU_R_free_Cruickshank_DPI   ? 
_refine.pdbx_overall_SU_R_Blow_DPI               ? 
_refine.pdbx_overall_SU_R_free_Blow_DPI          ? 
# 
_refine_hist.pdbx_refine_id                   'X-RAY DIFFRACTION' 
_refine_hist.cycle_id                         LAST 
_refine_hist.pdbx_number_atoms_protein        961 
_refine_hist.pdbx_number_atoms_nucleic_acid   0 
_refine_hist.pdbx_number_atoms_ligand         0 
_refine_hist.number_atoms_solvent             37 
_refine_hist.number_atoms_total               998 
_refine_hist.d_res_high                       1.64 
_refine_hist.d_res_low                        158.08 
# 
loop_
_refine_ls_restr.type 
_refine_ls_restr.dev_ideal 
_refine_ls_restr.dev_ideal_target 
_refine_ls_restr.weight 
_refine_ls_restr.number 
_refine_ls_restr.pdbx_restraint_function 
_refine_ls_restr.pdbx_refine_id 
r_bond_refined_d       0.025  0.019  ? 967  ? 'X-RAY DIFFRACTION' 
r_angle_refined_deg    2.319  1.950  ? 1307 ? 'X-RAY DIFFRACTION' 
r_dihedral_angle_1_deg 5.730  5.000  ? 123  ? 'X-RAY DIFFRACTION' 
r_dihedral_angle_2_deg 45.254 23.913 ? 46   ? 'X-RAY DIFFRACTION' 
r_dihedral_angle_3_deg 14.032 15.000 ? 176  ? 'X-RAY DIFFRACTION' 
r_dihedral_angle_4_deg 20.993 15.000 ? 12   ? 'X-RAY DIFFRACTION' 
r_chiral_restr         0.164  0.200  ? 163  ? 'X-RAY DIFFRACTION' 
r_gen_planes_refined   0.012  0.020  ? 706  ? 'X-RAY DIFFRACTION' 
# 
_refine_ls_shell.pdbx_total_number_of_bins_used   20 
_refine_ls_shell.d_res_high                       1.64 
_refine_ls_shell.d_res_low                        1.683 
_refine_ls_shell.number_reflns_R_work             849 
_refine_ls_shell.R_factor_R_work                  0.316 
_refine_ls_shell.percent_reflns_obs               94.29 
_refine_ls_shell.R_factor_R_free                  0.350 
_refine_ls_shell.R_factor_R_free_error            ? 
_refine_ls_shell.percent_reflns_R_free            ? 
_refine_ls_shell.number_reflns_R_free             43 
_refine_ls_shell.number_reflns_all                ? 
_refine_ls_shell.R_factor_all                     ? 
_refine_ls_shell.number_reflns_obs                ? 
_refine_ls_shell.redundancy_reflns_obs            ? 
_refine_ls_shell.pdbx_refine_id                   'X-RAY DIFFRACTION' 
# 
_struct.entry_id                  4FDX 
_struct.title                     
'Kinetic and structural characterization of the 4-oxalocrotonate tautomerase isozymes from Methylibium petroleiphilum' 
_struct.pdbx_model_details        ? 
_struct.pdbx_CASP_flag            ? 
_struct.pdbx_model_type_details   ? 
# 
_struct_keywords.entry_id        4FDX 
_struct_keywords.pdbx_keywords   ISOMERASE 
_struct_keywords.text            'alpha/beta barrel, 4OT, Tautomerase superfamily, isomerase' 
# 
loop_
_struct_asym.id 
_struct_asym.pdbx_blank_PDB_chainid_flag 
_struct_asym.pdbx_modified 
_struct_asym.entity_id 
_struct_asym.details 
A N N 1 ? 
B N N 1 ? 
C N N 2 ? 
D N N 2 ? 
# 
_struct_ref.id                         1 
_struct_ref.db_name                    UNP 
_struct_ref.db_code                    A2SL37_METPP 
_struct_ref.pdbx_db_accession          A2SL37 
_struct_ref.entity_id                  1 
_struct_ref.pdbx_seq_one_letter_code   PIIQMNLLEGRTVEQKRNAVAAITEAVVRTLDVRPDQVRILINELGVEHFSVAGQTAAMRQAAAANAKDL 
_struct_ref.pdbx_align_begin           2 
_struct_ref.pdbx_db_isoform            ? 
# 
loop_
_struct_ref_seq.align_id 
_struct_ref_seq.ref_id 
_struct_ref_seq.pdbx_PDB_id_code 
_struct_ref_seq.pdbx_strand_id 
_struct_ref_seq.seq_align_beg 
_struct_ref_seq.pdbx_seq_align_beg_ins_code 
_struct_ref_seq.seq_align_end 
_struct_ref_seq.pdbx_seq_align_end_ins_code 
_struct_ref_seq.pdbx_db_accession 
_struct_ref_seq.db_align_beg 
_struct_ref_seq.pdbx_db_align_beg_ins_code 
_struct_ref_seq.db_align_end 
_struct_ref_seq.pdbx_db_align_end_ins_code 
_struct_ref_seq.pdbx_auth_seq_align_beg 
_struct_ref_seq.pdbx_auth_seq_align_end 
1 1 4FDX A 1 ? 70 ? A2SL37 2 ? 71 ? 1 70 
2 1 4FDX B 1 ? 70 ? A2SL37 2 ? 71 ? 1 70 
# 
_pdbx_struct_assembly.id                   1 
_pdbx_struct_assembly.details              author_and_software_defined_assembly 
_pdbx_struct_assembly.method_details       PISA 
_pdbx_struct_assembly.oligomeric_details   hexameric 
_pdbx_struct_assembly.oligomeric_count     6 
# 
loop_
_pdbx_struct_assembly_prop.biol_id 
_pdbx_struct_assembly_prop.type 
_pdbx_struct_assembly_prop.value 
_pdbx_struct_assembly_prop.details 
1 'ABSA (A^2)' 13100 ? 
1 MORE         -82   ? 
1 'SSA (A^2)'  15550 ? 
# 
_pdbx_struct_assembly_gen.assembly_id       1 
_pdbx_struct_assembly_gen.oper_expression   1,2,3 
_pdbx_struct_assembly_gen.asym_id_list      A,B,C,D 
# 
loop_
_pdbx_struct_oper_list.id 
_pdbx_struct_oper_list.type 
_pdbx_struct_oper_list.name 
_pdbx_struct_oper_list.symmetry_operation 
_pdbx_struct_oper_list.matrix[1][1] 
_pdbx_struct_oper_list.matrix[1][2] 
_pdbx_struct_oper_list.matrix[1][3] 
_pdbx_struct_oper_list.vector[1] 
_pdbx_struct_oper_list.matrix[2][1] 
_pdbx_struct_oper_list.matrix[2][2] 
_pdbx_struct_oper_list.matrix[2][3] 
_pdbx_struct_oper_list.vector[2] 
_pdbx_struct_oper_list.matrix[3][1] 
_pdbx_struct_oper_list.matrix[3][2] 
_pdbx_struct_oper_list.matrix[3][3] 
_pdbx_struct_oper_list.vector[3] 
1 'identity operation'         1_555 x,y,z     1.0000000000  0.0000000000 0.0000000000  0.0000000000  0.0000000000 1.0000000000 0.0000000000  0.0000000000  0.0000000000  0.0000000000  1.0000000000  0.0000000000   
2 'crystal symmetry operation' 2_555 -y,x-y,z  -0.3420013854 0.2288094702 -0.9114171815 -0.3646984043 0.6597088875 0.7491642315 -0.0594738432 -5.0204133095 0.6691929738  -0.6216101516 -0.4071628461 -18.8914771036 
3 'crystal symmetry operation' 3_555 -x+y,-x,z -0.3420013854 0.6597088875 0.6691929738  15.8293276619 0.2288094702 0.7491642315 -0.6216101516 -7.8985734192 -0.9114171815 -0.0594738432 -0.4071628461 -8.3228832501 
# 
_struct_biol.id        1 
_struct_biol.details   ? 
# 
loop_
_struct_conf.conf_type_id 
_struct_conf.id 
_struct_conf.pdbx_PDB_helix_id 
_struct_conf.beg_label_comp_id 
_struct_conf.beg_label_asym_id 
_struct_conf.beg_label_seq_id 
_struct_conf.pdbx_beg_PDB_ins_code 
_struct_conf.end_label_comp_id 
_struct_conf.end_label_asym_id 
_struct_conf.end_label_seq_id 
_struct_conf.pdbx_end_PDB_ins_code 
_struct_conf.beg_auth_comp_id 
_struct_conf.beg_auth_asym_id 
_struct_conf.beg_auth_seq_id 
_struct_conf.end_auth_comp_id 
_struct_conf.end_auth_asym_id 
_struct_conf.end_auth_seq_id 
_struct_conf.pdbx_PDB_helix_class 
_struct_conf.details 
_struct_conf.pdbx_PDB_helix_length 
HELX_P HELX_P1 1 THR A 12 ? ASP A 32 ? THR A 12 ASP A 32 1 ? 21 
HELX_P HELX_P2 2 ARG A 34 ? VAL A 38 ? ARG A 34 VAL A 38 5 ? 5  
HELX_P HELX_P3 3 ALA A 57 ? GLN A 61 ? ALA A 57 GLN A 61 1 ? 5  
HELX_P HELX_P4 4 THR B 12 ? ASP B 32 ? THR B 12 ASP B 32 1 ? 21 
HELX_P HELX_P5 5 ARG B 34 ? VAL B 38 ? ARG B 34 VAL B 38 5 ? 5  
HELX_P HELX_P6 6 GLY B 46 ? HIS B 49 ? GLY B 46 HIS B 49 5 ? 4  
HELX_P HELX_P7 7 ALA B 57 ? ALA B 64 ? ALA B 57 ALA B 64 1 ? 8  
# 
_struct_conf_type.id          HELX_P 
_struct_conf_type.criteria    ? 
_struct_conf_type.reference   ? 
# 
loop_
_struct_sheet.id 
_struct_sheet.type 
_struct_sheet.number_strands 
_struct_sheet.details 
A ? 4 ? 
B ? 2 ? 
C ? 2 ? 
# 
loop_
_struct_sheet_order.sheet_id 
_struct_sheet_order.range_id_1 
_struct_sheet_order.range_id_2 
_struct_sheet_order.offset 
_struct_sheet_order.sense 
A 1 2 ? parallel      
A 2 3 ? anti-parallel 
A 3 4 ? parallel      
B 1 2 ? anti-parallel 
C 1 2 ? anti-parallel 
# 
loop_
_struct_sheet_range.sheet_id 
_struct_sheet_range.id 
_struct_sheet_range.beg_label_comp_id 
_struct_sheet_range.beg_label_asym_id 
_struct_sheet_range.beg_label_seq_id 
_struct_sheet_range.pdbx_beg_PDB_ins_code 
_struct_sheet_range.end_label_comp_id 
_struct_sheet_range.end_label_asym_id 
_struct_sheet_range.end_label_seq_id 
_struct_sheet_range.pdbx_end_PDB_ins_code 
_struct_sheet_range.beg_auth_comp_id 
_struct_sheet_range.beg_auth_asym_id 
_struct_sheet_range.beg_auth_seq_id 
_struct_sheet_range.end_auth_comp_id 
_struct_sheet_range.end_auth_asym_id 
_struct_sheet_range.end_auth_seq_id 
A 1 ARG A 39 ? LEU A 45 ? ARG A 39 LEU A 45 
A 2 ILE A 2  ? LEU A 8  ? ILE A 2  LEU A 8  
A 3 ILE B 2  ? LEU B 8  ? ILE B 2  LEU B 8  
A 4 ARG B 39 ? LEU B 45 ? ARG B 39 LEU B 45 
B 1 SER A 51 ? VAL A 52 ? SER A 51 VAL A 52 
B 2 GLN A 55 ? THR A 56 ? GLN A 55 THR A 56 
C 1 SER B 51 ? VAL B 52 ? SER B 51 VAL B 52 
C 2 GLN B 55 ? THR B 56 ? GLN B 55 THR B 56 
# 
loop_
_pdbx_struct_sheet_hbond.sheet_id 
_pdbx_struct_sheet_hbond.range_id_1 
_pdbx_struct_sheet_hbond.range_id_2 
_pdbx_struct_sheet_hbond.range_1_label_atom_id 
_pdbx_struct_sheet_hbond.range_1_label_comp_id 
_pdbx_struct_sheet_hbond.range_1_label_asym_id 
_pdbx_struct_sheet_hbond.range_1_label_seq_id 
_pdbx_struct_sheet_hbond.range_1_PDB_ins_code 
_pdbx_struct_sheet_hbond.range_1_auth_atom_id 
_pdbx_struct_sheet_hbond.range_1_auth_comp_id 
_pdbx_struct_sheet_hbond.range_1_auth_asym_id 
_pdbx_struct_sheet_hbond.range_1_auth_seq_id 
_pdbx_struct_sheet_hbond.range_2_label_atom_id 
_pdbx_struct_sheet_hbond.range_2_label_comp_id 
_pdbx_struct_sheet_hbond.range_2_label_asym_id 
_pdbx_struct_sheet_hbond.range_2_label_seq_id 
_pdbx_struct_sheet_hbond.range_2_PDB_ins_code 
_pdbx_struct_sheet_hbond.range_2_auth_atom_id 
_pdbx_struct_sheet_hbond.range_2_auth_comp_id 
_pdbx_struct_sheet_hbond.range_2_auth_asym_id 
_pdbx_struct_sheet_hbond.range_2_auth_seq_id 
A 1 2 O LEU A 41 ? O LEU A 41 N MET A 5  ? N MET A 5  
A 2 3 N ASN A 6  ? N ASN A 6  O ILE B 2  ? O ILE B 2  
A 3 4 N ILE B 3  ? N ILE B 3  O ARG B 39 ? O ARG B 39 
B 1 2 N VAL A 52 ? N VAL A 52 O GLN A 55 ? O GLN A 55 
C 1 2 N VAL B 52 ? N VAL B 52 O GLN B 55 ? O GLN B 55 
# 
loop_
_pdbx_validate_rmsd_bond.id 
_pdbx_validate_rmsd_bond.PDB_model_num 
_pdbx_validate_rmsd_bond.auth_atom_id_1 
_pdbx_validate_rmsd_bond.auth_asym_id_1 
_pdbx_validate_rmsd_bond.auth_comp_id_1 
_pdbx_validate_rmsd_bond.auth_seq_id_1 
_pdbx_validate_rmsd_bond.PDB_ins_code_1 
_pdbx_validate_rmsd_bond.label_alt_id_1 
_pdbx_validate_rmsd_bond.auth_atom_id_2 
_pdbx_validate_rmsd_bond.auth_asym_id_2 
_pdbx_validate_rmsd_bond.auth_comp_id_2 
_pdbx_validate_rmsd_bond.auth_seq_id_2 
_pdbx_validate_rmsd_bond.PDB_ins_code_2 
_pdbx_validate_rmsd_bond.label_alt_id_2 
_pdbx_validate_rmsd_bond.bond_value 
_pdbx_validate_rmsd_bond.bond_target_value 
_pdbx_validate_rmsd_bond.bond_deviation 
_pdbx_validate_rmsd_bond.bond_standard_deviation 
_pdbx_validate_rmsd_bond.linker_flag 
1 1 CG A HIS 49 ? ? CD2 A HIS 49 ? ? 1.410 1.354 0.056 0.009 N 
2 1 CB B THR 12 ? ? CG2 B THR 12 ? ? 1.791 1.519 0.272 0.033 N 
# 
loop_
_pdbx_validate_rmsd_angle.id 
_pdbx_validate_rmsd_angle.PDB_model_num 
_pdbx_validate_rmsd_angle.auth_atom_id_1 
_pdbx_validate_rmsd_angle.auth_asym_id_1 
_pdbx_validate_rmsd_angle.auth_comp_id_1 
_pdbx_validate_rmsd_angle.auth_seq_id_1 
_pdbx_validate_rmsd_angle.PDB_ins_code_1 
_pdbx_validate_rmsd_angle.label_alt_id_1 
_pdbx_validate_rmsd_angle.auth_atom_id_2 
_pdbx_validate_rmsd_angle.auth_asym_id_2 
_pdbx_validate_rmsd_angle.auth_comp_id_2 
_pdbx_validate_rmsd_angle.auth_seq_id_2 
_pdbx_validate_rmsd_angle.PDB_ins_code_2 
_pdbx_validate_rmsd_angle.label_alt_id_2 
_pdbx_validate_rmsd_angle.auth_atom_id_3 
_pdbx_validate_rmsd_angle.auth_asym_id_3 
_pdbx_validate_rmsd_angle.auth_comp_id_3 
_pdbx_validate_rmsd_angle.auth_seq_id_3 
_pdbx_validate_rmsd_angle.PDB_ins_code_3 
_pdbx_validate_rmsd_angle.label_alt_id_3 
_pdbx_validate_rmsd_angle.angle_value 
_pdbx_validate_rmsd_angle.angle_target_value 
_pdbx_validate_rmsd_angle.angle_deviation 
_pdbx_validate_rmsd_angle.angle_standard_deviation 
_pdbx_validate_rmsd_angle.linker_flag 
1 1 CB  A ASP 32 ? ? CG A ASP 32 ? ? OD2 A ASP 32 ? ? 126.38 118.30 8.08 0.90 N 
2 1 OE1 B GLU 44 ? ? CD B GLU 44 ? ? OE2 B GLU 44 ? ? 131.14 123.30 7.84 1.20 N 
# 
loop_
_pdbx_struct_special_symmetry.id 
_pdbx_struct_special_symmetry.PDB_model_num 
_pdbx_struct_special_symmetry.auth_asym_id 
_pdbx_struct_special_symmetry.auth_comp_id 
_pdbx_struct_special_symmetry.auth_seq_id 
_pdbx_struct_special_symmetry.PDB_ins_code 
_pdbx_struct_special_symmetry.label_asym_id 
_pdbx_struct_special_symmetry.label_comp_id 
_pdbx_struct_special_symmetry.label_seq_id 
1 1 A HOH 117 ? C HOH . 
2 1 A HOH 120 ? C HOH . 
# 
loop_
_pdbx_unobs_or_zero_occ_residues.id 
_pdbx_unobs_or_zero_occ_residues.PDB_model_num 
_pdbx_unobs_or_zero_occ_residues.polymer_flag 
_pdbx_unobs_or_zero_occ_residues.occupancy_flag 
_pdbx_unobs_or_zero_occ_residues.auth_asym_id 
_pdbx_unobs_or_zero_occ_residues.auth_comp_id 
_pdbx_unobs_or_zero_occ_residues.auth_seq_id 
_pdbx_unobs_or_zero_occ_residues.PDB_ins_code 
_pdbx_unobs_or_zero_occ_residues.label_asym_id 
_pdbx_unobs_or_zero_occ_residues.label_comp_id 
_pdbx_unobs_or_zero_occ_residues.label_seq_id 
1  1 Y 1 A ALA 62 ? A ALA 62 
2  1 Y 1 A ALA 63 ? A ALA 63 
3  1 Y 1 A ALA 64 ? A ALA 64 
4  1 Y 1 A ALA 65 ? A ALA 65 
5  1 Y 1 A ASN 66 ? A ASN 66 
6  1 Y 1 A ALA 67 ? A ALA 67 
7  1 Y 1 A LYS 68 ? A LYS 68 
8  1 Y 1 A ASP 69 ? A ASP 69 
9  1 Y 1 A LEU 70 ? A LEU 70 
10 1 Y 1 B ALA 65 ? B ALA 65 
11 1 Y 1 B ASN 66 ? B ASN 66 
12 1 Y 1 B ALA 67 ? B ALA 67 
13 1 Y 1 B LYS 68 ? B LYS 68 
14 1 Y 1 B ASP 69 ? B ASP 69 
15 1 Y 1 B LEU 70 ? B LEU 70 
# 
loop_
_chem_comp_atom.comp_id 
_chem_comp_atom.atom_id 
_chem_comp_atom.type_symbol 
_chem_comp_atom.pdbx_aromatic_flag 
_chem_comp_atom.pdbx_stereo_config 
_chem_comp_atom.pdbx_ordinal 
ALA N    N N N 1   
ALA CA   C N S 2   
ALA C    C N N 3   
ALA O    O N N 4   
ALA CB   C N N 5   
ALA OXT  O N N 6   
ALA H    H N N 7   
ALA H2   H N N 8   
ALA HA   H N N 9   
ALA HB1  H N N 10  
ALA HB2  H N N 11  
ALA HB3  H N N 12  
ALA HXT  H N N 13  
ARG N    N N N 14  
ARG CA   C N S 15  
ARG C    C N N 16  
ARG O    O N N 17  
ARG CB   C N N 18  
ARG CG   C N N 19  
ARG CD   C N N 20  
ARG NE   N N N 21  
ARG CZ   C N N 22  
ARG NH1  N N N 23  
ARG NH2  N N N 24  
ARG OXT  O N N 25  
ARG H    H N N 26  
ARG H2   H N N 27  
ARG HA   H N N 28  
ARG HB2  H N N 29  
ARG HB3  H N N 30  
ARG HG2  H N N 31  
ARG HG3  H N N 32  
ARG HD2  H N N 33  
ARG HD3  H N N 34  
ARG HE   H N N 35  
ARG HH11 H N N 36  
ARG HH12 H N N 37  
ARG HH21 H N N 38  
ARG HH22 H N N 39  
ARG HXT  H N N 40  
ASN N    N N N 41  
ASN CA   C N S 42  
ASN C    C N N 43  
ASN O    O N N 44  
ASN CB   C N N 45  
ASN CG   C N N 46  
ASN OD1  O N N 47  
ASN ND2  N N N 48  
ASN OXT  O N N 49  
ASN H    H N N 50  
ASN H2   H N N 51  
ASN HA   H N N 52  
ASN HB2  H N N 53  
ASN HB3  H N N 54  
ASN HD21 H N N 55  
ASN HD22 H N N 56  
ASN HXT  H N N 57  
ASP N    N N N 58  
ASP CA   C N S 59  
ASP C    C N N 60  
ASP O    O N N 61  
ASP CB   C N N 62  
ASP CG   C N N 63  
ASP OD1  O N N 64  
ASP OD2  O N N 65  
ASP OXT  O N N 66  
ASP H    H N N 67  
ASP H2   H N N 68  
ASP HA   H N N 69  
ASP HB2  H N N 70  
ASP HB3  H N N 71  
ASP HD2  H N N 72  
ASP HXT  H N N 73  
GLN N    N N N 74  
GLN CA   C N S 75  
GLN C    C N N 76  
GLN O    O N N 77  
GLN CB   C N N 78  
GLN CG   C N N 79  
GLN CD   C N N 80  
GLN OE1  O N N 81  
GLN NE2  N N N 82  
GLN OXT  O N N 83  
GLN H    H N N 84  
GLN H2   H N N 85  
GLN HA   H N N 86  
GLN HB2  H N N 87  
GLN HB3  H N N 88  
GLN HG2  H N N 89  
GLN HG3  H N N 90  
GLN HE21 H N N 91  
GLN HE22 H N N 92  
GLN HXT  H N N 93  
GLU N    N N N 94  
GLU CA   C N S 95  
GLU C    C N N 96  
GLU O    O N N 97  
GLU CB   C N N 98  
GLU CG   C N N 99  
GLU CD   C N N 100 
GLU OE1  O N N 101 
GLU OE2  O N N 102 
GLU OXT  O N N 103 
GLU H    H N N 104 
GLU H2   H N N 105 
GLU HA   H N N 106 
GLU HB2  H N N 107 
GLU HB3  H N N 108 
GLU HG2  H N N 109 
GLU HG3  H N N 110 
GLU HE2  H N N 111 
GLU HXT  H N N 112 
GLY N    N N N 113 
GLY CA   C N N 114 
GLY C    C N N 115 
GLY O    O N N 116 
GLY OXT  O N N 117 
GLY H    H N N 118 
GLY H2   H N N 119 
GLY HA2  H N N 120 
GLY HA3  H N N 121 
GLY HXT  H N N 122 
HIS N    N N N 123 
HIS CA   C N S 124 
HIS C    C N N 125 
HIS O    O N N 126 
HIS CB   C N N 127 
HIS CG   C Y N 128 
HIS ND1  N Y N 129 
HIS CD2  C Y N 130 
HIS CE1  C Y N 131 
HIS NE2  N Y N 132 
HIS OXT  O N N 133 
HIS H    H N N 134 
HIS H2   H N N 135 
HIS HA   H N N 136 
HIS HB2  H N N 137 
HIS HB3  H N N 138 
HIS HD1  H N N 139 
HIS HD2  H N N 140 
HIS HE1  H N N 141 
HIS HE2  H N N 142 
HIS HXT  H N N 143 
HOH O    O N N 144 
HOH H1   H N N 145 
HOH H2   H N N 146 
ILE N    N N N 147 
ILE CA   C N S 148 
ILE C    C N N 149 
ILE O    O N N 150 
ILE CB   C N S 151 
ILE CG1  C N N 152 
ILE CG2  C N N 153 
ILE CD1  C N N 154 
ILE OXT  O N N 155 
ILE H    H N N 156 
ILE H2   H N N 157 
ILE HA   H N N 158 
ILE HB   H N N 159 
ILE HG12 H N N 160 
ILE HG13 H N N 161 
ILE HG21 H N N 162 
ILE HG22 H N N 163 
ILE HG23 H N N 164 
ILE HD11 H N N 165 
ILE HD12 H N N 166 
ILE HD13 H N N 167 
ILE HXT  H N N 168 
LEU N    N N N 169 
LEU CA   C N S 170 
LEU C    C N N 171 
LEU O    O N N 172 
LEU CB   C N N 173 
LEU CG   C N N 174 
LEU CD1  C N N 175 
LEU CD2  C N N 176 
LEU OXT  O N N 177 
LEU H    H N N 178 
LEU H2   H N N 179 
LEU HA   H N N 180 
LEU HB2  H N N 181 
LEU HB3  H N N 182 
LEU HG   H N N 183 
LEU HD11 H N N 184 
LEU HD12 H N N 185 
LEU HD13 H N N 186 
LEU HD21 H N N 187 
LEU HD22 H N N 188 
LEU HD23 H N N 189 
LEU HXT  H N N 190 
LYS N    N N N 191 
LYS CA   C N S 192 
LYS C    C N N 193 
LYS O    O N N 194 
LYS CB   C N N 195 
LYS CG   C N N 196 
LYS CD   C N N 197 
LYS CE   C N N 198 
LYS NZ   N N N 199 
LYS OXT  O N N 200 
LYS H    H N N 201 
LYS H2   H N N 202 
LYS HA   H N N 203 
LYS HB2  H N N 204 
LYS HB3  H N N 205 
LYS HG2  H N N 206 
LYS HG3  H N N 207 
LYS HD2  H N N 208 
LYS HD3  H N N 209 
LYS HE2  H N N 210 
LYS HE3  H N N 211 
LYS HZ1  H N N 212 
LYS HZ2  H N N 213 
LYS HZ3  H N N 214 
LYS HXT  H N N 215 
MET N    N N N 216 
MET CA   C N S 217 
MET C    C N N 218 
MET O    O N N 219 
MET CB   C N N 220 
MET CG   C N N 221 
MET SD   S N N 222 
MET CE   C N N 223 
MET OXT  O N N 224 
MET H    H N N 225 
MET H2   H N N 226 
MET HA   H N N 227 
MET HB2  H N N 228 
MET HB3  H N N 229 
MET HG2  H N N 230 
MET HG3  H N N 231 
MET HE1  H N N 232 
MET HE2  H N N 233 
MET HE3  H N N 234 
MET HXT  H N N 235 
PHE N    N N N 236 
PHE CA   C N S 237 
PHE C    C N N 238 
PHE O    O N N 239 
PHE CB   C N N 240 
PHE CG   C Y N 241 
PHE CD1  C Y N 242 
PHE CD2  C Y N 243 
PHE CE1  C Y N 244 
PHE CE2  C Y N 245 
PHE CZ   C Y N 246 
PHE OXT  O N N 247 
PHE H    H N N 248 
PHE H2   H N N 249 
PHE HA   H N N 250 
PHE HB2  H N N 251 
PHE HB3  H N N 252 
PHE HD1  H N N 253 
PHE HD2  H N N 254 
PHE HE1  H N N 255 
PHE HE2  H N N 256 
PHE HZ   H N N 257 
PHE HXT  H N N 258 
PRO N    N N N 259 
PRO CA   C N S 260 
PRO C    C N N 261 
PRO O    O N N 262 
PRO CB   C N N 263 
PRO CG   C N N 264 
PRO CD   C N N 265 
PRO OXT  O N N 266 
PRO H    H N N 267 
PRO HA   H N N 268 
PRO HB2  H N N 269 
PRO HB3  H N N 270 
PRO HG2  H N N 271 
PRO HG3  H N N 272 
PRO HD2  H N N 273 
PRO HD3  H N N 274 
PRO HXT  H N N 275 
SER N    N N N 276 
SER CA   C N S 277 
SER C    C N N 278 
SER O    O N N 279 
SER CB   C N N 280 
SER OG   O N N 281 
SER OXT  O N N 282 
SER H    H N N 283 
SER H2   H N N 284 
SER HA   H N N 285 
SER HB2  H N N 286 
SER HB3  H N N 287 
SER HG   H N N 288 
SER HXT  H N N 289 
THR N    N N N 290 
THR CA   C N S 291 
THR C    C N N 292 
THR O    O N N 293 
THR CB   C N R 294 
THR OG1  O N N 295 
THR CG2  C N N 296 
THR OXT  O N N 297 
THR H    H N N 298 
THR H2   H N N 299 
THR HA   H N N 300 
THR HB   H N N 301 
THR HG1  H N N 302 
THR HG21 H N N 303 
THR HG22 H N N 304 
THR HG23 H N N 305 
THR HXT  H N N 306 
VAL N    N N N 307 
VAL CA   C N S 308 
VAL C    C N N 309 
VAL O    O N N 310 
VAL CB   C N N 311 
VAL CG1  C N N 312 
VAL CG2  C N N 313 
VAL OXT  O N N 314 
VAL H    H N N 315 
VAL H2   H N N 316 
VAL HA   H N N 317 
VAL HB   H N N 318 
VAL HG11 H N N 319 
VAL HG12 H N N 320 
VAL HG13 H N N 321 
VAL HG21 H N N 322 
VAL HG22 H N N 323 
VAL HG23 H N N 324 
VAL HXT  H N N 325 
# 
loop_
_chem_comp_bond.comp_id 
_chem_comp_bond.atom_id_1 
_chem_comp_bond.atom_id_2 
_chem_comp_bond.value_order 
_chem_comp_bond.pdbx_aromatic_flag 
_chem_comp_bond.pdbx_stereo_config 
_chem_comp_bond.pdbx_ordinal 
ALA N   CA   sing N N 1   
ALA N   H    sing N N 2   
ALA N   H2   sing N N 3   
ALA CA  C    sing N N 4   
ALA CA  CB   sing N N 5   
ALA CA  HA   sing N N 6   
ALA C   O    doub N N 7   
ALA C   OXT  sing N N 8   
ALA CB  HB1  sing N N 9   
ALA CB  HB2  sing N N 10  
ALA CB  HB3  sing N N 11  
ALA OXT HXT  sing N N 12  
ARG N   CA   sing N N 13  
ARG N   H    sing N N 14  
ARG N   H2   sing N N 15  
ARG CA  C    sing N N 16  
ARG CA  CB   sing N N 17  
ARG CA  HA   sing N N 18  
ARG C   O    doub N N 19  
ARG C   OXT  sing N N 20  
ARG CB  CG   sing N N 21  
ARG CB  HB2  sing N N 22  
ARG CB  HB3  sing N N 23  
ARG CG  CD   sing N N 24  
ARG CG  HG2  sing N N 25  
ARG CG  HG3  sing N N 26  
ARG CD  NE   sing N N 27  
ARG CD  HD2  sing N N 28  
ARG CD  HD3  sing N N 29  
ARG NE  CZ   sing N N 30  
ARG NE  HE   sing N N 31  
ARG CZ  NH1  sing N N 32  
ARG CZ  NH2  doub N N 33  
ARG NH1 HH11 sing N N 34  
ARG NH1 HH12 sing N N 35  
ARG NH2 HH21 sing N N 36  
ARG NH2 HH22 sing N N 37  
ARG OXT HXT  sing N N 38  
ASN N   CA   sing N N 39  
ASN N   H    sing N N 40  
ASN N   H2   sing N N 41  
ASN CA  C    sing N N 42  
ASN CA  CB   sing N N 43  
ASN CA  HA   sing N N 44  
ASN C   O    doub N N 45  
ASN C   OXT  sing N N 46  
ASN CB  CG   sing N N 47  
ASN CB  HB2  sing N N 48  
ASN CB  HB3  sing N N 49  
ASN CG  OD1  doub N N 50  
ASN CG  ND2  sing N N 51  
ASN ND2 HD21 sing N N 52  
ASN ND2 HD22 sing N N 53  
ASN OXT HXT  sing N N 54  
ASP N   CA   sing N N 55  
ASP N   H    sing N N 56  
ASP N   H2   sing N N 57  
ASP CA  C    sing N N 58  
ASP CA  CB   sing N N 59  
ASP CA  HA   sing N N 60  
ASP C   O    doub N N 61  
ASP C   OXT  sing N N 62  
ASP CB  CG   sing N N 63  
ASP CB  HB2  sing N N 64  
ASP CB  HB3  sing N N 65  
ASP CG  OD1  doub N N 66  
ASP CG  OD2  sing N N 67  
ASP OD2 HD2  sing N N 68  
ASP OXT HXT  sing N N 69  
GLN N   CA   sing N N 70  
GLN N   H    sing N N 71  
GLN N   H2   sing N N 72  
GLN CA  C    sing N N 73  
GLN CA  CB   sing N N 74  
GLN CA  HA   sing N N 75  
GLN C   O    doub N N 76  
GLN C   OXT  sing N N 77  
GLN CB  CG   sing N N 78  
GLN CB  HB2  sing N N 79  
GLN CB  HB3  sing N N 80  
GLN CG  CD   sing N N 81  
GLN CG  HG2  sing N N 82  
GLN CG  HG3  sing N N 83  
GLN CD  OE1  doub N N 84  
GLN CD  NE2  sing N N 85  
GLN NE2 HE21 sing N N 86  
GLN NE2 HE22 sing N N 87  
GLN OXT HXT  sing N N 88  
GLU N   CA   sing N N 89  
GLU N   H    sing N N 90  
GLU N   H2   sing N N 91  
GLU CA  C    sing N N 92  
GLU CA  CB   sing N N 93  
GLU CA  HA   sing N N 94  
GLU C   O    doub N N 95  
GLU C   OXT  sing N N 96  
GLU CB  CG   sing N N 97  
GLU CB  HB2  sing N N 98  
GLU CB  HB3  sing N N 99  
GLU CG  CD   sing N N 100 
GLU CG  HG2  sing N N 101 
GLU CG  HG3  sing N N 102 
GLU CD  OE1  doub N N 103 
GLU CD  OE2  sing N N 104 
GLU OE2 HE2  sing N N 105 
GLU OXT HXT  sing N N 106 
GLY N   CA   sing N N 107 
GLY N   H    sing N N 108 
GLY N   H2   sing N N 109 
GLY CA  C    sing N N 110 
GLY CA  HA2  sing N N 111 
GLY CA  HA3  sing N N 112 
GLY C   O    doub N N 113 
GLY C   OXT  sing N N 114 
GLY OXT HXT  sing N N 115 
HIS N   CA   sing N N 116 
HIS N   H    sing N N 117 
HIS N   H2   sing N N 118 
HIS CA  C    sing N N 119 
HIS CA  CB   sing N N 120 
HIS CA  HA   sing N N 121 
HIS C   O    doub N N 122 
HIS C   OXT  sing N N 123 
HIS CB  CG   sing N N 124 
HIS CB  HB2  sing N N 125 
HIS CB  HB3  sing N N 126 
HIS CG  ND1  sing Y N 127 
HIS CG  CD2  doub Y N 128 
HIS ND1 CE1  doub Y N 129 
HIS ND1 HD1  sing N N 130 
HIS CD2 NE2  sing Y N 131 
HIS CD2 HD2  sing N N 132 
HIS CE1 NE2  sing Y N 133 
HIS CE1 HE1  sing N N 134 
HIS NE2 HE2  sing N N 135 
HIS OXT HXT  sing N N 136 
HOH O   H1   sing N N 137 
HOH O   H2   sing N N 138 
ILE N   CA   sing N N 139 
ILE N   H    sing N N 140 
ILE N   H2   sing N N 141 
ILE CA  C    sing N N 142 
ILE CA  CB   sing N N 143 
ILE CA  HA   sing N N 144 
ILE C   O    doub N N 145 
ILE C   OXT  sing N N 146 
ILE CB  CG1  sing N N 147 
ILE CB  CG2  sing N N 148 
ILE CB  HB   sing N N 149 
ILE CG1 CD1  sing N N 150 
ILE CG1 HG12 sing N N 151 
ILE CG1 HG13 sing N N 152 
ILE CG2 HG21 sing N N 153 
ILE CG2 HG22 sing N N 154 
ILE CG2 HG23 sing N N 155 
ILE CD1 HD11 sing N N 156 
ILE CD1 HD12 sing N N 157 
ILE CD1 HD13 sing N N 158 
ILE OXT HXT  sing N N 159 
LEU N   CA   sing N N 160 
LEU N   H    sing N N 161 
LEU N   H2   sing N N 162 
LEU CA  C    sing N N 163 
LEU CA  CB   sing N N 164 
LEU CA  HA   sing N N 165 
LEU C   O    doub N N 166 
LEU C   OXT  sing N N 167 
LEU CB  CG   sing N N 168 
LEU CB  HB2  sing N N 169 
LEU CB  HB3  sing N N 170 
LEU CG  CD1  sing N N 171 
LEU CG  CD2  sing N N 172 
LEU CG  HG   sing N N 173 
LEU CD1 HD11 sing N N 174 
LEU CD1 HD12 sing N N 175 
LEU CD1 HD13 sing N N 176 
LEU CD2 HD21 sing N N 177 
LEU CD2 HD22 sing N N 178 
LEU CD2 HD23 sing N N 179 
LEU OXT HXT  sing N N 180 
LYS N   CA   sing N N 181 
LYS N   H    sing N N 182 
LYS N   H2   sing N N 183 
LYS CA  C    sing N N 184 
LYS CA  CB   sing N N 185 
LYS CA  HA   sing N N 186 
LYS C   O    doub N N 187 
LYS C   OXT  sing N N 188 
LYS CB  CG   sing N N 189 
LYS CB  HB2  sing N N 190 
LYS CB  HB3  sing N N 191 
LYS CG  CD   sing N N 192 
LYS CG  HG2  sing N N 193 
LYS CG  HG3  sing N N 194 
LYS CD  CE   sing N N 195 
LYS CD  HD2  sing N N 196 
LYS CD  HD3  sing N N 197 
LYS CE  NZ   sing N N 198 
LYS CE  HE2  sing N N 199 
LYS CE  HE3  sing N N 200 
LYS NZ  HZ1  sing N N 201 
LYS NZ  HZ2  sing N N 202 
LYS NZ  HZ3  sing N N 203 
LYS OXT HXT  sing N N 204 
MET N   CA   sing N N 205 
MET N   H    sing N N 206 
MET N   H2   sing N N 207 
MET CA  C    sing N N 208 
MET CA  CB   sing N N 209 
MET CA  HA   sing N N 210 
MET C   O    doub N N 211 
MET C   OXT  sing N N 212 
MET CB  CG   sing N N 213 
MET CB  HB2  sing N N 214 
MET CB  HB3  sing N N 215 
MET CG  SD   sing N N 216 
MET CG  HG2  sing N N 217 
MET CG  HG3  sing N N 218 
MET SD  CE   sing N N 219 
MET CE  HE1  sing N N 220 
MET CE  HE2  sing N N 221 
MET CE  HE3  sing N N 222 
MET OXT HXT  sing N N 223 
PHE N   CA   sing N N 224 
PHE N   H    sing N N 225 
PHE N   H2   sing N N 226 
PHE CA  C    sing N N 227 
PHE CA  CB   sing N N 228 
PHE CA  HA   sing N N 229 
PHE C   O    doub N N 230 
PHE C   OXT  sing N N 231 
PHE CB  CG   sing N N 232 
PHE CB  HB2  sing N N 233 
PHE CB  HB3  sing N N 234 
PHE CG  CD1  doub Y N 235 
PHE CG  CD2  sing Y N 236 
PHE CD1 CE1  sing Y N 237 
PHE CD1 HD1  sing N N 238 
PHE CD2 CE2  doub Y N 239 
PHE CD2 HD2  sing N N 240 
PHE CE1 CZ   doub Y N 241 
PHE CE1 HE1  sing N N 242 
PHE CE2 CZ   sing Y N 243 
PHE CE2 HE2  sing N N 244 
PHE CZ  HZ   sing N N 245 
PHE OXT HXT  sing N N 246 
PRO N   CA   sing N N 247 
PRO N   CD   sing N N 248 
PRO N   H    sing N N 249 
PRO CA  C    sing N N 250 
PRO CA  CB   sing N N 251 
PRO CA  HA   sing N N 252 
PRO C   O    doub N N 253 
PRO C   OXT  sing N N 254 
PRO CB  CG   sing N N 255 
PRO CB  HB2  sing N N 256 
PRO CB  HB3  sing N N 257 
PRO CG  CD   sing N N 258 
PRO CG  HG2  sing N N 259 
PRO CG  HG3  sing N N 260 
PRO CD  HD2  sing N N 261 
PRO CD  HD3  sing N N 262 
PRO OXT HXT  sing N N 263 
SER N   CA   sing N N 264 
SER N   H    sing N N 265 
SER N   H2   sing N N 266 
SER CA  C    sing N N 267 
SER CA  CB   sing N N 268 
SER CA  HA   sing N N 269 
SER C   O    doub N N 270 
SER C   OXT  sing N N 271 
SER CB  OG   sing N N 272 
SER CB  HB2  sing N N 273 
SER CB  HB3  sing N N 274 
SER OG  HG   sing N N 275 
SER OXT HXT  sing N N 276 
THR N   CA   sing N N 277 
THR N   H    sing N N 278 
THR N   H2   sing N N 279 
THR CA  C    sing N N 280 
THR CA  CB   sing N N 281 
THR CA  HA   sing N N 282 
THR C   O    doub N N 283 
THR C   OXT  sing N N 284 
THR CB  OG1  sing N N 285 
THR CB  CG2  sing N N 286 
THR CB  HB   sing N N 287 
THR OG1 HG1  sing N N 288 
THR CG2 HG21 sing N N 289 
THR CG2 HG22 sing N N 290 
THR CG2 HG23 sing N N 291 
THR OXT HXT  sing N N 292 
VAL N   CA   sing N N 293 
VAL N   H    sing N N 294 
VAL N   H2   sing N N 295 
VAL CA  C    sing N N 296 
VAL CA  CB   sing N N 297 
VAL CA  HA   sing N N 298 
VAL C   O    doub N N 299 
VAL C   OXT  sing N N 300 
VAL CB  CG1  sing N N 301 
VAL CB  CG2  sing N N 302 
VAL CB  HB   sing N N 303 
VAL CG1 HG11 sing N N 304 
VAL CG1 HG12 sing N N 305 
VAL CG1 HG13 sing N N 306 
VAL CG2 HG21 sing N N 307 
VAL CG2 HG22 sing N N 308 
VAL CG2 HG23 sing N N 309 
VAL OXT HXT  sing N N 310 
# 
_atom_sites.entry_id                    4FDX 
_atom_sites.fract_transf_matrix[1][1]   0.02118929 
_atom_sites.fract_transf_matrix[1][2]   -0.00566081 
_atom_sites.fract_transf_matrix[1][3]   0.00687803 
_atom_sites.fract_transf_matrix[2][1]   0.00637884 
_atom_sites.fract_transf_matrix[2][2]   0.00366799 
_atom_sites.fract_transf_matrix[2][3]   0.02177642 
_atom_sites.fract_transf_matrix[3][1]   -0.00205310 
_atom_sites.fract_transf_matrix[3][2]   -0.00577289 
_atom_sites.fract_transf_matrix[3][3]   0.00157378 
_atom_sites.fract_transf_vector[1]      -0.071212 
_atom_sites.fract_transf_vector[2]      0.180457 
_atom_sites.fract_transf_vector[3]      0.122789 
# 
loop_
_atom_type.symbol 
C 
N 
O 
S 
# 
loop_
_atom_site.group_PDB 
_atom_site.id 
_atom_site.type_symbol 
_atom_site.label_atom_id 
_atom_site.label_alt_id 
_atom_site.label_comp_id 
_atom_site.label_asym_id 
_atom_site.label_entity_id 
_atom_site.label_seq_id 
_atom_site.pdbx_PDB_ins_code 
_atom_site.Cartn_x 
_atom_site.Cartn_y 
_atom_site.Cartn_z 
_atom_site.occupancy 
_atom_site.B_iso_or_equiv 
_atom_site.pdbx_formal_charge 
_atom_site.auth_seq_id 
_atom_site.auth_comp_id 
_atom_site.auth_asym_id 
_atom_site.auth_atom_id 
_atom_site.pdbx_PDB_model_num 
ATOM   1   N N   . PRO A 1 1  ? -5.834  5.619   -5.154  1.00 17.18 ? 1   PRO A N   1 
ATOM   2   C CA  . PRO A 1 1  ? -4.554  4.951   -4.825  1.00 15.51 ? 1   PRO A CA  1 
ATOM   3   C C   . PRO A 1 1  ? -4.698  3.466   -4.961  1.00 15.46 ? 1   PRO A C   1 
ATOM   4   O O   . PRO A 1 1  ? -5.696  2.864   -4.553  1.00 14.92 ? 1   PRO A O   1 
ATOM   5   C CB  . PRO A 1 1  ? -4.264  5.407   -3.376  1.00 16.64 ? 1   PRO A CB  1 
ATOM   6   C CG  . PRO A 1 1  ? -4.999  6.741   -3.302  1.00 18.70 ? 1   PRO A CG  1 
ATOM   7   C CD  . PRO A 1 1  ? -6.204  6.659   -4.164  1.00 19.87 ? 1   PRO A CD  1 
ATOM   8   N N   . ILE A 1 2  ? -3.651  2.816   -5.428  1.00 13.73 ? 2   ILE A N   1 
ATOM   9   C CA  . ILE A 1 2  ? -3.622  1.382   -5.589  1.00 14.61 ? 2   ILE A CA  1 
ATOM   10  C C   . ILE A 1 2  ? -2.439  0.943   -4.718  1.00 17.01 ? 2   ILE A C   1 
ATOM   11  O O   . ILE A 1 2  ? -1.293  1.434   -4.894  1.00 18.55 ? 2   ILE A O   1 
ATOM   12  C CB  . ILE A 1 2  ? -3.440  0.982   -7.054  1.00 15.76 ? 2   ILE A CB  1 
ATOM   13  C CG1 . ILE A 1 2  ? -4.762  1.322   -7.812  1.00 19.64 ? 2   ILE A CG1 1 
ATOM   14  C CG2 . ILE A 1 2  ? -3.209  -0.529  -7.152  1.00 15.70 ? 2   ILE A CG2 1 
ATOM   15  C CD1 . ILE A 1 2  ? -4.670  1.160   -9.328  1.00 22.62 ? 2   ILE A CD1 1 
ATOM   16  N N   . ILE A 1 3  ? -2.702  0.067   -3.745  1.00 15.63 ? 3   ILE A N   1 
ATOM   17  C CA  . ILE A 1 3  ? -1.655  -0.320  -2.761  1.00 15.45 ? 3   ILE A CA  1 
ATOM   18  C C   . ILE A 1 3  ? -1.408  -1.794  -2.932  1.00 15.07 ? 3   ILE A C   1 
ATOM   19  O O   . ILE A 1 3  ? -2.331  -2.573  -3.031  1.00 17.09 ? 3   ILE A O   1 
ATOM   20  C CB  . ILE A 1 3  ? -2.158  -0.047  -1.402  1.00 18.32 ? 3   ILE A CB  1 
ATOM   21  C CG1 . ILE A 1 3  ? -2.203  1.479   -1.337  1.00 24.05 ? 3   ILE A CG1 1 
ATOM   22  C CG2 . ILE A 1 3  ? -1.225  -0.680  -0.347  1.00 17.60 ? 3   ILE A CG2 1 
ATOM   23  C CD1 . ILE A 1 3  ? -3.029  1.834   -0.201  1.00 24.95 ? 3   ILE A CD1 1 
ATOM   24  N N   . GLN A 1 4  ? -0.141  -2.207  -3.068  1.00 13.48 ? 4   GLN A N   1 
ATOM   25  C CA  . GLN A 1 4  ? 0.197   -3.623  -3.129  1.00 15.81 ? 4   GLN A CA  1 
ATOM   26  C C   . GLN A 1 4  ? 0.902   -3.927  -1.842  1.00 15.62 ? 4   GLN A C   1 
ATOM   27  O O   . GLN A 1 4  ? 1.862   -3.216  -1.526  1.00 18.60 ? 4   GLN A O   1 
ATOM   28  C CB  . GLN A 1 4  ? 1.149   -3.873  -4.328  1.00 18.91 ? 4   GLN A CB  1 
ATOM   29  C CG  . GLN A 1 4  ? 0.385   -3.676  -5.608  1.00 29.82 ? 4   GLN A CG  1 
ATOM   30  C CD  . GLN A 1 4  ? 1.268   -3.388  -6.845  1.00 36.87 ? 4   GLN A CD  1 
ATOM   31  O OE1 . GLN A 1 4  ? 1.897   -2.305  -7.011  1.00 35.89 ? 4   GLN A OE1 1 
ATOM   32  N NE2 . GLN A 1 4  ? 1.285   -4.367  -7.737  1.00 38.88 ? 4   GLN A NE2 1 
ATOM   33  N N   . MET A 1 5  ? 0.443   -4.910  -1.116  1.00 14.61 ? 5   MET A N   1 
ATOM   34  C CA  . MET A 1 5  ? 1.107   -5.214  0.130   1.00 15.76 ? 5   MET A CA  1 
ATOM   35  C C   . MET A 1 5  ? 1.695   -6.630  0.027   1.00 17.47 ? 5   MET A C   1 
ATOM   36  O O   . MET A 1 5  ? 0.964   -7.628  -0.144  1.00 17.94 ? 5   MET A O   1 
ATOM   37  C CB  . MET A 1 5  ? 0.099   -5.170  1.200   1.00 17.94 ? 5   MET A CB  1 
ATOM   38  C CG  . MET A 1 5  ? 0.711   -5.599  2.530   1.00 18.01 ? 5   MET A CG  1 
ATOM   39  S SD  . MET A 1 5  ? -0.076  -5.091  4.050   1.00 25.46 ? 5   MET A SD  1 
ATOM   40  C CE  . MET A 1 5  ? -1.591  -5.827  3.935   1.00 19.07 ? 5   MET A CE  1 
ATOM   41  N N   . ASN A 1 6  ? 2.993   -6.712  0.146   1.00 17.42 ? 6   ASN A N   1 
ATOM   42  C CA  . ASN A 1 6  ? 3.677   -8.042  0.148   1.00 17.85 ? 6   ASN A CA  1 
ATOM   43  C C   . ASN A 1 6  ? 3.922   -8.405  1.615   1.00 18.89 ? 6   ASN A C   1 
ATOM   44  O O   . ASN A 1 6  ? 4.548   -7.632  2.386   1.00 18.71 ? 6   ASN A O   1 
ATOM   45  C CB  . ASN A 1 6  ? 5.003   -7.853  -0.570  1.00 21.09 ? 6   ASN A CB  1 
ATOM   46  C CG  . ASN A 1 6  ? 4.785   -7.232  -1.942  1.00 23.99 ? 6   ASN A CG  1 
ATOM   47  O OD1 . ASN A 1 6  ? 4.456   -7.945  -2.845  1.00 25.34 ? 6   ASN A OD1 1 
ATOM   48  N ND2 . ASN A 1 6  ? 4.962   -5.894  -2.093  1.00 25.41 ? 6   ASN A ND2 1 
ATOM   49  N N   . LEU A 1 7  ? 3.420   -9.567  2.040   1.00 17.61 ? 7   LEU A N   1 
ATOM   50  C CA  . LEU A 1 7  ? 3.675   -9.932  3.423   1.00 20.05 ? 7   LEU A CA  1 
ATOM   51  C C   . LEU A 1 7  ? 3.866   -11.446 3.484   1.00 19.78 ? 7   LEU A C   1 
ATOM   52  O O   . LEU A 1 7  ? 3.457   -12.152 2.561   1.00 16.59 ? 7   LEU A O   1 
ATOM   53  C CB  . LEU A 1 7  ? 2.580   -9.502  4.392   1.00 23.63 ? 7   LEU A CB  1 
ATOM   54  C CG  . LEU A 1 7  ? 1.331   -10.341 4.472   1.00 22.82 ? 7   LEU A CG  1 
ATOM   55  C CD1 . LEU A 1 7  ? 0.362   -9.788  5.462   1.00 24.40 ? 7   LEU A CD1 1 
ATOM   56  C CD2 . LEU A 1 7  ? 0.583   -10.373 3.148   1.00 25.38 ? 7   LEU A CD2 1 
ATOM   57  N N   . LEU A 1 8  ? 4.532   -11.896 4.520   1.00 20.76 ? 8   LEU A N   1 
ATOM   58  C CA  . LEU A 1 8  ? 4.797   -13.367 4.623   1.00 21.73 ? 8   LEU A CA  1 
ATOM   59  C C   . LEU A 1 8  ? 3.502   -14.128 4.851   1.00 20.84 ? 8   LEU A C   1 
ATOM   60  O O   . LEU A 1 8  ? 2.590   -13.621 5.556   1.00 19.32 ? 8   LEU A O   1 
ATOM   61  C CB  . LEU A 1 8  ? 5.729   -13.706 5.763   1.00 23.94 ? 8   LEU A CB  1 
ATOM   62  C CG  . LEU A 1 8  ? 7.183   -13.445 5.413   1.00 24.27 ? 8   LEU A CG  1 
ATOM   63  C CD1 . LEU A 1 8  ? 7.827   -13.534 6.783   1.00 29.97 ? 8   LEU A CD1 1 
ATOM   64  C CD2 . LEU A 1 8  ? 7.647   -14.572 4.461   1.00 25.81 ? 8   LEU A CD2 1 
ATOM   65  N N   . GLU A 1 9  ? 3.429   -15.338 4.287   1.00 22.79 ? 9   GLU A N   1 
ATOM   66  C CA  . GLU A 1 9  ? 2.328   -16.245 4.565   1.00 24.01 ? 9   GLU A CA  1 
ATOM   67  C C   . GLU A 1 9  ? 2.200   -16.510 6.080   1.00 24.46 ? 9   GLU A C   1 
ATOM   68  O O   . GLU A 1 9  ? 3.135   -16.320 6.838   1.00 25.88 ? 9   GLU A O   1 
ATOM   69  C CB  . GLU A 1 9  ? 2.525   -17.568 3.782   1.00 24.44 ? 9   GLU A CB  1 
ATOM   70  C CG  . GLU A 1 9  ? 3.761   -18.332 4.199   1.00 28.74 ? 9   GLU A CG  1 
ATOM   71  C CD  . GLU A 1 9  ? 4.026   -19.549 3.306   1.00 32.82 ? 9   GLU A CD  1 
ATOM   72  O OE1 . GLU A 1 9  ? 3.186   -19.764 2.371   1.00 33.54 ? 9   GLU A OE1 1 
ATOM   73  O OE2 . GLU A 1 9  ? 5.110   -20.222 3.519   1.00 32.08 ? 9   GLU A OE2 1 
ATOM   74  N N   . GLY A 1 10 ? 0.989   -16.893 6.490   1.00 26.11 ? 10  GLY A N   1 
ATOM   75  C CA  . GLY A 1 10 ? 0.754   -17.322 7.905   1.00 24.36 ? 10  GLY A CA  1 
ATOM   76  C C   . GLY A 1 10 ? -0.404  -16.549 8.531   1.00 27.98 ? 10  GLY A C   1 
ATOM   77  O O   . GLY A 1 10 ? -0.864  -16.873 9.597   1.00 28.61 ? 10  GLY A O   1 
ATOM   78  N N   . ARG A 1 11 ? -0.928  -15.536 7.845   1.00 26.94 ? 11  ARG A N   1 
ATOM   79  C CA  . ARG A 1 11 ? -1.867  -14.645 8.548   1.00 26.68 ? 11  ARG A CA  1 
ATOM   80  C C   . ARG A 1 11 ? -3.240  -15.192 8.343   1.00 24.35 ? 11  ARG A C   1 
ATOM   81  O O   . ARG A 1 11 ? -3.525  -15.793 7.315   1.00 27.52 ? 11  ARG A O   1 
ATOM   82  C CB  . ARG A 1 11 ? -1.793  -13.177 8.062   1.00 28.11 ? 11  ARG A CB  1 
ATOM   83  C CG  . ARG A 1 11 ? -0.849  -12.402 8.955   1.00 31.74 ? 11  ARG A CG  1 
ATOM   84  C CD  . ARG A 1 11 ? 0.305   -11.834 8.192   1.00 37.75 ? 11  ARG A CD  1 
ATOM   85  N NE  . ARG A 1 11 ? 1.172   -11.226 9.172   1.00 34.40 ? 11  ARG A NE  1 
ATOM   86  C CZ  . ARG A 1 11 ? 2.455   -11.031 8.942   1.00 39.37 ? 11  ARG A CZ  1 
ATOM   87  N NH1 . ARG A 1 11 ? 3.011   -11.443 7.783   1.00 36.84 ? 11  ARG A NH1 1 
ATOM   88  N NH2 . ARG A 1 11 ? 3.181   -10.454 9.869   1.00 32.67 ? 11  ARG A NH2 1 
ATOM   89  N N   . THR A 1 12 ? -4.083  -15.071 9.370   1.00 25.31 ? 12  THR A N   1 
ATOM   90  C CA  . THR A 1 12 ? -5.456  -15.512 9.263   1.00 23.90 ? 12  THR A CA  1 
ATOM   91  C C   . THR A 1 12 ? -6.323  -14.488 8.463   1.00 24.00 ? 12  THR A C   1 
ATOM   92  O O   . THR A 1 12 ? -5.945  -13.315 8.345   1.00 24.85 ? 12  THR A O   1 
ATOM   93  C CB  . THR A 1 12 ? -5.974  -15.974 10.714  1.00 27.25 ? 12  THR A CB  1 
ATOM   94  O OG1 . THR A 1 12 ? -5.524  -17.372 11.050  1.00 37.39 ? 12  THR A OG1 1 
ATOM   95  C CG2 . THR A 1 12 ? -7.468  -15.878 10.852  1.00 35.79 ? 12  THR A CG2 1 
ATOM   96  N N   . VAL A 1 13 ? -7.447  -14.932 7.923   1.00 24.92 ? 13  VAL A N   1 
ATOM   97  C CA  . VAL A 1 13 ? -8.372  -14.054 7.161   1.00 24.53 ? 13  VAL A CA  1 
ATOM   98  C C   . VAL A 1 13 ? -8.759  -12.840 7.968   1.00 25.43 ? 13  VAL A C   1 
ATOM   99  O O   . VAL A 1 13 ? -8.737  -11.705 7.454   1.00 21.77 ? 13  VAL A O   1 
ATOM   100 C CB  . VAL A 1 13 ? -9.602  -14.832 6.599   1.00 26.52 ? 13  VAL A CB  1 
ATOM   101 C CG1 . VAL A 1 13 ? -10.541 -13.915 5.797   1.00 25.10 ? 13  VAL A CG1 1 
ATOM   102 C CG2 . VAL A 1 13 ? -9.095  -15.912 5.648   1.00 29.02 ? 13  VAL A CG2 1 
ATOM   103 N N   . GLU A 1 14 ? -9.096  -13.004 9.248   1.00 24.26 ? 14  GLU A N   1 
ATOM   104 C CA  . GLU A 1 14 ? -9.366  -11.815 10.143  1.00 25.85 ? 14  GLU A CA  1 
ATOM   105 C C   . GLU A 1 14 ? -8.298  -10.733 10.114  1.00 22.65 ? 14  GLU A C   1 
ATOM   106 O O   . GLU A 1 14 ? -8.650  -9.527  10.146  1.00 22.07 ? 14  GLU A O   1 
ATOM   107 C CB  . GLU A 1 14 ? -9.577  -12.225 11.622  1.00 33.22 ? 14  GLU A CB  1 
ATOM   108 C CG  . GLU A 1 14 ? -10.957 -12.756 11.902  1.00 41.84 ? 14  GLU A CG  1 
ATOM   109 C CD  . GLU A 1 14 ? -11.142 -14.236 11.525  1.00 47.83 ? 14  GLU A CD  1 
ATOM   110 O OE1 . GLU A 1 14 ? -10.135 -14.981 11.382  1.00 50.38 ? 14  GLU A OE1 1 
ATOM   111 O OE2 . GLU A 1 14 ? -12.325 -14.656 11.406  1.00 49.86 ? 14  GLU A OE2 1 
ATOM   112 N N   . GLN A 1 15 ? -7.030  -11.147 10.147  1.00 20.55 ? 15  GLN A N   1 
ATOM   113 C CA  . GLN A 1 15 ? -5.940  -10.238 10.266  1.00 21.19 ? 15  GLN A CA  1 
ATOM   114 C C   . GLN A 1 15 ? -5.782  -9.516  8.901   1.00 17.88 ? 15  GLN A C   1 
ATOM   115 O O   . GLN A 1 15 ? -5.567  -8.286  8.886   1.00 19.06 ? 15  GLN A O   1 
ATOM   116 C CB  . GLN A 1 15 ? -4.641  -10.967 10.561  1.00 25.11 ? 15  GLN A CB  1 
ATOM   117 C CG  . GLN A 1 15 ? -4.490  -11.513 11.979  1.00 29.27 ? 15  GLN A CG  1 
ATOM   118 C CD  . GLN A 1 15 ? -3.278  -12.486 12.000  1.00 30.83 ? 15  GLN A CD  1 
ATOM   119 O OE1 . GLN A 1 15 ? -3.302  -13.594 11.383  1.00 29.62 ? 15  GLN A OE1 1 
ATOM   120 N NE2 . GLN A 1 15 ? -2.188  -12.057 12.694  1.00 39.31 ? 15  GLN A NE2 1 
ATOM   121 N N   . LYS A 1 16 ? -5.906  -10.262 7.795   1.00 19.81 ? 16  LYS A N   1 
ATOM   122 C CA  . LYS A 1 16 ? -5.848  -9.626  6.435   1.00 19.20 ? 16  LYS A CA  1 
ATOM   123 C C   . LYS A 1 16 ? -6.977  -8.630  6.287   1.00 19.55 ? 16  LYS A C   1 
ATOM   124 O O   . LYS A 1 16 ? -6.755  -7.486  5.823   1.00 19.71 ? 16  LYS A O   1 
ATOM   125 C CB  . LYS A 1 16 ? -5.863  -10.684 5.386   1.00 20.86 ? 16  LYS A CB  1 
ATOM   126 C CG  . LYS A 1 16 ? -4.535  -11.387 5.298   1.00 26.55 ? 16  LYS A CG  1 
ATOM   127 C CD  . LYS A 1 16 ? -4.818  -12.634 4.477   1.00 30.85 ? 16  LYS A CD  1 
ATOM   128 C CE  . LYS A 1 16 ? -3.732  -13.632 4.681   1.00 28.68 ? 16  LYS A CE  1 
ATOM   129 N NZ  . LYS A 1 16 ? -3.937  -14.703 3.673   1.00 24.72 ? 16  LYS A NZ  1 
ATOM   130 N N   . ARG A 1 17 ? -8.190  -8.992  6.728   1.00 21.14 ? 17  ARG A N   1 
ATOM   131 C CA  . ARG A 1 17 ? -9.336  -8.098  6.651   1.00 20.09 ? 17  ARG A CA  1 
ATOM   132 C C   . ARG A 1 17 ? -9.143  -6.864  7.529   1.00 18.57 ? 17  ARG A C   1 
ATOM   133 O O   . ARG A 1 17 ? -9.433  -5.770  7.058   1.00 18.28 ? 17  ARG A O   1 
ATOM   134 C CB  . ARG A 1 17 ? -10.655 -8.837  7.049   1.00 22.29 ? 17  ARG A CB  1 
ATOM   135 C CG  . ARG A 1 17 ? -11.104 -9.859  5.977   1.00 20.68 ? 17  ARG A CG  1 
ATOM   136 C CD  . ARG A 1 17 ? -12.481 -10.444 6.344   1.00 22.96 ? 17  ARG A CD  1 
ATOM   137 N NE  . ARG A 1 17 ? -12.880 -11.437 5.325   1.00 27.80 ? 17  ARG A NE  1 
ATOM   138 C CZ  . ARG A 1 17 ? -14.041 -12.114 5.399   1.00 34.67 ? 17  ARG A CZ  1 
ATOM   139 N NH1 . ARG A 1 17 ? -14.868 -11.851 6.415   1.00 35.13 ? 17  ARG A NH1 1 
ATOM   140 N NH2 . ARG A 1 17 ? -14.383 -13.044 4.508   1.00 34.05 ? 17  ARG A NH2 1 
ATOM   141 N N   . ASN A 1 18 ? -8.706  -6.994  8.786   1.00 19.42 ? 18  ASN A N   1 
ATOM   142 C CA  . ASN A 1 18 ? -8.357  -5.862  9.643   1.00 17.95 ? 18  ASN A CA  1 
ATOM   143 C C   . ASN A 1 18 ? -7.286  -4.906  9.022   1.00 16.19 ? 18  ASN A C   1 
ATOM   144 O O   . ASN A 1 18 ? -7.445  -3.686  9.027   1.00 18.56 ? 18  ASN A O   1 
ATOM   145 C CB  . ASN A 1 18 ? -7.777  -6.347  10.944  1.00 20.22 ? 18  ASN A CB  1 
ATOM   146 C CG  . ASN A 1 18 ? -8.814  -6.953  11.854  1.00 25.90 ? 18  ASN A CG  1 
ATOM   147 O OD1 . ASN A 1 18 ? -10.016 -6.796  11.624  1.00 23.94 ? 18  ASN A OD1 1 
ATOM   148 N ND2 . ASN A 1 18 ? -8.342  -7.687  12.835  1.00 28.03 ? 18  ASN A ND2 1 
ATOM   149 N N   . ALA A 1 19 ? -6.301  -5.531  8.354   1.00 18.60 ? 19  ALA A N   1 
ATOM   150 C CA  . ALA A 1 19 ? -5.237  -4.743  7.715   1.00 14.87 ? 19  ALA A CA  1 
ATOM   151 C C   . ALA A 1 19 ? -5.818  -3.957  6.531   1.00 15.32 ? 19  ALA A C   1 
ATOM   152 O O   . ALA A 1 19 ? -5.506  -2.732  6.411   1.00 15.45 ? 19  ALA A O   1 
ATOM   153 C CB  . ALA A 1 19 ? -4.062  -5.633  7.235   1.00 14.42 ? 19  ALA A CB  1 
ATOM   154 N N   . VAL A 1 20 ? -6.627  -4.597  5.683   1.00 15.59 ? 20  VAL A N   1 
ATOM   155 C CA  . VAL A 1 20 ? -7.129  -3.794  4.518   1.00 17.80 ? 20  VAL A CA  1 
ATOM   156 C C   . VAL A 1 20 ? -8.117  -2.686  4.945   1.00 16.22 ? 20  VAL A C   1 
ATOM   157 O O   . VAL A 1 20 ? -8.058  -1.566  4.422   1.00 14.92 ? 20  VAL A O   1 
ATOM   158 C CB  . VAL A 1 20 ? -7.667  -4.589  3.336   1.00 21.10 ? 20  VAL A CB  1 
ATOM   159 C CG1 . VAL A 1 20 ? -6.580  -5.593  2.828   1.00 18.46 ? 20  VAL A CG1 1 
ATOM   160 C CG2 . VAL A 1 20 ? -8.995  -5.226  3.675   1.00 22.66 ? 20  VAL A CG2 1 
ATOM   161 N N   . ALA A 1 21 ? -8.891  -2.912  6.012   1.00 16.80 ? 21  ALA A N   1 
ATOM   162 C CA  . ALA A 1 21 ? -9.693  -1.848  6.585   1.00 17.28 ? 21  ALA A CA  1 
ATOM   163 C C   . ALA A 1 21 ? -8.897  -0.730  7.120   1.00 15.13 ? 21  ALA A C   1 
ATOM   164 O O   . ALA A 1 21 ? -9.169  0.431   6.802   1.00 15.07 ? 21  ALA A O   1 
ATOM   165 C CB  . ALA A 1 21 ? -10.669 -2.413  7.676   1.00 17.83 ? 21  ALA A CB  1 
ATOM   166 N N   . ALA A 1 22 ? -7.876  -1.016  7.913   1.00 14.86 ? 22  ALA A N   1 
ATOM   167 C CA  . ALA A 1 22 ? -7.129  -0.008  8.588   1.00 14.26 ? 22  ALA A CA  1 
ATOM   168 C C   . ALA A 1 22 ? -6.284  0.784   7.609   1.00 14.06 ? 22  ALA A C   1 
ATOM   169 O O   . ALA A 1 22 ? -6.143  2.049   7.726   1.00 14.53 ? 22  ALA A O   1 
ATOM   170 C CB  . ALA A 1 22 ? -6.227  -0.661  9.654   1.00 15.55 ? 22  ALA A CB  1 
ATOM   171 N N   . ILE A 1 23 ? -5.665  0.085   6.623   1.00 14.17 ? 23  ILE A N   1 
ATOM   172 C CA  . ILE A 1 23 ? -4.846  0.822   5.642   1.00 13.43 ? 23  ILE A CA  1 
ATOM   173 C C   . ILE A 1 23 ? -5.767  1.733   4.783   1.00 11.80 ? 23  ILE A C   1 
ATOM   174 O O   . ILE A 1 23 ? -5.383  2.910   4.470   1.00 13.65 ? 23  ILE A O   1 
ATOM   175 C CB  . ILE A 1 23 ? -4.100  -0.183  4.708   1.00 13.88 ? 23  ILE A CB  1 
ATOM   176 C CG1 . ILE A 1 23 ? -2.982  -0.867  5.509   1.00 14.57 ? 23  ILE A CG1 1 
ATOM   177 C CG2 . ILE A 1 23 ? -3.593  0.543   3.453   1.00 14.34 ? 23  ILE A CG2 1 
ATOM   178 C CD1 . ILE A 1 23 ? -2.469  -2.135  4.796   1.00 13.62 ? 23  ILE A CD1 1 
ATOM   179 N N   . THR A 1 24 ? -6.950  1.220   4.394   1.00 13.54 ? 24  THR A N   1 
ATOM   180 C CA  . THR A 1 24 ? -7.915  2.068   3.638   1.00 13.63 ? 24  THR A CA  1 
ATOM   181 C C   . THR A 1 24 ? -8.284  3.304   4.415   1.00 12.79 ? 24  THR A C   1 
ATOM   182 O O   . THR A 1 24 ? -8.226  4.388   3.885   1.00 14.69 ? 24  THR A O   1 
ATOM   183 C CB  . THR A 1 24 ? -9.134  1.262   3.207   1.00 14.84 ? 24  THR A CB  1 
ATOM   184 O OG1 . THR A 1 24 ? -8.626  0.174   2.374   1.00 13.94 ? 24  THR A OG1 1 
ATOM   185 C CG2 . THR A 1 24 ? -10.085 2.191   2.368   1.00 16.12 ? 24  THR A CG2 1 
ATOM   186 N N   . GLU A 1 25 ? -8.577  3.140   5.702   1.00 12.96 ? 25  GLU A N   1 
ATOM   187 C CA  . GLU A 1 25 ? -8.945  4.295   6.552   1.00 15.10 ? 25  GLU A CA  1 
ATOM   188 C C   . GLU A 1 25 ? -7.826  5.292   6.620   1.00 14.66 ? 25  GLU A C   1 
ATOM   189 O O   . GLU A 1 25 ? -8.014  6.486   6.555   1.00 15.01 ? 25  GLU A O   1 
ATOM   190 C CB  . GLU A 1 25 ? -9.348  3.760   7.924   1.00 16.38 ? 25  GLU A CB  1 
ATOM   191 C CG  . GLU A 1 25 ? -10.685 3.027   7.918   1.00 19.25 ? 25  GLU A CG  1 
ATOM   192 C CD  . GLU A 1 25 ? -10.910 2.132   9.139   1.00 24.81 ? 25  GLU A CD  1 
ATOM   193 O OE1 . GLU A 1 25 ? -10.015 1.923   9.957   1.00 25.46 ? 25  GLU A OE1 1 
ATOM   194 O OE2 . GLU A 1 25 ? -11.981 1.508   9.187   1.00 33.78 ? 25  GLU A OE2 1 
ATOM   195 N N   . ALA A 1 26 ? -6.571  4.831   6.751   1.00 13.39 ? 26  ALA A N   1 
ATOM   196 C CA  . ALA A 1 26 ? -5.406  5.698   6.741   1.00 13.87 ? 26  ALA A CA  1 
ATOM   197 C C   . ALA A 1 26 ? -5.255  6.509   5.471   1.00 14.79 ? 26  ALA A C   1 
ATOM   198 O O   . ALA A 1 26 ? -4.975  7.690   5.554   1.00 14.88 ? 26  ALA A O   1 
ATOM   199 C CB  . ALA A 1 26 ? -4.136  4.868   6.992   1.00 16.45 ? 26  ALA A CB  1 
ATOM   200 N N   . VAL A 1 27 ? -5.515  5.889   4.316   1.00 12.83 ? 27  VAL A N   1 
ATOM   201 C CA  . VAL A 1 27 ? -5.337  6.526   2.962   1.00 13.00 ? 27  VAL A CA  1 
ATOM   202 C C   . VAL A 1 27 ? -6.465  7.522   2.804   1.00 12.44 ? 27  VAL A C   1 
ATOM   203 O O   . VAL A 1 27 ? -6.236  8.646   2.465   1.00 13.94 ? 27  VAL A O   1 
ATOM   204 C CB  . VAL A 1 27 ? -5.343  5.428   1.889   1.00 12.66 ? 27  VAL A CB  1 
ATOM   205 C CG1 . VAL A 1 27 ? -5.290  6.120   0.517   1.00 14.71 ? 27  VAL A CG1 1 
ATOM   206 C CG2 . VAL A 1 27 ? -4.043  4.593   2.060   1.00 14.02 ? 27  VAL A CG2 1 
ATOM   207 N N   . VAL A 1 28 ? -7.668  7.142   3.129   1.00 14.61 ? 28  VAL A N   1 
ATOM   208 C CA  . VAL A 1 28 ? -8.844  8.036   3.044   1.00 14.13 ? 28  VAL A CA  1 
ATOM   209 C C   . VAL A 1 28 ? -8.632  9.274   3.905   1.00 17.05 ? 28  VAL A C   1 
ATOM   210 O O   . VAL A 1 28 ? -8.832  10.397  3.415   1.00 18.00 ? 28  VAL A O   1 
ATOM   211 C CB  . VAL A 1 28 ? -10.114 7.281   3.467   1.00 15.40 ? 28  VAL A CB  1 
ATOM   212 C CG1 . VAL A 1 28 ? -11.279 8.312   3.635   1.00 17.42 ? 28  VAL A CG1 1 
ATOM   213 C CG2 . VAL A 1 28 ? -10.523 6.334   2.372   1.00 14.43 ? 28  VAL A CG2 1 
ATOM   214 N N   . ARG A 1 29 ? -8.150  9.080   5.151   1.00 15.47 ? 29  ARG A N   1 
ATOM   215 C CA  . ARG A 1 29 ? -7.909  10.282  6.006   1.00 16.08 ? 29  ARG A CA  1 
ATOM   216 C C   . ARG A 1 29 ? -6.832  11.189  5.560   1.00 17.09 ? 29  ARG A C   1 
ATOM   217 O O   . ARG A 1 29 ? -6.979  12.414  5.556   1.00 18.73 ? 29  ARG A O   1 
ATOM   218 C CB  . ARG A 1 29 ? -7.815  9.866   7.463   1.00 17.32 ? 29  ARG A CB  1 
ATOM   219 C CG  . ARG A 1 29 ? -7.596  11.076  8.361   1.00 21.47 ? 29  ARG A CG  1 
ATOM   220 C CD  . ARG A 1 29 ? -7.495  10.551  9.835   1.00 21.61 ? 29  ARG A CD  1 
ATOM   221 N NE  . ARG A 1 29 ? -6.245  9.767   10.040  1.00 22.34 ? 29  ARG A NE  1 
ATOM   222 C CZ  . ARG A 1 29 ? -5.033  10.293  10.202  1.00 21.52 ? 29  ARG A CZ  1 
ATOM   223 N NH1 . ARG A 1 29 ? -4.821  11.621  10.104  1.00 22.29 ? 29  ARG A NH1 1 
ATOM   224 N NH2 . ARG A 1 29 ? -3.993  9.469   10.306  1.00 24.31 ? 29  ARG A NH2 1 
ATOM   225 N N   . THR A 1 30 ? -5.659  10.627  5.228   1.00 14.41 ? 30  THR A N   1 
ATOM   226 C CA  . THR A 1 30 ? -4.461  11.360  4.979   1.00 14.70 ? 30  THR A CA  1 
ATOM   227 C C   . THR A 1 30 ? -4.408  11.993  3.585   1.00 15.97 ? 30  THR A C   1 
ATOM   228 O O   . THR A 1 30 ? -3.681  12.994  3.353   1.00 19.33 ? 30  THR A O   1 
ATOM   229 C CB  . THR A 1 30 ? -3.168  10.552  5.244   1.00 15.68 ? 30  THR A CB  1 
ATOM   230 O OG1 . THR A 1 30 ? -3.151  9.402   4.385   1.00 17.30 ? 30  THR A OG1 1 
ATOM   231 C CG2 . THR A 1 30 ? -3.013  10.172  6.754   1.00 14.71 ? 30  THR A CG2 1 
ATOM   232 N N   . LEU A 1 31 ? -5.023  11.312  2.596   1.00 17.36 ? 31  LEU A N   1 
ATOM   233 C CA  . LEU A 1 31 ? -5.000  11.843  1.221   1.00 17.53 ? 31  LEU A CA  1 
ATOM   234 C C   . LEU A 1 31 ? -6.361  12.486  0.821   1.00 18.33 ? 31  LEU A C   1 
ATOM   235 O O   . LEU A 1 31 ? -6.499  13.000  -0.350  1.00 25.19 ? 31  LEU A O   1 
ATOM   236 C CB  . LEU A 1 31 ? -4.726  10.657  0.263   1.00 20.22 ? 31  LEU A CB  1 
ATOM   237 C CG  . LEU A 1 31 ? -3.347  9.985   0.409   1.00 22.65 ? 31  LEU A CG  1 
ATOM   238 C CD1 . LEU A 1 31 ? -3.020  9.012   -0.740  1.00 21.97 ? 31  LEU A CD1 1 
ATOM   239 C CD2 . LEU A 1 31 ? -2.188  10.948  0.558   1.00 22.43 ? 31  LEU A CD2 1 
ATOM   240 N N   . ASP A 1 32 ? -7.367  12.382  1.662   1.00 21.83 ? 32  ASP A N   1 
ATOM   241 C CA  . ASP A 1 32 ? -8.761  12.871  1.367   1.00 26.06 ? 32  ASP A CA  1 
ATOM   242 C C   . ASP A 1 32 ? -9.258  12.386  -0.038  1.00 25.48 ? 32  ASP A C   1 
ATOM   243 O O   . ASP A 1 32 ? -9.446  13.157  -1.059  1.00 26.68 ? 32  ASP A O   1 
ATOM   244 C CB  . ASP A 1 32 ? -8.998  14.374  1.700   1.00 33.97 ? 32  ASP A CB  1 
ATOM   245 C CG  . ASP A 1 32 ? -10.562 14.729  1.957   1.00 39.24 ? 32  ASP A CG  1 
ATOM   246 O OD1 . ASP A 1 32 ? -11.006 15.663  1.276   1.00 47.86 ? 32  ASP A OD1 1 
ATOM   247 O OD2 . ASP A 1 32 ? -11.379 14.102  2.772   1.00 31.00 ? 32  ASP A OD2 1 
ATOM   248 N N   . VAL A 1 33 ? -9.307  11.058  -0.136  1.00 20.93 ? 33  VAL A N   1 
ATOM   249 C CA  . VAL A 1 33 ? -9.951  10.356  -1.243  1.00 21.83 ? 33  VAL A CA  1 
ATOM   250 C C   . VAL A 1 33 ? -11.082 9.553   -0.681  1.00 20.41 ? 33  VAL A C   1 
ATOM   251 O O   . VAL A 1 33 ? -11.211 9.315   0.549   1.00 21.07 ? 33  VAL A O   1 
ATOM   252 C CB  . VAL A 1 33 ? -8.948  9.414   -1.954  1.00 18.70 ? 33  VAL A CB  1 
ATOM   253 C CG1 . VAL A 1 33 ? -7.869  10.234  -2.549  1.00 21.13 ? 33  VAL A CG1 1 
ATOM   254 C CG2 . VAL A 1 33 ? -8.355  8.403   -0.952  1.00 18.09 ? 33  VAL A CG2 1 
ATOM   255 N N   . ARG A 1 34 ? -12.023 9.177   -1.562  1.00 19.12 ? 34  ARG A N   1 
ATOM   256 C CA  . ARG A 1 34 ? -13.102 8.295   -1.181  1.00 18.45 ? 34  ARG A CA  1 
ATOM   257 C C   . ARG A 1 34 ? -12.619 6.869   -0.935  1.00 16.76 ? 34  ARG A C   1 
ATOM   258 O O   . ARG A 1 34 ? -11.660 6.397   -1.583  1.00 17.44 ? 34  ARG A O   1 
ATOM   259 C CB  . ARG A 1 34 ? -14.217 8.255   -2.276  1.00 20.59 ? 34  ARG A CB  1 
ATOM   260 C CG  . ARG A 1 34 ? -14.720 9.583   -2.778  1.00 26.04 ? 34  ARG A CG  1 
ATOM   261 C CD  . ARG A 1 34 ? -15.966 9.361   -3.671  1.00 26.66 ? 34  ARG A CD  1 
ATOM   262 N NE  . ARG A 1 34 ? -15.655 8.396   -4.737  1.00 27.16 ? 34  ARG A NE  1 
ATOM   263 C CZ  . ARG A 1 34 ? -15.243 8.800   -5.941  1.00 23.57 ? 34  ARG A CZ  1 
ATOM   264 N NH1 . ARG A 1 34 ? -15.056 10.118  -6.190  1.00 26.73 ? 34  ARG A NH1 1 
ATOM   265 N NH2 . ARG A 1 34 ? -14.952 7.930   -6.881  1.00 25.92 ? 34  ARG A NH2 1 
ATOM   266 N N   . PRO A 1 35 ? -13.268 6.124   -0.047  1.00 17.85 ? 35  PRO A N   1 
ATOM   267 C CA  . PRO A 1 35 ? -12.982 4.672   0.083   1.00 17.49 ? 35  PRO A CA  1 
ATOM   268 C C   . PRO A 1 35 ? -12.966 3.919   -1.207  1.00 17.10 ? 35  PRO A C   1 
ATOM   269 O O   . PRO A 1 35 ? -12.084 3.038   -1.413  1.00 17.22 ? 35  PRO A O   1 
ATOM   270 C CB  . PRO A 1 35 ? -14.093 4.145   0.983   1.00 19.44 ? 35  PRO A CB  1 
ATOM   271 C CG  . PRO A 1 35 ? -14.394 5.392   1.825   1.00 17.94 ? 35  PRO A CG  1 
ATOM   272 C CD  . PRO A 1 35 ? -14.224 6.611   0.996   1.00 18.48 ? 35  PRO A CD  1 
ATOM   273 N N   . ASP A 1 36 ? -13.906 4.171   -2.135  1.00 16.47 ? 36  ASP A N   1 
ATOM   274 C CA  . ASP A 1 36 ? -13.933 3.338   -3.355  1.00 16.82 ? 36  ASP A CA  1 
ATOM   275 C C   . ASP A 1 36 ? -12.756 3.723   -4.259  1.00 17.90 ? 36  ASP A C   1 
ATOM   276 O O   . ASP A 1 36 ? -12.603 3.020   -5.251  1.00 19.76 ? 36  ASP A O   1 
ATOM   277 C CB  . ASP A 1 36 ? -15.219 3.574   -4.190  1.00 19.72 ? 36  ASP A CB  1 
ATOM   278 C CG  . ASP A 1 36 ? -15.326 4.978   -4.614  1.00 22.18 ? 36  ASP A CG  1 
ATOM   279 O OD1 . ASP A 1 36 ? -15.792 5.797   -3.812  1.00 24.44 ? 36  ASP A OD1 1 
ATOM   280 O OD2 . ASP A 1 36 ? -14.949 5.290   -5.777  1.00 27.92 ? 36  ASP A OD2 1 
ATOM   281 N N   . GLN A 1 37 ? -11.956 4.779   -3.950  1.00 13.80 ? 37  GLN A N   1 
ATOM   282 C CA  . GLN A 1 37 ? -10.772 5.098   -4.798  1.00 13.71 ? 37  GLN A CA  1 
ATOM   283 C C   . GLN A 1 37 ? -9.555  4.347   -4.242  1.00 15.88 ? 37  GLN A C   1 
ATOM   284 O O   . GLN A 1 37 ? -8.482  4.481   -4.803  1.00 17.16 ? 37  GLN A O   1 
ATOM   285 C CB  . GLN A 1 37 ? -10.450 6.609   -4.782  1.00 16.37 ? 37  GLN A CB  1 
ATOM   286 C CG  . GLN A 1 37 ? -11.592 7.360   -5.507  1.00 17.55 ? 37  GLN A CG  1 
ATOM   287 C CD  . GLN A 1 37 ? -11.411 8.878   -5.427  1.00 22.37 ? 37  GLN A CD  1 
ATOM   288 O OE1 . GLN A 1 37 ? -11.446 9.509   -4.374  1.00 20.33 ? 37  GLN A OE1 1 
ATOM   289 N NE2 . GLN A 1 37 ? -11.229 9.472   -6.603  1.00 29.26 ? 37  GLN A NE2 1 
ATOM   290 N N   . VAL A 1 38 ? -9.719  3.589   -3.187  1.00 14.04 ? 38  VAL A N   1 
ATOM   291 C CA  . VAL A 1 38 ? -8.543  2.873   -2.600  1.00 12.71 ? 38  VAL A CA  1 
ATOM   292 C C   . VAL A 1 38 ? -8.652  1.378   -2.838  1.00 14.60 ? 38  VAL A C   1 
ATOM   293 O O   . VAL A 1 38 ? -9.633  0.721   -2.390  1.00 13.51 ? 38  VAL A O   1 
ATOM   294 C CB  . VAL A 1 38 ? -8.495  3.158   -1.056  1.00 12.94 ? 38  VAL A CB  1 
ATOM   295 C CG1 . VAL A 1 38 ? -7.313  2.405   -0.407  1.00 11.83 ? 38  VAL A CG1 1 
ATOM   296 C CG2 . VAL A 1 38 ? -8.462  4.691   -0.863  1.00 15.00 ? 38  VAL A CG2 1 
ATOM   297 N N   . ARG A 1 39 ? -7.693  0.854   -3.577  1.00 13.72 ? 39  ARG A N   1 
ATOM   298 C CA  . ARG A 1 39 ? -7.683  -0.582  -3.848  1.00 13.47 ? 39  ARG A CA  1 
ATOM   299 C C   . ARG A 1 39 ? -6.422  -1.171  -3.244  1.00 15.26 ? 39  ARG A C   1 
ATOM   300 O O   . ARG A 1 39 ? -5.368  -0.585  -3.288  1.00 15.08 ? 39  ARG A O   1 
ATOM   301 C CB  . ARG A 1 39 ? -7.701  -0.810  -5.333  1.00 14.25 ? 39  ARG A CB  1 
ATOM   302 C CG  . ARG A 1 39 ? -9.112  -0.648  -5.895  1.00 15.95 ? 39  ARG A CG  1 
ATOM   303 C CD  . ARG A 1 39 ? -9.098  -0.496  -7.421  1.00 16.57 ? 39  ARG A CD  1 
ATOM   304 N NE  . ARG A 1 39 ? -10.504 -0.574  -7.842  1.00 19.16 ? 39  ARG A NE  1 
ATOM   305 C CZ  . ARG A 1 39 ? -11.337 0.438   -7.627  1.00 19.58 ? 39  ARG A CZ  1 
ATOM   306 N NH1 . ARG A 1 39 ? -10.902 1.593   -7.146  1.00 21.38 ? 39  ARG A NH1 1 
ATOM   307 N NH2 . ARG A 1 39 ? -12.623 0.321   -7.915  1.00 22.13 ? 39  ARG A NH2 1 
ATOM   308 N N   . ILE A 1 40 ? -6.587  -2.272  -2.536  1.00 13.17 ? 40  ILE A N   1 
ATOM   309 C CA  . ILE A 1 40 ? -5.406  -2.961  -1.955  1.00 13.69 ? 40  ILE A CA  1 
ATOM   310 C C   . ILE A 1 40 ? -5.299  -4.393  -2.529  1.00 12.13 ? 40  ILE A C   1 
ATOM   311 O O   . ILE A 1 40 ? -6.329  -5.150  -2.629  1.00 14.51 ? 40  ILE A O   1 
ATOM   312 C CB  . ILE A 1 40 ? -5.470  -3.057  -0.469  1.00 14.03 ? 40  ILE A CB  1 
ATOM   313 C CG1 . ILE A 1 40 ? -5.622  -1.657  0.193   1.00 14.95 ? 40  ILE A CG1 1 
ATOM   314 C CG2 . ILE A 1 40 ? -4.174  -3.758  0.086   1.00 13.96 ? 40  ILE A CG2 1 
ATOM   315 C CD1 . ILE A 1 40 ? -6.018  -1.704  1.660   1.00 18.13 ? 40  ILE A CD1 1 
ATOM   316 N N   . LEU A 1 41 ? -4.095  -4.731  -2.956  1.00 12.45 ? 41  LEU A N   1 
ATOM   317 C CA  . LEU A 1 41 ? -3.809  -6.084  -3.504  1.00 12.69 ? 41  LEU A CA  1 
ATOM   318 C C   . LEU A 1 41 ? -2.842  -6.725  -2.476  1.00 16.11 ? 41  LEU A C   1 
ATOM   319 O O   . LEU A 1 41 ? -1.799  -6.123  -2.170  1.00 15.38 ? 41  LEU A O   1 
ATOM   320 C CB  . LEU A 1 41 ? -3.174  -5.932  -4.860  1.00 14.91 ? 41  LEU A CB  1 
ATOM   321 C CG  . LEU A 1 41 ? -4.049  -5.480  -6.032  1.00 16.21 ? 41  LEU A CG  1 
ATOM   322 C CD1 . LEU A 1 41 ? -4.626  -4.097  -5.753  1.00 21.30 ? 41  LEU A CD1 1 
ATOM   323 C CD2 . LEU A 1 41 ? -3.158  -5.417  -7.261  1.00 21.86 ? 41  LEU A CD2 1 
ATOM   324 N N   . ILE A 1 42 ? -3.138  -7.922  -1.978  1.00 14.67 ? 42  ILE A N   1 
ATOM   325 C CA  . ILE A 1 42 ? -2.222  -8.574  -1.037  1.00 16.04 ? 42  ILE A CA  1 
ATOM   326 C C   . ILE A 1 42 ? -1.485  -9.683  -1.810  1.00 16.25 ? 42  ILE A C   1 
ATOM   327 O O   . ILE A 1 42 ? -2.109  -10.544 -2.453  1.00 16.64 ? 42  ILE A O   1 
ATOM   328 C CB  . ILE A 1 42 ? -3.010  -9.191  0.152   1.00 17.16 ? 42  ILE A CB  1 
ATOM   329 C CG1 . ILE A 1 42 ? -3.609  -8.085  1.048   1.00 17.33 ? 42  ILE A CG1 1 
ATOM   330 C CG2 . ILE A 1 42 ? -2.082  -10.077 0.971   1.00 18.87 ? 42  ILE A CG2 1 
ATOM   331 C CD1 . ILE A 1 42 ? -4.463  -8.568  2.221   1.00 19.90 ? 42  ILE A CD1 1 
ATOM   332 N N   . ASN A 1 43 ? -0.140  -9.647  -1.733  1.00 15.70 ? 43  ASN A N   1 
ATOM   333 C CA  . ASN A 1 43 ? 0.656   -10.715 -2.314  1.00 17.39 ? 43  ASN A CA  1 
ATOM   334 C C   . ASN A 1 43 ? 1.253   -11.412 -1.173  1.00 18.59 ? 43  ASN A C   1 
ATOM   335 O O   . ASN A 1 43 ? 2.137   -10.843 -0.516  1.00 16.95 ? 43  ASN A O   1 
ATOM   336 C CB  . ASN A 1 43 ? 1.754   -10.154 -3.236  1.00 20.13 ? 43  ASN A CB  1 
ATOM   337 C CG  . ASN A 1 43 ? 2.658   -11.232 -3.790  1.00 25.50 ? 43  ASN A CG  1 
ATOM   338 O OD1 . ASN A 1 43 ? 2.170   -12.297 -4.200  1.00 34.63 ? 43  ASN A OD1 1 
ATOM   339 N ND2 . ASN A 1 43 ? 3.961   -10.968 -3.837  1.00 28.24 ? 43  ASN A ND2 1 
ATOM   340 N N   . GLU A 1 44 ? 0.855   -12.686 -0.953  1.00 18.49 ? 44  GLU A N   1 
ATOM   341 C CA  . GLU A 1 44 ? 1.493   -13.424 0.086   1.00 19.02 ? 44  GLU A CA  1 
ATOM   342 C C   . GLU A 1 44 ? 2.744   -14.174 -0.418  1.00 18.59 ? 44  GLU A C   1 
ATOM   343 O O   . GLU A 1 44 ? 2.751   -14.687 -1.549  1.00 21.46 ? 44  GLU A O   1 
ATOM   344 C CB  . GLU A 1 44 ? 0.587   -14.544 0.615   1.00 23.29 ? 44  GLU A CB  1 
ATOM   345 C CG  . GLU A 1 44 ? -0.546  -14.134 1.465   1.00 26.31 ? 44  GLU A CG  1 
ATOM   346 C CD  . GLU A 1 44 ? -1.136  -15.381 2.146   1.00 26.63 ? 44  GLU A CD  1 
ATOM   347 O OE1 . GLU A 1 44 ? -1.500  -16.324 1.400   1.00 23.88 ? 44  GLU A OE1 1 
ATOM   348 O OE2 . GLU A 1 44 ? -1.233  -15.350 3.371   1.00 27.00 ? 44  GLU A OE2 1 
ATOM   349 N N   . LEU A 1 45 ? 3.793   -14.126 0.385   1.00 17.68 ? 45  LEU A N   1 
ATOM   350 C CA  . LEU A 1 45 ? 5.080   -14.687 0.045   1.00 19.69 ? 45  LEU A CA  1 
ATOM   351 C C   . LEU A 1 45 ? 5.313   -15.903 0.899   1.00 18.64 ? 45  LEU A C   1 
ATOM   352 O O   . LEU A 1 45 ? 5.287   -15.858 2.140   1.00 19.14 ? 45  LEU A O   1 
ATOM   353 C CB  . LEU A 1 45 ? 6.218   -13.669 0.314   1.00 19.86 ? 45  LEU A CB  1 
ATOM   354 C CG  . LEU A 1 45 ? 6.207   -12.368 -0.543  1.00 23.97 ? 45  LEU A CG  1 
ATOM   355 C CD1 . LEU A 1 45 ? 7.183   -11.443 0.144   1.00 27.41 ? 45  LEU A CD1 1 
ATOM   356 C CD2 . LEU A 1 45 ? 6.632   -12.654 -1.972  1.00 25.36 ? 45  LEU A CD2 1 
ATOM   357 N N   . GLY A 1 46 ? 5.640   -16.973 0.197   1.00 19.18 ? 46  GLY A N   1 
ATOM   358 C CA  . GLY A 1 46 ? 6.117   -18.147 0.911   1.00 18.83 ? 46  GLY A CA  1 
ATOM   359 C C   . GLY A 1 46 ? 7.420   -17.884 1.656   1.00 22.18 ? 46  GLY A C   1 
ATOM   360 O O   . GLY A 1 46 ? 8.202   -17.001 1.288   1.00 20.06 ? 46  GLY A O   1 
ATOM   361 N N   . VAL A 1 47 ? 7.690   -18.650 2.731   1.00 22.14 ? 47  VAL A N   1 
ATOM   362 C CA  . VAL A 1 47 ? 8.885   -18.405 3.527   1.00 22.55 ? 47  VAL A CA  1 
ATOM   363 C C   . VAL A 1 47 ? 10.189  -18.639 2.702   1.00 20.51 ? 47  VAL A C   1 
ATOM   364 O O   . VAL A 1 47 ? 11.212  -18.117 3.100   1.00 23.76 ? 47  VAL A O   1 
ATOM   365 C CB  . VAL A 1 47 ? 8.939   -19.288 4.792   1.00 25.62 ? 47  VAL A CB  1 
ATOM   366 C CG1 . VAL A 1 47 ? 7.996   -18.734 5.842   1.00 27.03 ? 47  VAL A CG1 1 
ATOM   367 C CG2 . VAL A 1 47 ? 8.642   -20.762 4.439   1.00 28.27 ? 47  VAL A CG2 1 
ATOM   368 N N   . GLU A 1 48 ? 10.187  -19.435 1.627   1.00 19.96 ? 48  GLU A N   1 
ATOM   369 C CA  . GLU A 1 48 ? 11.368  -19.528 0.739   1.00 20.45 ? 48  GLU A CA  1 
ATOM   370 C C   . GLU A 1 48 ? 11.431  -18.416 -0.337  1.00 18.42 ? 48  GLU A C   1 
ATOM   371 O O   . GLU A 1 48 ? 12.302  -18.475 -1.246  1.00 20.18 ? 48  GLU A O   1 
ATOM   372 C CB  . GLU A 1 48 ? 11.438  -20.888 0.024   1.00 24.97 ? 48  GLU A CB  1 
ATOM   373 C CG  . GLU A 1 48 ? 11.498  -22.049 1.030   1.00 24.00 ? 48  GLU A CG  1 
ATOM   374 C CD  . GLU A 1 48 ? 12.763  -22.078 1.890   1.00 30.27 ? 48  GLU A CD  1 
ATOM   375 O OE1 . GLU A 1 48 ? 13.711  -21.242 1.671   1.00 28.04 ? 48  GLU A OE1 1 
ATOM   376 O OE2 . GLU A 1 48 ? 12.824  -22.971 2.809   1.00 27.28 ? 48  GLU A OE2 1 
ATOM   377 N N   . HIS A 1 49 ? 10.444  -17.487 -0.316  1.00 17.80 ? 49  HIS A N   1 
ATOM   378 C CA  . HIS A 1 49 ? 10.261  -16.477 -1.385  1.00 17.34 ? 49  HIS A CA  1 
ATOM   379 C C   . HIS A 1 49 ? 10.469  -15.058 -0.866  1.00 15.42 ? 49  HIS A C   1 
ATOM   380 O O   . HIS A 1 49 ? 10.075  -14.066 -1.504  1.00 16.23 ? 49  HIS A O   1 
ATOM   381 C CB  . HIS A 1 49 ? 8.880   -16.587 -2.059  1.00 17.24 ? 49  HIS A CB  1 
ATOM   382 C CG  . HIS A 1 49 ? 8.730   -17.845 -2.909  1.00 18.39 ? 49  HIS A CG  1 
ATOM   383 N ND1 . HIS A 1 49 ? 7.525   -18.244 -3.358  1.00 21.14 ? 49  HIS A ND1 1 
ATOM   384 C CD2 . HIS A 1 49 ? 9.656   -18.844 -3.275  1.00 20.69 ? 49  HIS A CD2 1 
ATOM   385 C CE1 . HIS A 1 49 ? 7.658   -19.384 -4.046  1.00 24.11 ? 49  HIS A CE1 1 
ATOM   386 N NE2 . HIS A 1 49 ? 8.960   -19.748 -4.015  1.00 24.09 ? 49  HIS A NE2 1 
ATOM   387 N N   . PHE A 1 50 ? 11.029  -14.971 0.338   1.00 16.20 ? 50  PHE A N   1 
ATOM   388 C CA  . PHE A 1 50 ? 11.396  -13.675 0.847   1.00 16.54 ? 50  PHE A CA  1 
ATOM   389 C C   . PHE A 1 50 ? 12.776  -13.795 1.536   1.00 16.77 ? 50  PHE A C   1 
ATOM   390 O O   . PHE A 1 50 ? 12.969  -14.682 2.408   1.00 17.84 ? 50  PHE A O   1 
ATOM   391 C CB  . PHE A 1 50 ? 10.305  -13.143 1.838   1.00 17.09 ? 50  PHE A CB  1 
ATOM   392 C CG  . PHE A 1 50 ? 10.774  -11.839 2.522   1.00 19.49 ? 50  PHE A CG  1 
ATOM   393 C CD1 . PHE A 1 50 ? 10.932  -10.676 1.745   1.00 22.55 ? 50  PHE A CD1 1 
ATOM   394 C CD2 . PHE A 1 50 ? 11.266  -11.856 3.813   1.00 21.62 ? 50  PHE A CD2 1 
ATOM   395 C CE1 . PHE A 1 50 ? 11.435  -9.490  2.318   1.00 23.11 ? 50  PHE A CE1 1 
ATOM   396 C CE2 . PHE A 1 50 ? 11.742  -10.679 4.411   1.00 22.87 ? 50  PHE A CE2 1 
ATOM   397 C CZ  . PHE A 1 50 ? 11.881  -9.492  3.638   1.00 21.45 ? 50  PHE A CZ  1 
ATOM   398 N N   . SER A 1 51 ? 13.715  -12.933 1.191   1.00 14.96 ? 51  SER A N   1 
ATOM   399 C CA  . SER A 1 51 ? 15.042  -12.990 1.794   1.00 16.38 ? 51  SER A CA  1 
ATOM   400 C C   . SER A 1 51 ? 15.479  -11.633 2.308   1.00 15.92 ? 51  SER A C   1 
ATOM   401 O O   . SER A 1 51 ? 15.110  -10.571 1.717   1.00 14.91 ? 51  SER A O   1 
ATOM   402 C CB  . SER A 1 51 ? 16.038  -13.514 0.767   1.00 16.46 ? 51  SER A CB  1 
ATOM   403 O OG  . SER A 1 51 ? 16.367  -12.569 -0.202  1.00 19.91 ? 51  SER A OG  1 
ATOM   404 N N   . VAL A 1 52 ? 16.333  -11.599 3.356   1.00 15.46 ? 52  VAL A N   1 
ATOM   405 C CA  . VAL A 1 52 ? 17.065  -10.391 3.831   1.00 15.22 ? 52  VAL A CA  1 
ATOM   406 C C   . VAL A 1 52 ? 18.494  -10.865 3.978   1.00 14.62 ? 52  VAL A C   1 
ATOM   407 O O   . VAL A 1 52 ? 18.735  -11.959 4.560   1.00 16.74 ? 52  VAL A O   1 
ATOM   408 C CB  . VAL A 1 52 ? 16.546  -9.945  5.207   1.00 15.98 ? 52  VAL A CB  1 
ATOM   409 C CG1 . VAL A 1 52 ? 17.310  -8.706  5.677   1.00 18.58 ? 52  VAL A CG1 1 
ATOM   410 C CG2 . VAL A 1 52 ? 15.066  -9.671  5.114   1.00 18.33 ? 52  VAL A CG2 1 
ATOM   411 N N   . ALA A 1 53 ? 19.434  -10.089 3.520   1.00 15.61 ? 53  ALA A N   1 
ATOM   412 C CA  . ALA A 1 53 ? 20.849  -10.467 3.548   1.00 17.03 ? 53  ALA A CA  1 
ATOM   413 C C   . ALA A 1 53 ? 21.081  -11.860 3.020   1.00 18.69 ? 53  ALA A C   1 
ATOM   414 O O   . ALA A 1 53 ? 21.977  -12.617 3.516   1.00 20.24 ? 53  ALA A O   1 
ATOM   415 C CB  . ALA A 1 53 ? 21.360  -10.339 4.998   1.00 17.89 ? 53  ALA A CB  1 
ATOM   416 N N   . GLY A 1 54 ? 20.327  -12.237 1.959   1.00 15.43 ? 54  GLY A N   1 
ATOM   417 C CA  . GLY A 1 54 ? 20.713  -13.451 1.236   1.00 15.45 ? 54  GLY A CA  1 
ATOM   418 C C   . GLY A 1 54 ? 20.222  -14.699 1.942   1.00 20.22 ? 54  GLY A C   1 
ATOM   419 O O   . GLY A 1 54 ? 20.509  -15.743 1.460   1.00 21.20 ? 54  GLY A O   1 
ATOM   420 N N   . GLN A 1 55 ? 19.456  -14.571 3.004   1.00 19.11 ? 55  GLN A N   1 
ATOM   421 C CA  . GLN A 1 55 ? 18.759  -15.771 3.693   1.00 20.18 ? 55  GLN A CA  1 
ATOM   422 C C   . GLN A 1 55 ? 17.294  -15.665 3.598   1.00 18.97 ? 55  GLN A C   1 
ATOM   423 O O   . GLN A 1 55 ? 16.736  -14.640 4.011   1.00 19.87 ? 55  GLN A O   1 
ATOM   424 C CB  . GLN A 1 55 ? 18.964  -15.740 5.205   1.00 27.58 ? 55  GLN A CB  1 
ATOM   425 C CG  . GLN A 1 55 ? 20.211  -15.100 5.713   1.00 37.59 ? 55  GLN A CG  1 
ATOM   426 C CD  . GLN A 1 55 ? 21.344  -16.095 5.889   1.00 47.93 ? 55  GLN A CD  1 
ATOM   427 O OE1 . GLN A 1 55 ? 21.380  -17.169 5.266   1.00 46.25 ? 55  GLN A OE1 1 
ATOM   428 N NE2 . GLN A 1 55 ? 22.290  -15.739 6.753   1.00 49.54 ? 55  GLN A NE2 1 
ATOM   429 N N   . THR A 1 56 ? 16.625  -16.766 3.243   1.00 20.96 ? 56  THR A N   1 
ATOM   430 C CA  . THR A 1 56 ? 15.175  -16.738 3.145   1.00 19.94 ? 56  THR A CA  1 
ATOM   431 C C   . THR A 1 56 ? 14.586  -16.692 4.550   1.00 23.99 ? 56  THR A C   1 
ATOM   432 O O   . THR A 1 56 ? 15.270  -16.993 5.512   1.00 24.41 ? 56  THR A O   1 
ATOM   433 C CB  . THR A 1 56 ? 14.602  -17.939 2.407   1.00 21.04 ? 56  THR A CB  1 
ATOM   434 O OG1 . THR A 1 56 ? 14.972  -19.111 3.148   1.00 21.02 ? 56  THR A OG1 1 
ATOM   435 C CG2 . THR A 1 56 ? 15.042  -17.985 0.927   1.00 21.31 ? 56  THR A CG2 1 
ATOM   436 N N   . ALA A 1 57 ? 13.307  -16.277 4.651   1.00 25.33 ? 57  ALA A N   1 
ATOM   437 C CA  . ALA A 1 57 ? 12.598  -16.277 5.953   1.00 24.86 ? 57  ALA A CA  1 
ATOM   438 C C   . ALA A 1 57 ? 12.684  -17.663 6.627   1.00 29.77 ? 57  ALA A C   1 
ATOM   439 O O   . ALA A 1 57 ? 12.865  -17.732 7.845   1.00 28.72 ? 57  ALA A O   1 
ATOM   440 C CB  . ALA A 1 57 ? 11.171  -15.838 5.759   1.00 22.02 ? 57  ALA A CB  1 
ATOM   441 N N   . ALA A 1 58 ? 12.588  -18.721 5.825   1.00 28.38 ? 58  ALA A N   1 
ATOM   442 C CA  . ALA A 1 58 ? 12.636  -20.106 6.306   1.00 28.61 ? 58  ALA A CA  1 
ATOM   443 C C   . ALA A 1 58 ? 13.948  -20.331 7.026   1.00 33.73 ? 58  ALA A C   1 
ATOM   444 O O   . ALA A 1 58 ? 13.952  -20.832 8.157   1.00 37.04 ? 58  ALA A O   1 
ATOM   445 C CB  . ALA A 1 58 ? 12.496  -21.099 5.150   1.00 27.75 ? 58  ALA A CB  1 
ATOM   446 N N   . MET A 1 59 ? 15.040  -19.869 6.406   1.00 29.48 ? 59  MET A N   1 
ATOM   447 C CA  . MET A 1 59 ? 16.397  -20.063 6.951   1.00 27.79 ? 59  MET A CA  1 
ATOM   448 C C   . MET A 1 59 ? 16.602  -19.249 8.233   1.00 30.43 ? 59  MET A C   1 
ATOM   449 O O   . MET A 1 59 ? 17.286  -19.715 9.170   1.00 32.44 ? 59  MET A O   1 
ATOM   450 C CB  . MET A 1 59 ? 17.496  -19.689 5.899   1.00 28.54 ? 59  MET A CB  1 
ATOM   451 C CG  . MET A 1 59 ? 17.411  -20.504 4.594   1.00 25.80 ? 59  MET A CG  1 
ATOM   452 S SD  . MET A 1 59 ? 18.387  -19.756 3.221   1.00 29.07 ? 59  MET A SD  1 
ATOM   453 C CE  . MET A 1 59 ? 20.024  -19.620 3.909   1.00 34.06 ? 59  MET A CE  1 
ATOM   454 N N   . ARG A 1 60 ? 16.054  -18.036 8.255   1.00 30.05 ? 60  ARG A N   1 
ATOM   455 C CA  . ARG A 1 60 ? 16.181  -17.147 9.415   1.00 36.30 ? 60  ARG A CA  1 
ATOM   456 C C   . ARG A 1 60 ? 15.445  -17.745 10.641  1.00 40.04 ? 60  ARG A C   1 
ATOM   457 O O   . ARG A 1 60 ? 15.910  -17.631 11.781  1.00 36.62 ? 60  ARG A O   1 
ATOM   458 C CB  . ARG A 1 60 ? 15.615  -15.775 9.067   1.00 39.76 ? 60  ARG A CB  1 
ATOM   459 C CG  . ARG A 1 60 ? 16.556  -14.933 8.201   1.00 41.35 ? 60  ARG A CG  1 
ATOM   460 C CD  . ARG A 1 60 ? 15.829  -13.981 7.230   1.00 49.61 ? 60  ARG A CD  1 
ATOM   461 N NE  . ARG A 1 60 ? 14.533  -13.513 7.747   1.00 62.13 ? 60  ARG A NE  1 
ATOM   462 C CZ  . ARG A 1 60 ? 13.486  -13.203 6.978   1.00 63.28 ? 60  ARG A CZ  1 
ATOM   463 N NH1 . ARG A 1 60 ? 13.611  -13.324 5.653   1.00 64.60 ? 60  ARG A NH1 1 
ATOM   464 N NH2 . ARG A 1 60 ? 12.325  -12.791 7.517   1.00 52.71 ? 60  ARG A NH2 1 
ATOM   465 N N   . GLN A 1 61 ? 14.318  -18.397 10.377  1.00 40.97 ? 61  GLN A N   1 
ATOM   466 C CA  . GLN A 1 61 ? 13.456  -19.025 11.402  1.00 44.95 ? 61  GLN A CA  1 
ATOM   467 C C   . GLN A 1 61 ? 14.062  -20.245 12.099  1.00 46.46 ? 61  GLN A C   1 
ATOM   468 O O   . GLN A 1 61 ? 14.813  -21.014 11.495  1.00 44.57 ? 61  GLN A O   1 
ATOM   469 C CB  . GLN A 1 61 ? 12.093  -19.385 10.782  1.00 46.45 ? 61  GLN A CB  1 
ATOM   470 C CG  . GLN A 1 61 ? 11.088  -18.227 10.860  1.00 58.74 ? 61  GLN A CG  1 
ATOM   471 C CD  . GLN A 1 61 ? 9.897   -18.369 9.908   1.00 64.99 ? 61  GLN A CD  1 
ATOM   472 O OE1 . GLN A 1 61 ? 9.388   -19.476 9.695   1.00 61.17 ? 61  GLN A OE1 1 
ATOM   473 N NE2 . GLN A 1 61 ? 9.448   -17.238 9.325   1.00 60.99 ? 61  GLN A NE2 1 
ATOM   474 N N   . PRO B 1 1  ? 6.537   -6.341  6.227   1.00 19.49 ? 1   PRO B N   1 
ATOM   475 C CA  . PRO B 1 1  ? 5.689   -6.091  5.062   1.00 17.67 ? 1   PRO B CA  1 
ATOM   476 C C   . PRO B 1 1  ? 6.305   -5.038  4.173   1.00 17.88 ? 1   PRO B C   1 
ATOM   477 O O   . PRO B 1 1  ? 6.853   -4.067  4.665   1.00 18.33 ? 1   PRO B O   1 
ATOM   478 C CB  . PRO B 1 1  ? 4.325   -5.696  5.705   1.00 19.37 ? 1   PRO B CB  1 
ATOM   479 C CG  . PRO B 1 1  ? 4.331   -6.522  6.981   1.00 18.81 ? 1   PRO B CG  1 
ATOM   480 C CD  . PRO B 1 1  ? 5.737   -6.466  7.466   1.00 21.82 ? 1   PRO B CD  1 
ATOM   481 N N   . ILE B 1 2  ? 6.192   -5.238  2.883   1.00 16.15 ? 2   ILE B N   1 
ATOM   482 C CA  . ILE B 1 2  ? 6.643   -4.178  1.905   1.00 16.68 ? 2   ILE B CA  1 
ATOM   483 C C   . ILE B 1 2  ? 5.450   -3.684  1.116   1.00 18.39 ? 2   ILE B C   1 
ATOM   484 O O   . ILE B 1 2  ? 4.751   -4.527  0.467   1.00 21.18 ? 2   ILE B O   1 
ATOM   485 C CB  . ILE B 1 2  ? 7.636   -4.780  0.951   1.00 19.44 ? 2   ILE B CB  1 
ATOM   486 C CG1 . ILE B 1 2  ? 8.894   -5.098  1.793   1.00 19.57 ? 2   ILE B CG1 1 
ATOM   487 C CG2 . ILE B 1 2  ? 7.964   -3.797  -0.187  1.00 23.19 ? 2   ILE B CG2 1 
ATOM   488 C CD1 . ILE B 1 2  ? 9.909   -6.044  1.175   1.00 23.36 ? 2   ILE B CD1 1 
ATOM   489 N N   . ILE B 1 3  ? 5.190   -2.372  1.160   1.00 16.58 ? 3   ILE B N   1 
ATOM   490 C CA  . ILE B 1 3  ? 3.935   -1.796  0.606   1.00 15.28 ? 3   ILE B CA  1 
ATOM   491 C C   . ILE B 1 3  ? 4.351   -0.913  -0.565  1.00 15.83 ? 3   ILE B C   1 
ATOM   492 O O   . ILE B 1 3  ? 5.218   -0.075  -0.391  1.00 14.74 ? 3   ILE B O   1 
ATOM   493 C CB  . ILE B 1 3  ? 3.208   -1.033  1.681   1.00 18.95 ? 3   ILE B CB  1 
ATOM   494 C CG1 . ILE B 1 3  ? 2.806   -2.086  2.762   1.00 24.92 ? 3   ILE B CG1 1 
ATOM   495 C CG2 . ILE B 1 3  ? 2.061   -0.217  1.030   1.00 18.51 ? 3   ILE B CG2 1 
ATOM   496 C CD1 . ILE B 1 3  ? 2.425   -1.411  4.007   1.00 28.92 ? 3   ILE B CD1 1 
ATOM   497 N N   . GLN B 1 4  ? 3.795   -1.131  -1.763  1.00 15.16 ? 4   GLN B N   1 
ATOM   498 C CA  . GLN B 1 4  ? 3.942   -0.149  -2.851  1.00 16.55 ? 4   GLN B CA  1 
ATOM   499 C C   . GLN B 1 4  ? 2.641   0.639   -3.014  1.00 15.82 ? 4   GLN B C   1 
ATOM   500 O O   . GLN B 1 4  ? 1.604   0.066   -3.097  1.00 18.38 ? 4   GLN B O   1 
ATOM   501 C CB  . GLN B 1 4  ? 4.317   -0.789  -4.185  1.00 21.97 ? 4   GLN B CB  1 
ATOM   502 C CG  . GLN B 1 4  ? 5.678   -1.477  -4.093  1.00 28.85 ? 4   GLN B CG  1 
ATOM   503 C CD  . GLN B 1 4  ? 5.818   -2.731  -4.964  1.00 37.78 ? 4   GLN B CD  1 
ATOM   504 O OE1 . GLN B 1 4  ? 5.270   -3.824  -4.641  1.00 40.34 ? 4   GLN B OE1 1 
ATOM   505 N NE2 . GLN B 1 4  ? 6.591   -2.588  -6.049  1.00 38.40 ? 4   GLN B NE2 1 
ATOM   506 N N   . MET B 1 5  ? 2.732   1.955   -2.944  1.00 13.62 ? 5   MET B N   1 
ATOM   507 C CA  . MET B 1 5  ? 1.547   2.793   -3.084  1.00 13.30 ? 5   MET B CA  1 
ATOM   508 C C   . MET B 1 5  ? 1.701   3.560   -4.384  1.00 13.96 ? 5   MET B C   1 
ATOM   509 O O   . MET B 1 5  ? 2.604   4.345   -4.546  1.00 16.28 ? 5   MET B O   1 
ATOM   510 C CB  . MET B 1 5  ? 1.426   3.684   -1.858  1.00 14.60 ? 5   MET B CB  1 
ATOM   511 C CG  . MET B 1 5  ? 0.297   4.683   -2.191  1.00 17.61 ? 5   MET B CG  1 
ATOM   512 S SD  . MET B 1 5  ? -0.330  5.481   -0.689  1.00 24.27 ? 5   MET B SD  1 
ATOM   513 C CE  . MET B 1 5  ? 1.051   6.393   -0.193  1.00 21.07 ? 5   MET B CE  1 
ATOM   514 N N   . ASN B 1 6  ? 0.738   3.353   -5.291  1.00 13.71 ? 6   ASN B N   1 
ATOM   515 C CA  . ASN B 1 6  ? 0.710   4.065   -6.596  1.00 13.92 ? 6   ASN B CA  1 
ATOM   516 C C   . ASN B 1 6  ? -0.362  5.155   -6.462  1.00 15.60 ? 6   ASN B C   1 
ATOM   517 O O   . ASN B 1 6  ? -1.525  4.843   -6.090  1.00 17.35 ? 6   ASN B O   1 
ATOM   518 C CB  . ASN B 1 6  ? 0.322   3.050   -7.685  1.00 16.80 ? 6   ASN B CB  1 
ATOM   519 C CG  . ASN B 1 6  ? 1.253   1.827   -7.722  1.00 20.33 ? 6   ASN B CG  1 
ATOM   520 O OD1 . ASN B 1 6  ? 2.314   1.857   -8.302  1.00 23.05 ? 6   ASN B OD1 1 
ATOM   521 N ND2 . ASN B 1 6  ? 0.857   0.741   -7.045  1.00 20.84 ? 6   ASN B ND2 1 
ATOM   522 N N   . LEU B 1 7  ? 0.067   6.393   -6.716  1.00 14.82 ? 7   LEU B N   1 
ATOM   523 C CA  . LEU B 1 7  ? -0.731  7.617   -6.511  1.00 17.95 ? 7   LEU B CA  1 
ATOM   524 C C   . LEU B 1 7  ? -0.618  8.387   -7.756  1.00 17.89 ? 7   LEU B C   1 
ATOM   525 O O   . LEU B 1 7  ? 0.471   8.447   -8.318  1.00 18.00 ? 7   LEU B O   1 
ATOM   526 C CB  . LEU B 1 7  ? -0.071  8.645   -5.479  1.00 24.62 ? 7   LEU B CB  1 
ATOM   527 C CG  . LEU B 1 7  ? 0.207   8.252   -4.066  1.00 36.14 ? 7   LEU B CG  1 
ATOM   528 C CD1 . LEU B 1 7  ? 0.634   9.450   -3.264  1.00 34.55 ? 7   LEU B CD1 1 
ATOM   529 C CD2 . LEU B 1 7  ? -1.147  7.819   -3.543  1.00 40.63 ? 7   LEU B CD2 1 
ATOM   530 N N   . LEU B 1 8  ? -1.678  9.132   -8.121  1.00 19.68 ? 8   LEU B N   1 
ATOM   531 C CA  . LEU B 1 8  ? -1.481  10.219  -9.108  1.00 18.86 ? 8   LEU B CA  1 
ATOM   532 C C   . LEU B 1 8  ? -0.550  11.334  -8.594  1.00 17.44 ? 8   LEU B C   1 
ATOM   533 O O   . LEU B 1 8  ? -0.546  11.620  -7.374  1.00 21.44 ? 8   LEU B O   1 
ATOM   534 C CB  . LEU B 1 8  ? -2.809  10.896  -9.490  1.00 23.24 ? 8   LEU B CB  1 
ATOM   535 C CG  . LEU B 1 8  ? -3.780  10.062  -10.225 1.00 22.64 ? 8   LEU B CG  1 
ATOM   536 C CD1 . LEU B 1 8  ? -5.082  10.869  -10.407 1.00 25.89 ? 8   LEU B CD1 1 
ATOM   537 C CD2 . LEU B 1 8  ? -3.178  9.822   -11.596 1.00 23.97 ? 8   LEU B CD2 1 
ATOM   538 N N   . GLU B 1 9  ? 0.231   11.930  -9.484  1.00 19.20 ? 9   GLU B N   1 
ATOM   539 C CA  . GLU B 1 9  ? 1.158   13.111  -9.261  1.00 21.89 ? 9   GLU B CA  1 
ATOM   540 C C   . GLU B 1 9  ? 0.439   14.251  -8.628  1.00 24.69 ? 9   GLU B C   1 
ATOM   541 O O   . GLU B 1 9  ? -0.776  14.390  -8.766  1.00 25.50 ? 9   GLU B O   1 
ATOM   542 C CB  . GLU B 1 9  ? 1.769   13.660  -10.554 1.00 25.44 ? 9   GLU B CB  1 
ATOM   543 C CG  . GLU B 1 9  ? 2.873   12.807  -11.150 1.00 33.79 ? 9   GLU B CG  1 
ATOM   544 C CD  . GLU B 1 9  ? 3.497   13.374  -12.391 1.00 39.51 ? 9   GLU B CD  1 
ATOM   545 O OE1 . GLU B 1 9  ? 2.948   14.331  -12.958 1.00 32.49 ? 9   GLU B OE1 1 
ATOM   546 O OE2 . GLU B 1 9  ? 4.566   12.843  -12.799 1.00 42.68 ? 9   GLU B OE2 1 
ATOM   547 N N   . GLY B 1 10 ? 1.229   15.086  -7.940  1.00 30.20 ? 10  GLY B N   1 
ATOM   548 C CA  . GLY B 1 10 ? 0.685   16.379  -7.519  1.00 31.05 ? 10  GLY B CA  1 
ATOM   549 C C   . GLY B 1 10 ? 0.458   16.594  -6.054  1.00 31.86 ? 10  GLY B C   1 
ATOM   550 O O   . GLY B 1 10 ? 0.273   17.743  -5.664  1.00 30.37 ? 10  GLY B O   1 
ATOM   551 N N   . ARG B 1 11 ? 0.490   15.531  -5.235  1.00 27.94 ? 11  ARG B N   1 
ATOM   552 C CA  . ARG B 1 11 ? 0.315   15.655  -3.739  1.00 26.13 ? 11  ARG B CA  1 
ATOM   553 C C   . ARG B 1 11 ? 1.463   16.313  -3.028  1.00 25.48 ? 11  ARG B C   1 
ATOM   554 O O   . ARG B 1 11 ? 2.622   16.199  -3.448  1.00 26.26 ? 11  ARG B O   1 
ATOM   555 C CB  . ARG B 1 11 ? 0.111   14.296  -3.129  1.00 30.43 ? 11  ARG B CB  1 
ATOM   556 C CG  . ARG B 1 11 ? -1.037  13.706  -3.860  1.00 33.48 ? 11  ARG B CG  1 
ATOM   557 C CD  . ARG B 1 11 ? -1.764  12.919  -2.888  1.00 32.20 ? 11  ARG B CD  1 
ATOM   558 N NE  . ARG B 1 11 ? -2.998  12.395  -3.450  1.00 31.82 ? 11  ARG B NE  1 
ATOM   559 C CZ  . ARG B 1 11 ? -4.203  12.731  -3.008  1.00 34.44 ? 11  ARG B CZ  1 
ATOM   560 N NH1 . ARG B 1 11 ? -4.355  13.666  -2.046  1.00 36.86 ? 11  ARG B NH1 1 
ATOM   561 N NH2 . ARG B 1 11 ? -5.267  12.154  -3.555  1.00 32.61 ? 11  ARG B NH2 1 
ATOM   562 N N   . THR B 1 12 ? 1.126   16.997  -1.939  1.00 23.15 ? 12  THR B N   1 
ATOM   563 C CA  . THR B 1 12 ? 2.162   17.765  -1.232  1.00 25.74 ? 12  THR B CA  1 
ATOM   564 C C   . THR B 1 12 ? 2.958   16.754  -0.357  1.00 22.68 ? 12  THR B C   1 
ATOM   565 O O   . THR B 1 12 ? 2.437   15.654  -0.004  1.00 22.89 ? 12  THR B O   1 
ATOM   566 C CB  . THR B 1 12 ? 1.636   19.133  -0.611  1.00 34.09 ? 12  THR B CB  1 
ATOM   567 O OG1 . THR B 1 12 ? 0.338   18.905  -0.076  1.00 47.65 ? 12  THR B OG1 1 
ATOM   568 C CG2 . THR B 1 12 ? 1.492   20.529  -1.724  1.00 25.28 ? 12  THR B CG2 1 
ATOM   569 N N   . VAL B 1 13 ? 4.214   17.047  -0.147  1.00 21.49 ? 13  VAL B N   1 
ATOM   570 C CA  . VAL B 1 13 ? 5.111   16.255  0.657   1.00 22.43 ? 13  VAL B CA  1 
ATOM   571 C C   . VAL B 1 13 ? 4.459   15.941  1.991   1.00 21.59 ? 13  VAL B C   1 
ATOM   572 O O   . VAL B 1 13 ? 4.609   14.815  2.483   1.00 20.64 ? 13  VAL B O   1 
ATOM   573 C CB  . VAL B 1 13 ? 6.483   16.998  0.851   1.00 24.11 ? 13  VAL B CB  1 
ATOM   574 C CG1 . VAL B 1 13 ? 7.208   16.459  2.061   1.00 25.03 ? 13  VAL B CG1 1 
ATOM   575 C CG2 . VAL B 1 13 ? 7.351   16.722  -0.358  1.00 29.02 ? 13  VAL B CG2 1 
ATOM   576 N N   . GLU B 1 14 ? 3.816   16.930  2.619   1.00 20.92 ? 14  GLU B N   1 
ATOM   577 C CA  . GLU B 1 14 ? 3.150   16.665  3.923   1.00 23.94 ? 14  GLU B CA  1 
ATOM   578 C C   . GLU B 1 14 ? 2.135   15.564  3.859   1.00 21.77 ? 14  GLU B C   1 
ATOM   579 O O   . GLU B 1 14 ? 2.109   14.730  4.775   1.00 23.16 ? 14  GLU B O   1 
ATOM   580 C CB  . GLU B 1 14 ? 2.402   17.878  4.464   1.00 27.42 ? 14  GLU B CB  1 
ATOM   581 C CG  . GLU B 1 14 ? 3.285   18.888  5.139   1.00 34.47 ? 14  GLU B CG  1 
ATOM   582 C CD  . GLU B 1 14 ? 3.912   19.895  4.166   1.00 37.08 ? 14  GLU B CD  1 
ATOM   583 O OE1 . GLU B 1 14 ? 3.637   19.856  2.934   1.00 31.49 ? 14  GLU B OE1 1 
ATOM   584 O OE2 . GLU B 1 14 ? 4.743   20.687  4.663   1.00 38.31 ? 14  GLU B OE2 1 
ATOM   585 N N   . GLN B 1 15 ? 1.328   15.516  2.809   1.00 20.45 ? 15  GLN B N   1 
ATOM   586 C CA  . GLN B 1 15 ? 0.304   14.483  2.713   1.00 19.85 ? 15  GLN B CA  1 
ATOM   587 C C   . GLN B 1 15 ? 0.961   13.126  2.517   1.00 17.95 ? 15  GLN B C   1 
ATOM   588 O O   . GLN B 1 15 ? 0.566   12.140  3.127   1.00 19.26 ? 15  GLN B O   1 
ATOM   589 C CB  . GLN B 1 15 ? -0.585  14.730  1.480   1.00 23.12 ? 15  GLN B CB  1 
ATOM   590 C CG  . GLN B 1 15 ? -1.710  15.654  1.726   1.00 30.23 ? 15  GLN B CG  1 
ATOM   591 C CD  . GLN B 1 15 ? -2.464  15.947  0.443   1.00 37.20 ? 15  GLN B CD  1 
ATOM   592 O OE1 . GLN B 1 15 ? -1.861  16.363  -0.572  1.00 43.43 ? 15  GLN B OE1 1 
ATOM   593 N NE2 . GLN B 1 15 ? -3.777  15.709  0.467   1.00 33.95 ? 15  GLN B NE2 1 
ATOM   594 N N   . LYS B 1 16 ? 1.990   13.072  1.682   1.00 20.83 ? 16  LYS B N   1 
ATOM   595 C CA  . LYS B 1 16 ? 2.752   11.794  1.468   1.00 18.35 ? 16  LYS B CA  1 
ATOM   596 C C   . LYS B 1 16 ? 3.333   11.358  2.822   1.00 17.79 ? 16  LYS B C   1 
ATOM   597 O O   . LYS B 1 16 ? 3.314   10.162  3.163   1.00 17.26 ? 16  LYS B O   1 
ATOM   598 C CB  . LYS B 1 16 ? 3.861   12.005  0.410   1.00 17.89 ? 16  LYS B CB  1 
ATOM   599 C CG  . LYS B 1 16 ? 3.321   12.188  -1.024  1.00 23.50 ? 16  LYS B CG  1 
ATOM   600 C CD  . LYS B 1 16 ? 4.493   12.727  -1.823  1.00 24.22 ? 16  LYS B CD  1 
ATOM   601 C CE  . LYS B 1 16 ? 4.186   12.931  -3.273  1.00 23.54 ? 16  LYS B CE  1 
ATOM   602 N NZ  . LYS B 1 16 ? 5.444   13.315  -3.949  1.00 21.20 ? 16  LYS B NZ  1 
ATOM   603 N N   . ARG B 1 17 ? 3.935   12.280  3.593   1.00 17.47 ? 17  ARG B N   1 
ATOM   604 C CA  . ARG B 1 17 ? 4.550   11.923  4.890   1.00 15.29 ? 17  ARG B CA  1 
ATOM   605 C C   . ARG B 1 17 ? 3.463   11.444  5.860   1.00 15.00 ? 17  ARG B C   1 
ATOM   606 O O   . ARG B 1 17 ? 3.669   10.427  6.571   1.00 15.85 ? 17  ARG B O   1 
ATOM   607 C CB  . ARG B 1 17 ? 5.249   13.142  5.484   1.00 18.08 ? 17  ARG B CB  1 
ATOM   608 C CG  . ARG B 1 17 ? 6.611   13.436  4.784   1.00 20.36 ? 17  ARG B CG  1 
ATOM   609 C CD  . ARG B 1 17 ? 7.272   14.563  5.577   1.00 20.99 ? 17  ARG B CD  1 
ATOM   610 N NE  . ARG B 1 17 ? 8.341   15.100  4.763   1.00 27.82 ? 17  ARG B NE  1 
ATOM   611 C CZ  . ARG B 1 17 ? 8.748   16.388  4.891   1.00 35.05 ? 17  ARG B CZ  1 
ATOM   612 N NH1 . ARG B 1 17 ? 8.165   17.194  5.810   1.00 30.77 ? 17  ARG B NH1 1 
ATOM   613 N NH2 . ARG B 1 17 ? 9.699   16.895  4.083   1.00 31.05 ? 17  ARG B NH2 1 
ATOM   614 N N   . ASN B 1 18 ? 2.323   12.118  5.884   1.00 16.24 ? 18  ASN B N   1 
ATOM   615 C CA  . ASN B 1 18 ? 1.233   11.637  6.780   1.00 16.23 ? 18  ASN B CA  1 
ATOM   616 C C   . ASN B 1 18 ? 0.725   10.269  6.345   1.00 16.18 ? 18  ASN B C   1 
ATOM   617 O O   . ASN B 1 18 ? 0.522   9.435   7.213   1.00 16.47 ? 18  ASN B O   1 
ATOM   618 C CB  . ASN B 1 18 ? 0.054   12.633  6.819   1.00 18.38 ? 18  ASN B CB  1 
ATOM   619 C CG  . ASN B 1 18 ? 0.470   13.978  7.447   1.00 20.25 ? 18  ASN B CG  1 
ATOM   620 O OD1 . ASN B 1 18 ? 1.374   14.042  8.284   1.00 24.51 ? 18  ASN B OD1 1 
ATOM   621 N ND2 . ASN B 1 18 ? -0.276  15.084  7.068   1.00 22.55 ? 18  ASN B ND2 1 
ATOM   622 N N   . ALA B 1 19 ? 0.574   10.053  5.026   1.00 15.08 ? 19  ALA B N   1 
ATOM   623 C CA  . ALA B 1 19 ? 0.166   8.701   4.572   1.00 13.92 ? 19  ALA B CA  1 
ATOM   624 C C   . ALA B 1 19 ? 1.157   7.622   4.986   1.00 13.51 ? 19  ALA B C   1 
ATOM   625 O O   . ALA B 1 19 ? 0.741   6.555   5.399   1.00 14.55 ? 19  ALA B O   1 
ATOM   626 C CB  . ALA B 1 19 ? -0.032  8.753   3.034   1.00 13.92 ? 19  ALA B CB  1 
ATOM   627 N N   . VAL B 1 20 ? 2.428   7.863   4.799   1.00 14.56 ? 20  VAL B N   1 
ATOM   628 C CA  . VAL B 1 20 ? 3.462   6.885   5.135   1.00 14.48 ? 20  VAL B CA  1 
ATOM   629 C C   . VAL B 1 20 ? 3.398   6.575   6.665   1.00 13.89 ? 20  VAL B C   1 
ATOM   630 O O   . VAL B 1 20 ? 3.460   5.410   7.082   1.00 15.80 ? 20  VAL B O   1 
ATOM   631 C CB  . VAL B 1 20 ? 4.854   7.540   4.745   1.00 19.15 ? 20  VAL B CB  1 
ATOM   632 C CG1 . VAL B 1 20 ? 6.020   6.995   5.588   1.00 21.06 ? 20  VAL B CG1 1 
ATOM   633 C CG2 . VAL B 1 20 ? 4.992   7.402   3.196   1.00 22.33 ? 20  VAL B CG2 1 
ATOM   634 N N   . ALA B 1 21 ? 3.264   7.571   7.513   1.00 13.90 ? 21  ALA B N   1 
ATOM   635 C CA  . ALA B 1 21 ? 3.114   7.270   8.934   1.00 14.24 ? 21  ALA B CA  1 
ATOM   636 C C   . ALA B 1 21 ? 1.845   6.528   9.300   1.00 14.42 ? 21  ALA B C   1 
ATOM   637 O O   . ALA B 1 21 ? 1.927   5.577   10.069  1.00 14.44 ? 21  ALA B O   1 
ATOM   638 C CB  . ALA B 1 21 ? 3.174   8.621   9.703   1.00 14.70 ? 21  ALA B CB  1 
ATOM   639 N N   . ALA B 1 22 ? 0.712   6.911   8.696   1.00 14.33 ? 22  ALA B N   1 
ATOM   640 C CA  . ALA B 1 22 ? -0.554  6.316   9.008   1.00 13.45 ? 22  ALA B CA  1 
ATOM   641 C C   . ALA B 1 22 ? -0.628  4.895   8.488   1.00 13.37 ? 22  ALA B C   1 
ATOM   642 O O   . ALA B 1 22 ? -1.071  3.988   9.194   1.00 14.45 ? 22  ALA B O   1 
ATOM   643 C CB  . ALA B 1 22 ? -1.653  7.213   8.439   1.00 14.10 ? 22  ALA B CB  1 
ATOM   644 N N   . ILE B 1 23 ? -0.127  4.688   7.268   1.00 12.58 ? 23  ILE B N   1 
ATOM   645 C CA  . ILE B 1 23 ? -0.124  3.297   6.724   1.00 13.39 ? 23  ILE B CA  1 
ATOM   646 C C   . ILE B 1 23 ? 0.763   2.404   7.571   1.00 13.49 ? 23  ILE B C   1 
ATOM   647 O O   . ILE B 1 23 ? 0.423   1.253   7.882   1.00 13.62 ? 23  ILE B O   1 
ATOM   648 C CB  . ILE B 1 23 ? 0.284   3.266   5.204   1.00 11.52 ? 23  ILE B CB  1 
ATOM   649 C CG1 . ILE B 1 23 ? -0.819  3.945   4.385   1.00 14.24 ? 23  ILE B CG1 1 
ATOM   650 C CG2 . ILE B 1 23 ? 0.532   1.818   4.716   1.00 14.23 ? 23  ILE B CG2 1 
ATOM   651 C CD1 . ILE B 1 23 ? -0.396  4.294   2.939   1.00 15.04 ? 23  ILE B CD1 1 
ATOM   652 N N   . THR B 1 24 ? 1.930   2.898   7.938   1.00 13.19 ? 24  THR B N   1 
ATOM   653 C CA  . THR B 1 24 ? 2.872   2.090   8.745   1.00 13.92 ? 24  THR B CA  1 
ATOM   654 C C   . THR B 1 24 ? 2.237   1.660   10.050  1.00 12.53 ? 24  THR B C   1 
ATOM   655 O O   . THR B 1 24 ? 2.240   0.493   10.355  1.00 14.22 ? 24  THR B O   1 
ATOM   656 C CB  . THR B 1 24 ? 4.158   2.893   9.004   1.00 14.32 ? 24  THR B CB  1 
ATOM   657 O OG1 . THR B 1 24 ? 4.798   3.117   7.693   1.00 16.07 ? 24  THR B OG1 1 
ATOM   658 C CG2 . THR B 1 24 ? 5.138   2.094   9.835   1.00 14.09 ? 24  THR B CG2 1 
ATOM   659 N N   . GLU B 1 25 ? 1.647   2.619   10.765  1.00 13.44 ? 25  GLU B N   1 
ATOM   660 C CA  . GLU B 1 25 ? 1.029   2.274   12.052  1.00 15.18 ? 25  GLU B CA  1 
ATOM   661 C C   . GLU B 1 25 ? -0.184  1.344   11.880  1.00 15.45 ? 25  GLU B C   1 
ATOM   662 O O   . GLU B 1 25 ? -0.359  0.455   12.746  1.00 16.55 ? 25  GLU B O   1 
ATOM   663 C CB  . GLU B 1 25 ? 0.692   3.587   12.773  1.00 15.99 ? 25  GLU B CB  1 
ATOM   664 C CG  . GLU B 1 25 ? 1.947   4.365   13.200  1.00 18.26 ? 25  GLU B CG  1 
ATOM   665 C CD  . GLU B 1 25 ? 3.005   3.574   14.003  1.00 29.31 ? 25  GLU B CD  1 
ATOM   666 O OE1 . GLU B 1 25 ? 2.685   2.603   14.726  1.00 30.35 ? 25  GLU B OE1 1 
ATOM   667 O OE2 . GLU B 1 25 ? 4.202   3.903   13.892  1.00 37.96 ? 25  GLU B OE2 1 
ATOM   668 N N   . ALA B 1 26 ? -0.935  1.473   10.778  1.00 13.33 ? 26  ALA B N   1 
ATOM   669 C CA  . ALA B 1 26 ? -2.056  0.559   10.458  1.00 13.70 ? 26  ALA B CA  1 
ATOM   670 C C   . ALA B 1 26 ? -1.525  -0.865  10.345  1.00 14.21 ? 26  ALA B C   1 
ATOM   671 O O   . ALA B 1 26 ? -2.135  -1.783  10.880  1.00 15.21 ? 26  ALA B O   1 
ATOM   672 C CB  . ALA B 1 26 ? -2.773  0.988   9.165   1.00 13.85 ? 26  ALA B CB  1 
ATOM   673 N N   . VAL B 1 27 ? -0.362  -1.028  9.696   1.00 13.72 ? 27  VAL B N   1 
ATOM   674 C CA  . VAL B 1 27 ? 0.224   -2.372  9.402   1.00 12.92 ? 27  VAL B CA  1 
ATOM   675 C C   . VAL B 1 27 ? 0.791   -2.929  10.733  1.00 14.19 ? 27  VAL B C   1 
ATOM   676 O O   . VAL B 1 27 ? 0.520   -4.079  11.073  1.00 16.32 ? 27  VAL B O   1 
ATOM   677 C CB  . VAL B 1 27 ? 1.298   -2.213  8.317   1.00 13.73 ? 27  VAL B CB  1 
ATOM   678 C CG1 . VAL B 1 27 ? 2.183   -3.475  8.248   1.00 16.30 ? 27  VAL B CG1 1 
ATOM   679 C CG2 . VAL B 1 27 ? 0.588   -2.039  6.978   1.00 15.26 ? 27  VAL B CG2 1 
ATOM   680 N N   . VAL B 1 28 ? 1.551   -2.097  11.462  1.00 15.16 ? 28  VAL B N   1 
ATOM   681 C CA  . VAL B 1 28 ? 2.100   -2.504  12.763  1.00 18.50 ? 28  VAL B CA  1 
ATOM   682 C C   . VAL B 1 28 ? 0.960   -3.076  13.644  1.00 20.43 ? 28  VAL B C   1 
ATOM   683 O O   . VAL B 1 28 ? 1.095   -4.184  14.192  1.00 20.22 ? 28  VAL B O   1 
ATOM   684 C CB  . VAL B 1 28 ? 2.777   -1.287  13.407  1.00 18.56 ? 28  VAL B CB  1 
ATOM   685 C CG1 . VAL B 1 28 ? 3.122   -1.591  14.892  1.00 20.96 ? 28  VAL B CG1 1 
ATOM   686 C CG2 . VAL B 1 28 ? 4.085   -0.956  12.710  1.00 16.88 ? 28  VAL B CG2 1 
ATOM   687 N N   . ARG B 1 29 ? -0.176  -2.373  13.730  1.00 18.61 ? 29  ARG B N   1 
ATOM   688 C CA  . ARG B 1 29 ? -1.230  -2.724  14.687  1.00 21.09 ? 29  ARG B CA  1 
ATOM   689 C C   . ARG B 1 29 ? -1.960  -3.964  14.271  1.00 24.07 ? 29  ARG B C   1 
ATOM   690 O O   . ARG B 1 29 ? -2.186  -4.863  15.097  1.00 28.83 ? 29  ARG B O   1 
ATOM   691 C CB  . ARG B 1 29 ? -2.185  -1.545  14.859  1.00 22.53 ? 29  ARG B CB  1 
ATOM   692 C CG  . ARG B 1 29 ? -3.256  -1.973  15.857  1.00 28.88 ? 29  ARG B CG  1 
ATOM   693 C CD  . ARG B 1 29 ? -4.284  -0.877  16.107  1.00 36.36 ? 29  ARG B CD  1 
ATOM   694 N NE  . ARG B 1 29 ? -4.975  -0.409  14.904  1.00 35.26 ? 29  ARG B NE  1 
ATOM   695 C CZ  . ARG B 1 29 ? -4.569  0.622   14.160  1.00 34.82 ? 29  ARG B CZ  1 
ATOM   696 N NH1 . ARG B 1 29 ? -3.429  1.267   14.430  1.00 37.94 ? 29  ARG B NH1 1 
ATOM   697 N NH2 . ARG B 1 29 ? -5.279  0.976   13.111  1.00 37.16 ? 29  ARG B NH2 1 
ATOM   698 N N   . THR B 1 30 ? -2.289  -4.092  12.993  1.00 18.16 ? 30  THR B N   1 
ATOM   699 C CA  . THR B 1 30 ? -3.166  -5.150  12.483  1.00 17.99 ? 30  THR B CA  1 
ATOM   700 C C   . THR B 1 30 ? -2.404  -6.439  12.140  1.00 21.46 ? 30  THR B C   1 
ATOM   701 O O   . THR B 1 30 ? -3.017  -7.555  12.167  1.00 23.11 ? 30  THR B O   1 
ATOM   702 C CB  . THR B 1 30 ? -3.950  -4.746  11.218  1.00 19.15 ? 30  THR B CB  1 
ATOM   703 O OG1 . THR B 1 30 ? -3.059  -4.348  10.164  1.00 18.36 ? 30  THR B OG1 1 
ATOM   704 C CG2 . THR B 1 30 ? -4.883  -3.616  11.562  1.00 15.47 ? 30  THR B CG2 1 
ATOM   705 N N   . LEU B 1 31 ? -1.098  -6.298  11.857  1.00 21.04 ? 31  LEU B N   1 
ATOM   706 C CA  . LEU B 1 31 ? -0.270  -7.426  11.517  1.00 21.79 ? 31  LEU B CA  1 
ATOM   707 C C   . LEU B 1 31 ? 0.741   -7.846  12.562  1.00 23.07 ? 31  LEU B C   1 
ATOM   708 O O   . LEU B 1 31 ? 1.459   -8.835  12.307  1.00 28.48 ? 31  LEU B O   1 
ATOM   709 C CB  . LEU B 1 31 ? 0.403   -7.233  10.165  1.00 22.20 ? 31  LEU B CB  1 
ATOM   710 C CG  . LEU B 1 31 ? -0.593  -7.004  9.003   1.00 19.68 ? 31  LEU B CG  1 
ATOM   711 C CD1 . LEU B 1 31 ? 0.063   -6.688  7.666   1.00 25.96 ? 31  LEU B CD1 1 
ATOM   712 C CD2 . LEU B 1 31 ? -1.627  -8.132  8.793   1.00 24.00 ? 31  LEU B CD2 1 
ATOM   713 N N   . ASP B 1 32 ? 0.837   -7.111  13.658  1.00 25.91 ? 32  ASP B N   1 
ATOM   714 C CA  . ASP B 1 32 ? 1.684   -7.446  14.789  1.00 27.65 ? 32  ASP B CA  1 
ATOM   715 C C   . ASP B 1 32 ? 3.155   -7.608  14.334  1.00 30.65 ? 32  ASP B C   1 
ATOM   716 O O   . ASP B 1 32 ? 3.762   -8.666  14.503  1.00 29.75 ? 32  ASP B O   1 
ATOM   717 C CB  . ASP B 1 32 ? 1.146   -8.756  15.378  1.00 34.51 ? 32  ASP B CB  1 
ATOM   718 C CG  . ASP B 1 32 ? 1.728   -9.068  16.692  1.00 40.63 ? 32  ASP B CG  1 
ATOM   719 O OD1 . ASP B 1 32 ? 1.919   -8.133  17.511  1.00 44.51 ? 32  ASP B OD1 1 
ATOM   720 O OD2 . ASP B 1 32 ? 2.022   -10.268 16.860  1.00 43.24 ? 32  ASP B OD2 1 
ATOM   721 N N   . VAL B 1 33 ? 3.680   -6.551  13.688  1.00 24.10 ? 33  VAL B N   1 
ATOM   722 C CA  . VAL B 1 33 ? 5.073   -6.456  13.219  1.00 21.07 ? 33  VAL B CA  1 
ATOM   723 C C   . VAL B 1 33 ? 5.634   -5.216  13.806  1.00 20.54 ? 33  VAL B C   1 
ATOM   724 O O   . VAL B 1 33 ? 4.866   -4.317  14.254  1.00 23.57 ? 33  VAL B O   1 
ATOM   725 C CB  . VAL B 1 33 ? 5.170   -6.475  11.656  1.00 21.76 ? 33  VAL B CB  1 
ATOM   726 C CG1 . VAL B 1 33 ? 4.636   -7.821  11.139  1.00 23.17 ? 33  VAL B CG1 1 
ATOM   727 C CG2 . VAL B 1 33 ? 4.447   -5.275  10.967  1.00 19.35 ? 33  VAL B CG2 1 
ATOM   728 N N   . ARG B 1 34 ? 6.972   -5.087  13.810  1.00 20.78 ? 34  ARG B N   1 
ATOM   729 C CA  . ARG B 1 34 ? 7.597   -3.871  14.363  1.00 21.60 ? 34  ARG B CA  1 
ATOM   730 C C   . ARG B 1 34 ? 7.619   -2.809  13.246  1.00 19.48 ? 34  ARG B C   1 
ATOM   731 O O   . ARG B 1 34 ? 7.616   -3.165  12.078  1.00 19.13 ? 34  ARG B O   1 
ATOM   732 C CB  . ARG B 1 34 ? 9.030   -4.146  14.798  1.00 25.89 ? 34  ARG B CB  1 
ATOM   733 C CG  . ARG B 1 34 ? 9.054   -5.020  16.051  1.00 30.53 ? 34  ARG B CG  1 
ATOM   734 C CD  . ARG B 1 34 ? 10.423  -5.574  16.394  1.00 43.36 ? 34  ARG B CD  1 
ATOM   735 N NE  . ARG B 1 34 ? 10.878  -6.512  15.363  1.00 49.97 ? 34  ARG B NE  1 
ATOM   736 C CZ  . ARG B 1 34 ? 11.848  -6.226  14.512  1.00 36.33 ? 34  ARG B CZ  1 
ATOM   737 N NH1 . ARG B 1 34 ? 12.450  -5.066  14.640  1.00 46.79 ? 34  ARG B NH1 1 
ATOM   738 N NH2 . ARG B 1 34 ? 12.243  -7.088  13.570  1.00 43.22 ? 34  ARG B NH2 1 
ATOM   739 N N   . PRO B 1 35 ? 7.677   -1.537  13.609  1.00 20.74 ? 35  PRO B N   1 
ATOM   740 C CA  . PRO B 1 35 ? 7.844   -0.485  12.576  1.00 19.08 ? 35  PRO B CA  1 
ATOM   741 C C   . PRO B 1 35 ? 8.991   -0.698  11.604  1.00 19.65 ? 35  PRO B C   1 
ATOM   742 O O   . PRO B 1 35 ? 8.848   -0.425  10.363  1.00 18.90 ? 35  PRO B O   1 
ATOM   743 C CB  . PRO B 1 35 ? 7.942   0.815   13.397  1.00 23.55 ? 35  PRO B CB  1 
ATOM   744 C CG  . PRO B 1 35 ? 7.087   0.467   14.589  1.00 25.41 ? 35  PRO B CG  1 
ATOM   745 C CD  . PRO B 1 35 ? 7.394   -0.951  14.926  1.00 20.95 ? 35  PRO B CD  1 
ATOM   746 N N   . ASP B 1 36 ? 10.167  -1.131  12.119  1.00 19.77 ? 36  ASP B N   1 
ATOM   747 C CA  . ASP B 1 36 ? 11.328  -1.315  11.254  1.00 20.19 ? 36  ASP B CA  1 
ATOM   748 C C   . ASP B 1 36 ? 11.129  -2.496  10.278  1.00 19.30 ? 36  ASP B C   1 
ATOM   749 O O   . ASP B 1 36 ? 12.056  -2.682  9.402   1.00 24.81 ? 36  ASP B O   1 
ATOM   750 C CB  . ASP B 1 36 ? 12.602  -1.553  12.142  1.00 22.30 ? 36  ASP B CB  1 
ATOM   751 C CG  . ASP B 1 36 ? 12.441  -2.820  12.990  1.00 29.84 ? 36  ASP B CG  1 
ATOM   752 O OD1 . ASP B 1 36 ? 12.273  -3.913  12.402  1.00 28.80 ? 36  ASP B OD1 1 
ATOM   753 O OD2 . ASP B 1 36 ? 12.409  -2.750  14.237  1.00 36.30 ? 36  ASP B OD2 1 
ATOM   754 N N   . GLN B 1 37 ? 10.022  -3.294  10.376  1.00 17.14 ? 37  GLN B N   1 
ATOM   755 C CA  . GLN B 1 37 ? 9.764   -4.359  9.383   1.00 16.80 ? 37  GLN B CA  1 
ATOM   756 C C   . GLN B 1 37 ? 8.839   -3.834  8.272   1.00 15.90 ? 37  GLN B C   1 
ATOM   757 O O   . GLN B 1 37 ? 8.394   -4.621  7.422   1.00 18.94 ? 37  GLN B O   1 
ATOM   758 C CB  . GLN B 1 37 ? 9.125   -5.583  10.016  1.00 23.33 ? 37  GLN B CB  1 
ATOM   759 C CG  . GLN B 1 37 ? 10.045  -6.300  11.053  1.00 23.04 ? 37  GLN B CG  1 
ATOM   760 C CD  . GLN B 1 37 ? 9.228   -7.399  11.785  1.00 26.67 ? 37  GLN B CD  1 
ATOM   761 O OE1 . GLN B 1 37 ? 8.587   -7.157  12.802  1.00 26.49 ? 37  GLN B OE1 1 
ATOM   762 N NE2 . GLN B 1 37 ? 9.216   -8.568  11.214  1.00 33.16 ? 37  GLN B NE2 1 
ATOM   763 N N   . VAL B 1 38 ? 8.473   -2.526  8.354   1.00 14.39 ? 38  VAL B N   1 
ATOM   764 C CA  . VAL B 1 38 ? 7.466   -1.977  7.402   1.00 12.95 ? 38  VAL B CA  1 
ATOM   765 C C   . VAL B 1 38 ? 8.104   -0.967  6.466   1.00 13.23 ? 38  VAL B C   1 
ATOM   766 O O   . VAL B 1 38 ? 8.591   0.080   6.918   1.00 14.14 ? 38  VAL B O   1 
ATOM   767 C CB  . VAL B 1 38 ? 6.265   -1.330  8.105   1.00 12.14 ? 38  VAL B CB  1 
ATOM   768 C CG1 . VAL B 1 38 ? 5.202   -0.924  7.083   1.00 14.85 ? 38  VAL B CG1 1 
ATOM   769 C CG2 . VAL B 1 38 ? 5.664   -2.368  9.049   1.00 15.54 ? 38  VAL B CG2 1 
ATOM   770 N N   . ARG B 1 39 ? 8.162   -1.334  5.179   1.00 13.81 ? 39  ARG B N   1 
ATOM   771 C CA  . ARG B 1 39 ? 8.715   -0.393  4.178   1.00 12.49 ? 39  ARG B CA  1 
ATOM   772 C C   . ARG B 1 39 ? 7.633   0.010   3.165   1.00 14.12 ? 39  ARG B C   1 
ATOM   773 O O   . ARG B 1 39 ? 6.767   -0.794  2.831   1.00 14.53 ? 39  ARG B O   1 
ATOM   774 C CB  . ARG B 1 39 ? 9.863   -1.065  3.425   1.00 14.96 ? 39  ARG B CB  1 
ATOM   775 C CG  . ARG B 1 39 ? 11.097  -1.160  4.332   1.00 15.12 ? 39  ARG B CG  1 
ATOM   776 C CD  . ARG B 1 39 ? 12.110  -2.151  3.723   1.00 15.56 ? 39  ARG B CD  1 
ATOM   777 N NE  . ARG B 1 39 ? 13.342  -1.976  4.508   1.00 17.75 ? 39  ARG B NE  1 
ATOM   778 C CZ  . ARG B 1 39 ? 13.442  -2.337  5.781   1.00 17.08 ? 39  ARG B CZ  1 
ATOM   779 N NH1 . ARG B 1 39 ? 12.512  -3.026  6.412   1.00 17.61 ? 39  ARG B NH1 1 
ATOM   780 N NH2 . ARG B 1 39 ? 14.594  -2.085  6.429   1.00 22.23 ? 39  ARG B NH2 1 
ATOM   781 N N   . ILE B 1 40 ? 7.561   1.307   2.847   1.00 13.72 ? 40  ILE B N   1 
ATOM   782 C CA  . ILE B 1 40 ? 6.619   1.752   1.847   1.00 11.44 ? 40  ILE B CA  1 
ATOM   783 C C   . ILE B 1 40 ? 7.407   2.407   0.719   1.00 11.96 ? 40  ILE B C   1 
ATOM   784 O O   . ILE B 1 40 ? 8.370   3.251   0.958   1.00 13.19 ? 40  ILE B O   1 
ATOM   785 C CB  . ILE B 1 40 ? 5.664   2.829   2.480   1.00 11.96 ? 40  ILE B CB  1 
ATOM   786 C CG1 . ILE B 1 40 ? 4.951   2.178   3.694   1.00 14.65 ? 40  ILE B CG1 1 
ATOM   787 C CG2 . ILE B 1 40 ? 4.659   3.234   1.382   1.00 13.29 ? 40  ILE B CG2 1 
ATOM   788 C CD1 . ILE B 1 40 ? 3.993   3.051   4.432   1.00 14.97 ? 40  ILE B CD1 1 
ATOM   789 N N   . LEU B 1 41 ? 6.987   2.090   -0.509  1.00 11.69 ? 41  LEU B N   1 
ATOM   790 C CA  . LEU B 1 41 ? 7.600   2.675   -1.719  1.00 13.53 ? 41  LEU B CA  1 
ATOM   791 C C   . LEU B 1 41 ? 6.435   3.430   -2.373  1.00 14.04 ? 41  LEU B C   1 
ATOM   792 O O   . LEU B 1 41 ? 5.379   2.818   -2.568  1.00 16.18 ? 41  LEU B O   1 
ATOM   793 C CB  . LEU B 1 41 ? 8.061   1.556   -2.711  1.00 13.72 ? 41  LEU B CB  1 
ATOM   794 C CG  . LEU B 1 41 ? 9.259   0.778   -2.220  1.00 16.81 ? 41  LEU B CG  1 
ATOM   795 C CD1 . LEU B 1 41 ? 9.165   0.066   -0.861  1.00 18.93 ? 41  LEU B CD1 1 
ATOM   796 C CD2 . LEU B 1 41 ? 9.573   -0.192  -3.324  1.00 19.63 ? 41  LEU B CD2 1 
ATOM   797 N N   . ILE B 1 42 ? 6.640   4.682   -2.732  1.00 12.85 ? 42  ILE B N   1 
ATOM   798 C CA  . ILE B 1 42 ? 5.580   5.482   -3.392  1.00 12.68 ? 42  ILE B CA  1 
ATOM   799 C C   . ILE B 1 42 ? 5.954   5.656   -4.819  1.00 14.54 ? 42  ILE B C   1 
ATOM   800 O O   . ILE B 1 42 ? 7.098   6.089   -5.194  1.00 16.15 ? 42  ILE B O   1 
ATOM   801 C CB  . ILE B 1 42 ? 5.457   6.858   -2.740  1.00 13.79 ? 42  ILE B CB  1 
ATOM   802 C CG1 . ILE B 1 42 ? 4.886   6.725   -1.335  1.00 16.24 ? 42  ILE B CG1 1 
ATOM   803 C CG2 . ILE B 1 42 ? 4.529   7.709   -3.565  1.00 15.26 ? 42  ILE B CG2 1 
ATOM   804 C CD1 . ILE B 1 42 ? 4.952   8.083   -0.570  1.00 21.94 ? 42  ILE B CD1 1 
ATOM   805 N N   . ASN B 1 43 ? 5.017   5.319   -5.691  1.00 13.84 ? 43  ASN B N   1 
ATOM   806 C CA  . ASN B 1 43 ? 5.189   5.491   -7.145  1.00 14.83 ? 43  ASN B CA  1 
ATOM   807 C C   . ASN B 1 43 ? 4.167   6.488   -7.560  1.00 14.93 ? 43  ASN B C   1 
ATOM   808 O O   . ASN B 1 43 ? 3.003   6.248   -7.436  1.00 16.82 ? 43  ASN B O   1 
ATOM   809 C CB  . ASN B 1 43 ? 5.017   4.158   -7.862  1.00 18.81 ? 43  ASN B CB  1 
ATOM   810 C CG  . ASN B 1 43 ? 5.122   4.330   -9.371  1.00 25.36 ? 43  ASN B CG  1 
ATOM   811 O OD1 . ASN B 1 43 ? 6.112   4.915   -9.909  1.00 29.17 ? 43  ASN B OD1 1 
ATOM   812 N ND2 . ASN B 1 43 ? 4.048   3.892   -10.083 1.00 32.47 ? 43  ASN B ND2 1 
ATOM   813 N N   . GLU B 1 44 ? 4.628   7.633   -8.089  1.00 16.69 ? 44  GLU B N   1 
ATOM   814 C CA  . GLU B 1 44 ? 3.689   8.652   -8.620  1.00 18.10 ? 44  GLU B CA  1 
ATOM   815 C C   . GLU B 1 44 ? 3.435   8.484   -10.051 1.00 17.54 ? 44  GLU B C   1 
ATOM   816 O O   . GLU B 1 44 ? 4.355   8.205   -10.844 1.00 21.75 ? 44  GLU B O   1 
ATOM   817 C CB  . GLU B 1 44 ? 4.262   10.065  -8.459  1.00 21.88 ? 44  GLU B CB  1 
ATOM   818 C CG  . GLU B 1 44 ? 4.397   10.524  -7.051  1.00 21.87 ? 44  GLU B CG  1 
ATOM   819 C CD  . GLU B 1 44 ? 4.727   12.019  -7.043  1.00 24.56 ? 44  GLU B CD  1 
ATOM   820 O OE1 . GLU B 1 44 ? 5.813   12.333  -7.661  1.00 27.53 ? 44  GLU B OE1 1 
ATOM   821 O OE2 . GLU B 1 44 ? 3.878   12.728  -6.458  1.00 26.88 ? 44  GLU B OE2 1 
ATOM   822 N N   . LEU B 1 45 ? 2.179   8.559   -10.411 1.00 16.80 ? 45  LEU B N   1 
ATOM   823 C CA  . LEU B 1 45 ? 1.768   8.394   -11.774 1.00 18.58 ? 45  LEU B CA  1 
ATOM   824 C C   . LEU B 1 45 ? 1.368   9.720   -12.399 1.00 19.08 ? 45  LEU B C   1 
ATOM   825 O O   . LEU B 1 45 ? 0.550   10.441  -11.901 1.00 18.81 ? 45  LEU B O   1 
ATOM   826 C CB  . LEU B 1 45 ? 0.512   7.533   -11.830 1.00 20.59 ? 45  LEU B CB  1 
ATOM   827 C CG  . LEU B 1 45 ? 0.671   6.091   -11.322 1.00 22.87 ? 45  LEU B CG  1 
ATOM   828 C CD1 . LEU B 1 45 ? -0.707  5.518   -10.981 1.00 26.83 ? 45  LEU B CD1 1 
ATOM   829 C CD2 . LEU B 1 45 ? 1.448   5.262   -12.278 1.00 27.98 ? 45  LEU B CD2 1 
ATOM   830 N N   . GLY B 1 46 ? 1.943   9.961   -13.544 1.00 18.61 ? 46  GLY B N   1 
ATOM   831 C CA  . GLY B 1 46 ? 1.495   11.119  -14.331 1.00 21.24 ? 46  GLY B CA  1 
ATOM   832 C C   . GLY B 1 46 ? 0.106   10.871  -14.839 1.00 22.87 ? 46  GLY B C   1 
ATOM   833 O O   . GLY B 1 46 ? -0.302  9.709   -15.013 1.00 18.46 ? 46  GLY B O   1 
ATOM   834 N N   . VAL B 1 47 ? -0.636  11.950  -15.051 1.00 21.46 ? 47  VAL B N   1 
ATOM   835 C CA  . VAL B 1 47 ? -2.042  11.859  -15.443 1.00 24.33 ? 47  VAL B CA  1 
ATOM   836 C C   . VAL B 1 47 ? -2.175  11.190  -16.808 1.00 20.25 ? 47  VAL B C   1 
ATOM   837 O O   . VAL B 1 47 ? -3.256  10.610  -17.074 1.00 22.54 ? 47  VAL B O   1 
ATOM   838 C CB  . VAL B 1 47 ? -2.849  13.197  -15.430 1.00 29.27 ? 47  VAL B CB  1 
ATOM   839 C CG1 . VAL B 1 47 ? -3.316  13.558  -14.008 1.00 30.18 ? 47  VAL B CG1 1 
ATOM   840 C CG2 . VAL B 1 47 ? -2.094  14.289  -16.139 1.00 27.86 ? 47  VAL B CG2 1 
ATOM   841 N N   . GLU B 1 48 ? -1.143  11.212  -17.671 1.00 21.39 ? 48  GLU B N   1 
ATOM   842 C CA  . GLU B 1 48 ? -1.182  10.466  -18.865 1.00 22.06 ? 48  GLU B CA  1 
ATOM   843 C C   . GLU B 1 48 ? -0.891  8.920   -18.726 1.00 15.38 ? 48  GLU B C   1 
ATOM   844 O O   . GLU B 1 48 ? -0.961  8.141   -19.665 1.00 18.13 ? 48  GLU B O   1 
ATOM   845 C CB  . GLU B 1 48 ? -0.207  11.184  -19.818 1.00 32.18 ? 48  GLU B CB  1 
ATOM   846 C CG  . GLU B 1 48 ? 1.303   11.182  -19.422 1.00 31.60 ? 48  GLU B CG  1 
ATOM   847 C CD  . GLU B 1 48 ? 1.857   11.914  -18.159 1.00 26.68 ? 48  GLU B CD  1 
ATOM   848 O OE1 . GLU B 1 48 ? 1.175   12.521  -17.330 1.00 34.40 ? 48  GLU B OE1 1 
ATOM   849 O OE2 . GLU B 1 48 ? 3.121   11.912  -18.030 1.00 45.78 ? 48  GLU B OE2 1 
ATOM   850 N N   . HIS B 1 49 ? -0.600  8.516   -17.504 1.00 16.16 ? 49  HIS B N   1 
ATOM   851 C CA  . HIS B 1 49 ? -0.107  7.184   -17.159 1.00 13.69 ? 49  HIS B CA  1 
ATOM   852 C C   . HIS B 1 49 ? -1.002  6.421   -16.231 1.00 14.56 ? 49  HIS B C   1 
ATOM   853 O O   . HIS B 1 49 ? -0.604  5.384   -15.681 1.00 14.53 ? 49  HIS B O   1 
ATOM   854 C CB  . HIS B 1 49 ? 1.296   7.301   -16.572 1.00 13.77 ? 49  HIS B CB  1 
ATOM   855 C CG  . HIS B 1 49 ? 2.340   7.649   -17.582 1.00 14.63 ? 49  HIS B CG  1 
ATOM   856 N ND1 . HIS B 1 49 ? 3.576   8.112   -17.181 1.00 18.63 ? 49  HIS B ND1 1 
ATOM   857 C CD2 . HIS B 1 49 ? 2.307   7.662   -18.976 1.00 17.84 ? 49  HIS B CD2 1 
ATOM   858 C CE1 . HIS B 1 49 ? 4.323   8.341   -18.329 1.00 20.54 ? 49  HIS B CE1 1 
ATOM   859 N NE2 . HIS B 1 49 ? 3.514   8.121   -19.411 1.00 22.25 ? 49  HIS B NE2 1 
ATOM   860 N N   . PHE B 1 50 ? -2.251  6.873   -16.084 1.00 13.90 ? 50  PHE B N   1 
ATOM   861 C CA  . PHE B 1 50 ? -3.212  6.130   -15.318 1.00 14.50 ? 50  PHE B CA  1 
ATOM   862 C C   . PHE B 1 50 ? -4.542  6.188   -16.017 1.00 15.15 ? 50  PHE B C   1 
ATOM   863 O O   . PHE B 1 50 ? -4.948  7.278   -16.447 1.00 16.17 ? 50  PHE B O   1 
ATOM   864 C CB  . PHE B 1 50 ? -3.350  6.700   -13.878 1.00 14.72 ? 50  PHE B CB  1 
ATOM   865 C CG  . PHE B 1 50 ? -4.415  5.976   -13.107 1.00 16.66 ? 50  PHE B CG  1 
ATOM   866 C CD1 . PHE B 1 50 ? -4.283  4.602   -12.749 1.00 19.17 ? 50  PHE B CD1 1 
ATOM   867 C CD2 . PHE B 1 50 ? -5.586  6.615   -12.827 1.00 19.90 ? 50  PHE B CD2 1 
ATOM   868 C CE1 . PHE B 1 50 ? -5.336  3.975   -12.017 1.00 18.90 ? 50  PHE B CE1 1 
ATOM   869 C CE2 . PHE B 1 50 ? -6.604  6.036   -12.102 1.00 18.12 ? 50  PHE B CE2 1 
ATOM   870 C CZ  . PHE B 1 50 ? -6.515  4.682   -11.765 1.00 19.20 ? 50  PHE B CZ  1 
ATOM   871 N N   . SER B 1 51 ? -5.209  5.034   -16.180 1.00 13.09 ? 51  SER B N   1 
ATOM   872 C CA  . SER B 1 51 ? -6.501  5.019   -16.853 1.00 13.36 ? 51  SER B CA  1 
ATOM   873 C C   . SER B 1 51 ? -7.526  4.181   -16.132 1.00 14.48 ? 51  SER B C   1 
ATOM   874 O O   . SER B 1 51 ? -7.167  3.226   -15.417 1.00 15.23 ? 51  SER B O   1 
ATOM   875 C CB  . SER B 1 51 ? -6.442  4.479   -18.286 1.00 15.19 ? 51  SER B CB  1 
ATOM   876 O OG  . SER B 1 51 ? -6.105  3.114   -18.336 1.00 15.10 ? 51  SER B OG  1 
ATOM   877 N N   . VAL B 1 52 ? -8.810  4.616   -16.272 1.00 14.18 ? 52  VAL B N   1 
ATOM   878 C CA  . VAL B 1 52 ? -9.953  3.835   -15.796 1.00 14.65 ? 52  VAL B CA  1 
ATOM   879 C C   . VAL B 1 52 ? -10.870 3.738   -17.009 1.00 14.91 ? 52  VAL B C   1 
ATOM   880 O O   . VAL B 1 52 ? -11.067 4.779   -17.697 1.00 16.20 ? 52  VAL B O   1 
ATOM   881 C CB  . VAL B 1 52 ? -10.729 4.468   -14.602 1.00 15.94 ? 52  VAL B CB  1 
ATOM   882 C CG1 . VAL B 1 52 ? -11.830 3.512   -14.214 1.00 19.53 ? 52  VAL B CG1 1 
ATOM   883 C CG2 . VAL B 1 52 ? -9.817  4.724   -13.342 1.00 19.41 ? 52  VAL B CG2 1 
ATOM   884 N N   . ALA B 1 53 ? -11.398 2.542   -17.302 1.00 15.87 ? 53  ALA B N   1 
ATOM   885 C CA  . ALA B 1 53 ? -12.341 2.360   -18.449 1.00 16.59 ? 53  ALA B CA  1 
ATOM   886 C C   . ALA B 1 53 ? -11.769 2.944   -19.751 1.00 17.87 ? 53  ALA B C   1 
ATOM   887 O O   . ALA B 1 53 ? -12.509 3.524   -20.634 1.00 20.76 ? 53  ALA B O   1 
ATOM   888 C CB  . ALA B 1 53 ? -13.677 3.005   -18.137 1.00 19.94 ? 53  ALA B CB  1 
ATOM   889 N N   . GLY B 1 54 ? -10.439 2.803   -19.888 1.00 15.78 ? 54  GLY B N   1 
ATOM   890 C CA  . GLY B 1 54 ? -9.760  3.063   -21.140 1.00 17.42 ? 54  GLY B CA  1 
ATOM   891 C C   . GLY B 1 54 ? -9.501  4.543   -21.440 1.00 16.93 ? 54  GLY B C   1 
ATOM   892 O O   . GLY B 1 54 ? -9.070  4.823   -22.524 1.00 21.19 ? 54  GLY B O   1 
ATOM   893 N N   . GLN B 1 55 ? -9.716  5.429   -20.469 1.00 16.51 ? 55  GLN B N   1 
ATOM   894 C CA  . GLN B 1 55 ? -9.423  6.883   -20.593 1.00 19.26 ? 55  GLN B CA  1 
ATOM   895 C C   . GLN B 1 55 ? -8.435  7.229   -19.512 1.00 17.68 ? 55  GLN B C   1 
ATOM   896 O O   . GLN B 1 55 ? -8.661  6.874   -18.322 1.00 17.16 ? 55  GLN B O   1 
ATOM   897 C CB  . GLN B 1 55 ? -10.666 7.747   -20.242 1.00 22.32 ? 55  GLN B CB  1 
ATOM   898 C CG  . GLN B 1 55 ? -11.976 7.395   -20.895 1.00 34.08 ? 55  GLN B CG  1 
ATOM   899 C CD  . GLN B 1 55 ? -11.908 7.657   -22.375 1.00 42.64 ? 55  GLN B CD  1 
ATOM   900 O OE1 . GLN B 1 55 ? -11.359 6.828   -23.125 1.00 53.22 ? 55  GLN B OE1 1 
ATOM   901 N NE2 . GLN B 1 55 ? -12.386 8.834   -22.813 1.00 49.39 ? 55  GLN B NE2 1 
ATOM   902 N N   . THR B 1 56 ? -7.407  7.978   -19.915 1.00 16.64 ? 56  THR B N   1 
ATOM   903 C CA  . THR B 1 56 ? -6.441  8.440   -18.930 1.00 17.03 ? 56  THR B CA  1 
ATOM   904 C C   . THR B 1 56 ? -6.937  9.567   -18.103 1.00 23.89 ? 56  THR B C   1 
ATOM   905 O O   . THR B 1 56 ? -7.857  10.263  -18.558 1.00 27.17 ? 56  THR B O   1 
ATOM   906 C CB  . THR B 1 56 ? -5.118  8.907   -19.545 1.00 16.82 ? 56  THR B CB  1 
ATOM   907 O OG1 . THR B 1 56 ? -5.344  10.114  -20.310 1.00 19.01 ? 56  THR B OG1 1 
ATOM   908 C CG2 . THR B 1 56 ? -4.485  7.813   -20.362 1.00 21.39 ? 56  THR B CG2 1 
ATOM   909 N N   . ALA B 1 57 ? -6.358  9.663   -16.884 1.00 22.40 ? 57  ALA B N   1 
ATOM   910 C CA  . ALA B 1 57 ? -6.792  10.666  -15.864 1.00 19.92 ? 57  ALA B CA  1 
ATOM   911 C C   . ALA B 1 57 ? -6.665  12.060  -16.538 1.00 23.47 ? 57  ALA B C   1 
ATOM   912 O O   . ALA B 1 57 ? -7.509  12.933  -16.332 1.00 25.22 ? 57  ALA B O   1 
ATOM   913 C CB  . ALA B 1 57 ? -5.879  10.619  -14.625 1.00 20.25 ? 57  ALA B CB  1 
ATOM   914 N N   . ALA B 1 58 ? -5.647  12.232  -17.368 1.00 20.70 ? 58  ALA B N   1 
ATOM   915 C CA  . ALA B 1 58 ? -5.495  13.492  -18.173 1.00 22.62 ? 58  ALA B CA  1 
ATOM   916 C C   . ALA B 1 58 ? -6.772  13.696  -19.011 1.00 25.74 ? 58  ALA B C   1 
ATOM   917 O O   . ALA B 1 58 ? -7.318  14.776  -19.001 1.00 30.52 ? 58  ALA B O   1 
ATOM   918 C CB  . ALA B 1 58 ? -4.264  13.473  -19.069 1.00 21.75 ? 58  ALA B CB  1 
ATOM   919 N N   . MET B 1 59 ? -7.215  12.697  -19.734 1.00 25.19 ? 59  MET B N   1 
ATOM   920 C CA  . MET B 1 59 ? -8.332  12.928  -20.653 1.00 25.70 ? 59  MET B CA  1 
ATOM   921 C C   . MET B 1 59 ? -9.575  13.130  -19.823 1.00 25.77 ? 59  MET B C   1 
ATOM   922 O O   . MET B 1 59 ? -10.508 13.865  -20.272 1.00 32.10 ? 59  MET B O   1 
ATOM   923 C CB  . MET B 1 59 ? -8.607  11.729  -21.588 1.00 26.36 ? 59  MET B CB  1 
ATOM   924 C CG  . MET B 1 59 ? -7.443  11.347  -22.530 1.00 25.53 ? 59  MET B CG  1 
ATOM   925 S SD  . MET B 1 59 ? -7.463  9.528   -23.014 1.00 29.86 ? 59  MET B SD  1 
ATOM   926 C CE  . MET B 1 59 ? -9.086  9.360   -23.803 1.00 28.97 ? 59  MET B CE  1 
ATOM   927 N N   . ARG B 1 60 ? -9.645  12.455  -18.683 1.00 24.67 ? 60  ARG B N   1 
ATOM   928 C CA  . ARG B 1 60 ? -10.884 12.543  -17.857 1.00 31.42 ? 60  ARG B CA  1 
ATOM   929 C C   . ARG B 1 60 ? -11.027 13.991  -17.264 1.00 34.03 ? 60  ARG B C   1 
ATOM   930 O O   . ARG B 1 60 ? -12.135 14.553  -17.226 1.00 37.24 ? 60  ARG B O   1 
ATOM   931 C CB  . ARG B 1 60 ? -10.953 11.414  -16.805 1.00 30.68 ? 60  ARG B CB  1 
ATOM   932 C CG  . ARG B 1 60 ? -11.550 10.085  -17.302 1.00 44.61 ? 60  ARG B CG  1 
ATOM   933 C CD  . ARG B 1 60 ? -11.354 8.875   -16.355 1.00 56.31 ? 60  ARG B CD  1 
ATOM   934 N NE  . ARG B 1 60 ? -10.126 8.930   -15.515 1.00 64.29 ? 60  ARG B NE  1 
ATOM   935 C CZ  . ARG B 1 60 ? -10.101 8.855   -14.170 1.00 66.08 ? 60  ARG B CZ  1 
ATOM   936 N NH1 . ARG B 1 60 ? -11.251 8.677   -13.491 1.00 69.12 ? 60  ARG B NH1 1 
ATOM   937 N NH2 . ARG B 1 60 ? -8.931  8.925   -13.491 1.00 43.97 ? 60  ARG B NH2 1 
ATOM   938 N N   . GLN B 1 61 ? -9.890  14.580  -16.869 1.00 35.59 ? 61  GLN B N   1 
ATOM   939 C CA  . GLN B 1 61 ? -9.795  15.973  -16.377 1.00 40.42 ? 61  GLN B CA  1 
ATOM   940 C C   . GLN B 1 61 ? -10.121 16.962  -17.476 1.00 43.41 ? 61  GLN B C   1 
ATOM   941 O O   . GLN B 1 61 ? -10.852 17.946  -17.248 1.00 37.84 ? 61  GLN B O   1 
ATOM   942 C CB  . GLN B 1 61 ? -8.358  16.285  -15.910 1.00 45.55 ? 61  GLN B CB  1 
ATOM   943 C CG  . GLN B 1 61 ? -8.036  15.745  -14.536 1.00 48.13 ? 61  GLN B CG  1 
ATOM   944 C CD  . GLN B 1 61 ? -6.585  15.956  -14.138 1.00 50.90 ? 61  GLN B CD  1 
ATOM   945 O OE1 . GLN B 1 61 ? -5.715  16.368  -14.946 1.00 49.63 ? 61  GLN B OE1 1 
ATOM   946 N NE2 . GLN B 1 61 ? -6.307  15.663  -12.883 1.00 44.61 ? 61  GLN B NE2 1 
ATOM   947 N N   . ALA B 1 62 ? -9.548  16.704  -18.663 1.00 39.60 ? 62  ALA B N   1 
ATOM   948 C CA  . ALA B 1 62 ? -9.785  17.495  -19.869 1.00 47.22 ? 62  ALA B CA  1 
ATOM   949 C C   . ALA B 1 62 ? -11.291 17.520  -20.225 1.00 47.35 ? 62  ALA B C   1 
ATOM   950 O O   . ALA B 1 62 ? -11.827 18.574  -20.589 1.00 49.41 ? 62  ALA B O   1 
ATOM   951 C CB  . ALA B 1 62 ? -8.945  16.969  -21.039 1.00 40.26 ? 62  ALA B CB  1 
ATOM   952 N N   . ALA B 1 63 ? -11.972 16.379  -20.102 1.00 46.69 ? 63  ALA B N   1 
ATOM   953 C CA  . ALA B 1 63 ? -13.397 16.283  -20.513 1.00 45.87 ? 63  ALA B CA  1 
ATOM   954 C C   . ALA B 1 63 ? -14.300 17.031  -19.503 1.00 47.10 ? 63  ALA B C   1 
ATOM   955 O O   . ALA B 1 63 ? -15.378 17.541  -19.877 1.00 35.89 ? 63  ALA B O   1 
ATOM   956 C CB  . ALA B 1 63 ? -13.840 14.822  -20.702 1.00 45.99 ? 63  ALA B CB  1 
ATOM   957 N N   . ALA B 1 64 ? -13.828 17.134  -18.248 1.00 45.24 ? 64  ALA B N   1 
ATOM   958 C CA  . ALA B 1 64 ? -14.479 17.983  -17.213 1.00 58.12 ? 64  ALA B CA  1 
ATOM   959 C C   . ALA B 1 64 ? -13.961 19.448  -17.151 1.00 62.53 ? 64  ALA B C   1 
ATOM   960 O O   . ALA B 1 64 ? -14.021 20.223  -18.131 1.00 58.09 ? 64  ALA B O   1 
ATOM   961 C CB  . ALA B 1 64 ? -14.371 17.325  -15.840 1.00 56.26 ? 64  ALA B CB  1 
HETATM 962 O O   . HOH C 2 .  ? -4.696  6.624   10.148  1.00 20.56 ? 101 HOH A O   1 
HETATM 963 O O   . HOH C 2 .  ? -9.470  -0.959  -0.062  1.00 15.09 ? 102 HOH A O   1 
HETATM 964 O O   . HOH C 2 .  ? -16.729 5.233   -1.380  1.00 23.90 ? 103 HOH A O   1 
HETATM 965 O O   . HOH C 2 .  ? -0.199  -13.955 5.411   1.00 22.05 ? 104 HOH A O   1 
HETATM 966 O O   . HOH C 2 .  ? -2.699  14.685  5.260   1.00 21.19 ? 105 HOH A O   1 
HETATM 967 O O   . HOH C 2 .  ? -11.919 -5.748  5.723   1.00 25.17 ? 106 HOH A O   1 
HETATM 968 O O   . HOH C 2 .  ? 5.486   -10.287 7.500   1.00 35.08 ? 107 HOH A O   1 
HETATM 969 O O   . HOH C 2 .  ? -8.181  2.392   -6.758  1.00 20.26 ? 108 HOH A O   1 
HETATM 970 O O   . HOH C 2 .  ? 7.917   -20.945 0.286   1.00 24.18 ? 109 HOH A O   1 
HETATM 971 O O   . HOH C 2 .  ? -10.725 7.342   7.108   1.00 23.89 ? 110 HOH A O   1 
HETATM 972 O O   . HOH C 2 .  ? -9.063  -2.661  11.007  1.00 27.96 ? 111 HOH A O   1 
HETATM 973 O O   . HOH C 2 .  ? -6.005  3.010   10.394  1.00 32.17 ? 112 HOH A O   1 
HETATM 974 O O   . HOH C 2 .  ? -11.914 0.696   5.437   1.00 24.74 ? 113 HOH A O   1 
HETATM 975 O O   . HOH C 2 .  ? -12.604 3.204   4.613   1.00 30.45 ? 114 HOH A O   1 
HETATM 976 O O   . HOH C 2 .  ? -13.943 15.758  1.229   1.00 27.61 ? 115 HOH A O   1 
HETATM 977 O O   . HOH C 2 .  ? -0.650  -14.286 -2.842  1.00 27.72 ? 116 HOH A O   1 
HETATM 978 O O   . HOH C 2 .  ? 1.640   -14.190 -6.377  0.33 28.77 ? 117 HOH A O   1 
HETATM 979 O O   . HOH C 2 .  ? -7.716  -17.771 7.904   1.00 31.04 ? 118 HOH A O   1 
HETATM 980 O O   . HOH C 2 .  ? 5.189   -16.825 -2.538  1.00 27.21 ? 119 HOH A O   1 
HETATM 981 O O   . HOH C 2 .  ? 2.641   -11.379 -7.143  0.33 29.98 ? 120 HOH A O   1 
HETATM 982 O O   . HOH D 2 .  ? -8.426  1.446   -18.341 1.00 13.76 ? 101 HOH B O   1 
HETATM 983 O O   . HOH D 2 .  ? 1.475   12.725  -5.559  1.00 23.88 ? 102 HOH B O   1 
HETATM 984 O O   . HOH D 2 .  ? -7.387  6.232   -24.431 1.00 22.55 ? 103 HOH B O   1 
HETATM 985 O O   . HOH D 2 .  ? -3.221  4.655   10.869  1.00 19.50 ? 104 HOH B O   1 
HETATM 986 O O   . HOH D 2 .  ? 4.053   8.557   -14.480 1.00 31.80 ? 105 HOH B O   1 
HETATM 987 O O   . HOH D 2 .  ? 10.195  -4.289  5.254   1.00 22.61 ? 106 HOH B O   1 
HETATM 988 O O   . HOH D 2 .  ? 7.086   -9.305  4.941   1.00 35.52 ? 107 HOH B O   1 
HETATM 989 O O   . HOH D 2 .  ? 4.781   5.570   11.832  1.00 28.74 ? 108 HOH B O   1 
HETATM 990 O O   . HOH D 2 .  ? 7.286   8.050   -9.044  1.00 25.08 ? 109 HOH B O   1 
HETATM 991 O O   . HOH D 2 .  ? -0.735  10.438  9.706   1.00 23.13 ? 110 HOH B O   1 
HETATM 992 O O   . HOH D 2 .  ? -5.552  -7.856  13.304  1.00 24.37 ? 111 HOH B O   1 
HETATM 993 O O   . HOH D 2 .  ? 5.104   19.429  -2.063  1.00 32.17 ? 112 HOH B O   1 
HETATM 994 O O   . HOH D 2 .  ? 14.748  -2.737  9.327   1.00 28.70 ? 113 HOH B O   1 
HETATM 995 O O   . HOH D 2 .  ? 8.964   6.453   -7.398  1.00 34.00 ? 114 HOH B O   1 
HETATM 996 O O   . HOH D 2 .  ? -0.455  19.965  -7.515  1.00 30.71 ? 115 HOH B O   1 
HETATM 997 O O   . HOH D 2 .  ? -11.366 4.367   -24.716 1.00 36.03 ? 116 HOH B O   1 
HETATM 998 O O   . HOH D 2 .  ? 11.423  -6.873  5.980   1.00 31.99 ? 117 HOH B O   1 
# 
